data_8Y3J
#
_entry.id   8Y3J
#
_cell.length_a   1.00
_cell.length_b   1.00
_cell.length_c   1.00
_cell.angle_alpha   90.00
_cell.angle_beta   90.00
_cell.angle_gamma   90.00
#
_symmetry.space_group_name_H-M   'P 1'
#
loop_
_entity.id
_entity.type
_entity.pdbx_description
1 polymer 'Envelope protein'
2 polymer 'Membrane polyprotein'
3 branched 2-acetamido-2-deoxy-beta-D-glucopyranose-(1-4)-2-acetamido-2-deoxy-beta-D-glucopyranose
4 non-polymer 2-acetamido-2-deoxy-beta-D-glucopyranose
#
loop_
_entity_poly.entity_id
_entity_poly.type
_entity_poly.pdbx_seq_one_letter_code
_entity_poly.pdbx_strand_id
1 'polypeptide(L)'
;MRCIGISNRDFVEGVSGGSWVDIVLEHGSCVTTMAKNKPTLDFELIKTEAKHPATLRKYCIEAKLTNTTTASRCPTQGEP
SLNEEQDKRFVCKHSMVDRGWGNGCGLFGKGGIVTCAMFTCKKNMEGKIVQPENLEYTIVITPHSGEENAVGNDTGKHGK
EIKVTPQSSITEAELTGYGTVTMECSPRTGLDFNEMVLLQMENKAWLVHRQWFLDLPLPWLPGADTQGSNWIQKETLVTF
KNPHAKKQDVVVLGSQEGAMHTALTGATEIQMSSGNLLFTGHLKCRLRMDKLQLKGMSYSMCTGKFKVVKEIAETQHGTI
VIRVQYEGDGSPCKIPFEIMDLEKRHVLGRLITVNPIVTEKDSPVNIEAEPPFGDSYIIIGVEPGQLKLSWFKKGSSIGQ
MFETTMRGAKRMAILGDTAWDFGSLGGVFTSIGKALHQVFGAIYGAAFSGVSWTMKILIGVVITWIGMNSRSTSLSVSLV
LVGVVTLYLGVMVQA
;
A,C,E
2 'polypeptide(L)' SVALVPHVGMGLETRTETWMSSEGAWKHAQRIETWVLRHPGFTIMAAILAYTIGTTYFQRVLIFILLTAVAPSMT B,D,F
#
loop_
_chem_comp.id
_chem_comp.type
_chem_comp.name
_chem_comp.formula
NAG D-saccharide, beta linking 2-acetamido-2-deoxy-beta-D-glucopyranose 'C8 H15 N O6'
#
# COMPACT_ATOMS: atom_id res chain seq x y z
N MET A 1 2.59 43.79 -45.01
CA MET A 1 3.45 43.50 -46.14
C MET A 1 4.28 42.24 -45.91
N ARG A 2 4.44 41.87 -44.65
CA ARG A 2 5.20 40.68 -44.29
C ARG A 2 4.41 39.39 -44.47
N CYS A 3 3.12 39.48 -44.71
CA CYS A 3 2.25 38.31 -44.77
C CYS A 3 2.02 37.81 -46.19
N ILE A 4 2.68 38.42 -47.17
CA ILE A 4 2.44 38.11 -48.58
C ILE A 4 3.47 37.08 -49.01
N GLY A 5 3.00 35.91 -49.44
CA GLY A 5 3.89 34.82 -49.79
C GLY A 5 3.95 33.69 -48.79
N ILE A 6 3.09 33.70 -47.77
CA ILE A 6 3.03 32.64 -46.78
C ILE A 6 1.89 31.71 -47.13
N SER A 7 2.17 30.41 -47.18
CA SER A 7 1.15 29.45 -47.56
C SER A 7 -0.03 29.47 -46.59
N ASN A 8 0.25 29.57 -45.30
CA ASN A 8 -0.78 29.69 -44.27
C ASN A 8 -1.01 31.17 -44.01
N ARG A 9 -2.09 31.71 -44.58
CA ARG A 9 -2.43 33.11 -44.38
C ARG A 9 -3.94 33.23 -44.29
N ASP A 10 -4.41 33.97 -43.30
CA ASP A 10 -5.83 34.16 -43.06
C ASP A 10 -6.16 35.63 -43.16
N PHE A 11 -7.35 35.93 -43.67
CA PHE A 11 -7.84 37.29 -43.82
C PHE A 11 -8.97 37.51 -42.82
N VAL A 12 -8.70 38.29 -41.78
CA VAL A 12 -9.69 38.64 -40.79
C VAL A 12 -10.25 40.00 -41.18
N GLU A 13 -11.54 40.04 -41.47
CA GLU A 13 -12.20 41.22 -41.99
C GLU A 13 -13.25 41.74 -41.03
N GLY A 14 -13.32 43.05 -40.88
CA GLY A 14 -14.35 43.68 -40.11
C GLY A 14 -14.09 43.64 -38.62
N VAL A 15 -14.82 44.49 -37.89
CA VAL A 15 -14.75 44.57 -36.45
C VAL A 15 -16.17 44.70 -35.92
N SER A 16 -16.29 44.68 -34.59
CA SER A 16 -17.56 44.81 -33.92
C SER A 16 -17.64 46.18 -33.25
N GLY A 17 -18.79 46.45 -32.64
CA GLY A 17 -18.93 47.65 -31.83
C GLY A 17 -17.85 47.69 -30.78
N GLY A 18 -17.15 48.81 -30.68
CA GLY A 18 -15.95 48.91 -29.86
C GLY A 18 -14.67 48.72 -30.63
N SER A 19 -14.74 48.26 -31.88
CA SER A 19 -13.59 48.21 -32.77
C SER A 19 -12.54 47.21 -32.27
N TRP A 20 -12.98 45.98 -32.02
CA TRP A 20 -12.07 44.88 -31.72
C TRP A 20 -12.50 43.65 -32.50
N VAL A 21 -11.52 42.82 -32.84
CA VAL A 21 -11.74 41.58 -33.56
C VAL A 21 -10.87 40.50 -32.93
N ASP A 22 -11.42 39.30 -32.81
CA ASP A 22 -10.71 38.18 -32.23
C ASP A 22 -9.94 37.43 -33.30
N ILE A 23 -8.65 37.21 -33.04
CA ILE A 23 -7.78 36.48 -33.98
C ILE A 23 -6.92 35.52 -33.18
N VAL A 24 -6.72 34.33 -33.73
CA VAL A 24 -5.80 33.34 -33.18
C VAL A 24 -4.51 33.39 -33.99
N LEU A 25 -3.39 33.59 -33.32
CA LEU A 25 -2.09 33.68 -33.97
C LEU A 25 -1.35 32.36 -33.84
N GLU A 26 -0.83 31.86 -34.95
CA GLU A 26 -0.03 30.64 -34.97
C GLU A 26 1.38 30.96 -35.44
N HIS A 27 2.32 30.07 -35.12
CA HIS A 27 3.71 30.30 -35.46
C HIS A 27 3.96 30.18 -36.96
N GLY A 28 3.44 29.13 -37.57
CA GLY A 28 3.65 28.93 -38.99
C GLY A 28 2.69 29.68 -39.89
N SER A 29 1.61 30.21 -39.33
CA SER A 29 0.58 30.90 -40.09
C SER A 29 0.78 32.40 -39.97
N CYS A 30 -0.16 33.14 -40.53
CA CYS A 30 -0.11 34.60 -40.50
C CYS A 30 -1.52 35.14 -40.71
N VAL A 31 -1.73 36.37 -40.26
CA VAL A 31 -3.06 36.98 -40.27
C VAL A 31 -2.94 38.40 -40.84
N THR A 32 -3.86 38.74 -41.75
CA THR A 32 -4.01 40.09 -42.27
C THR A 32 -5.40 40.58 -41.91
N THR A 33 -5.48 41.70 -41.19
CA THR A 33 -6.74 42.22 -40.71
C THR A 33 -7.11 43.47 -41.48
N MET A 34 -8.37 43.53 -41.93
CA MET A 34 -8.89 44.65 -42.68
C MET A 34 -10.16 45.16 -42.00
N ALA A 35 -10.37 46.47 -42.08
CA ALA A 35 -11.59 47.07 -41.56
C ALA A 35 -11.81 48.41 -42.25
N LYS A 36 -13.06 48.86 -42.21
CA LYS A 36 -13.41 50.12 -42.85
C LYS A 36 -12.72 51.28 -42.16
N ASN A 37 -12.16 52.19 -42.96
CA ASN A 37 -11.53 53.40 -42.48
C ASN A 37 -10.29 53.15 -41.64
N LYS A 38 -9.69 51.96 -41.76
CA LYS A 38 -8.56 51.62 -40.92
C LYS A 38 -7.50 50.90 -41.74
N PRO A 39 -6.23 51.08 -41.39
CA PRO A 39 -5.16 50.45 -42.17
C PRO A 39 -5.21 48.94 -42.05
N THR A 40 -4.73 48.27 -43.10
CA THR A 40 -4.58 46.83 -43.07
C THR A 40 -3.27 46.49 -42.37
N LEU A 41 -3.33 45.52 -41.46
CA LEU A 41 -2.16 45.13 -40.68
C LEU A 41 -1.90 43.64 -40.89
N ASP A 42 -0.65 43.24 -40.68
CA ASP A 42 -0.22 41.86 -40.80
C ASP A 42 0.34 41.41 -39.47
N PHE A 43 -0.07 40.23 -39.02
CA PHE A 43 0.30 39.72 -37.71
C PHE A 43 0.96 38.35 -37.84
N GLU A 44 2.02 38.15 -37.06
CA GLU A 44 2.73 36.88 -37.06
C GLU A 44 3.34 36.70 -35.68
N LEU A 45 2.91 35.66 -34.99
CA LEU A 45 3.52 35.26 -33.72
C LEU A 45 4.84 34.56 -34.06
N ILE A 46 5.94 35.27 -33.92
CA ILE A 46 7.21 34.82 -34.48
C ILE A 46 8.07 34.05 -33.49
N LYS A 47 7.73 34.05 -32.20
CA LYS A 47 8.57 33.37 -31.24
C LYS A 47 7.80 33.17 -29.94
N THR A 48 8.02 32.03 -29.30
CA THR A 48 7.55 31.77 -27.95
C THR A 48 8.74 31.33 -27.12
N GLU A 49 8.91 31.95 -25.95
CA GLU A 49 10.05 31.65 -25.08
C GLU A 49 9.54 31.33 -23.69
N ALA A 50 9.98 30.20 -23.15
CA ALA A 50 9.73 29.83 -21.77
C ALA A 50 10.96 30.16 -20.94
N LYS A 51 10.76 30.87 -19.83
CA LYS A 51 11.86 31.35 -19.01
C LYS A 51 11.83 30.65 -17.65
N HIS A 52 13.00 30.64 -17.02
CA HIS A 52 13.17 30.09 -15.67
C HIS A 52 12.57 28.67 -15.55
N PRO A 53 13.01 27.73 -16.38
CA PRO A 53 12.55 26.35 -16.23
C PRO A 53 13.20 25.66 -15.05
N ALA A 54 12.49 24.67 -14.52
CA ALA A 54 13.00 23.82 -13.45
C ALA A 54 12.92 22.38 -13.91
N THR A 55 14.05 21.67 -13.85
CA THR A 55 14.08 20.29 -14.30
C THR A 55 13.13 19.43 -13.48
N LEU A 56 12.33 18.61 -14.17
CA LEU A 56 11.39 17.71 -13.52
C LEU A 56 11.97 16.32 -13.35
N ARG A 57 12.87 15.91 -14.25
CA ARG A 57 13.46 14.58 -14.19
C ARG A 57 14.65 14.56 -15.13
N LYS A 58 15.44 13.50 -15.02
CA LYS A 58 16.65 13.35 -15.82
C LYS A 58 16.84 11.88 -16.15
N TYR A 59 16.48 11.49 -17.36
CA TYR A 59 16.59 10.10 -17.79
C TYR A 59 17.99 9.80 -18.29
N CYS A 60 18.35 8.53 -18.25
CA CYS A 60 19.64 8.03 -18.71
C CYS A 60 19.44 7.33 -20.03
N ILE A 61 20.25 7.69 -21.03
CA ILE A 61 20.10 7.13 -22.37
C ILE A 61 21.33 6.31 -22.74
N GLU A 62 22.39 6.42 -21.95
CA GLU A 62 23.59 5.62 -22.16
C GLU A 62 24.34 5.45 -20.84
N ALA A 63 24.60 4.21 -20.47
CA ALA A 63 25.27 3.88 -19.22
C ALA A 63 26.50 3.01 -19.50
N LYS A 64 27.23 2.71 -18.44
CA LYS A 64 28.36 1.80 -18.53
C LYS A 64 28.55 1.12 -17.19
N LEU A 65 28.69 -0.20 -17.21
CA LEU A 65 28.85 -0.99 -16.00
C LEU A 65 30.32 -1.26 -15.74
N THR A 66 30.73 -1.15 -14.48
CA THR A 66 32.11 -1.41 -14.08
C THR A 66 32.11 -2.08 -12.72
N ASN A 67 33.29 -2.54 -12.32
CA ASN A 67 33.49 -3.13 -10.99
C ASN A 67 32.52 -4.28 -10.74
N THR A 68 32.33 -5.11 -11.75
CA THR A 68 31.43 -6.25 -11.63
C THR A 68 31.96 -7.23 -10.59
N THR A 69 31.04 -7.79 -9.80
CA THR A 69 31.38 -8.82 -8.83
C THR A 69 30.20 -9.77 -8.71
N THR A 70 30.47 -10.96 -8.20
CA THR A 70 29.45 -11.99 -8.08
C THR A 70 29.75 -12.86 -6.87
N ALA A 71 28.70 -13.43 -6.30
CA ALA A 71 28.82 -14.33 -5.16
C ALA A 71 27.66 -15.31 -5.19
N SER A 72 27.84 -16.43 -4.51
CA SER A 72 26.82 -17.48 -4.49
C SER A 72 26.93 -18.29 -3.22
N ARG A 73 25.86 -19.01 -2.89
CA ARG A 73 25.81 -19.91 -1.76
C ARG A 73 25.37 -21.29 -2.20
N CYS A 74 25.63 -22.28 -1.36
CA CYS A 74 25.18 -23.63 -1.64
C CYS A 74 23.66 -23.70 -1.63
N PRO A 75 23.09 -24.69 -2.29
CA PRO A 75 21.64 -24.84 -2.26
C PRO A 75 21.10 -25.04 -0.86
N THR A 76 19.90 -24.50 -0.61
CA THR A 76 19.18 -24.67 0.65
C THR A 76 19.76 -23.86 1.80
N GLN A 77 20.75 -23.01 1.53
CA GLN A 77 21.38 -22.21 2.57
C GLN A 77 21.12 -20.73 2.40
N GLY A 78 19.98 -20.36 1.81
CA GLY A 78 19.61 -18.97 1.67
C GLY A 78 20.28 -18.31 0.49
N GLU A 79 20.32 -16.98 0.55
CA GLU A 79 20.82 -16.17 -0.53
C GLU A 79 22.25 -15.72 -0.26
N PRO A 80 23.01 -15.41 -1.30
CA PRO A 80 24.35 -14.87 -1.11
C PRO A 80 24.29 -13.40 -0.76
N SER A 81 25.45 -12.87 -0.36
CA SER A 81 25.55 -11.49 0.08
C SER A 81 26.77 -10.83 -0.54
N LEU A 82 26.59 -9.60 -1.01
CA LEU A 82 27.68 -8.78 -1.51
C LEU A 82 27.65 -7.44 -0.81
N ASN A 83 28.83 -6.95 -0.41
CA ASN A 83 28.91 -5.62 0.16
C ASN A 83 28.49 -4.56 -0.84
N GLU A 84 28.67 -4.84 -2.14
CA GLU A 84 28.29 -3.88 -3.16
C GLU A 84 26.79 -3.64 -3.17
N GLU A 85 26.01 -4.63 -2.74
CA GLU A 85 24.56 -4.47 -2.71
C GLU A 85 24.13 -3.44 -1.67
N GLN A 86 25.04 -3.06 -0.76
CA GLN A 86 24.75 -1.99 0.19
C GLN A 86 24.57 -0.66 -0.52
N ASP A 87 25.34 -0.44 -1.58
CA ASP A 87 25.29 0.82 -2.31
C ASP A 87 24.30 0.73 -3.45
N LYS A 88 23.43 1.74 -3.57
CA LYS A 88 22.45 1.77 -4.63
C LYS A 88 23.05 2.13 -5.97
N ARG A 89 24.32 2.55 -6.01
CA ARG A 89 25.00 2.81 -7.27
C ARG A 89 25.22 1.54 -8.08
N PHE A 90 25.06 0.37 -7.47
CA PHE A 90 25.31 -0.90 -8.14
C PHE A 90 23.98 -1.55 -8.50
N VAL A 91 23.86 -1.99 -9.75
CA VAL A 91 22.70 -2.74 -10.20
C VAL A 91 22.93 -4.21 -9.92
N CYS A 92 22.06 -4.83 -9.12
CA CYS A 92 22.25 -6.20 -8.68
C CYS A 92 21.02 -7.03 -8.99
N LYS A 93 21.24 -8.30 -9.31
CA LYS A 93 20.15 -9.23 -9.53
C LYS A 93 20.49 -10.56 -8.89
N HIS A 94 19.46 -11.28 -8.46
CA HIS A 94 19.61 -12.59 -7.84
C HIS A 94 19.07 -13.67 -8.76
N SER A 95 19.80 -14.77 -8.88
CA SER A 95 19.37 -15.91 -9.66
C SER A 95 20.06 -17.15 -9.12
N MET A 96 19.53 -18.31 -9.47
CA MET A 96 20.06 -19.58 -9.00
C MET A 96 20.81 -20.29 -10.11
N VAL A 97 22.00 -20.81 -9.77
CA VAL A 97 22.80 -21.62 -10.65
C VAL A 97 22.97 -22.98 -10.00
N ASP A 98 22.75 -24.04 -10.76
CA ASP A 98 22.92 -25.38 -10.21
C ASP A 98 24.33 -25.55 -9.67
N ARG A 99 24.44 -26.13 -8.47
CA ARG A 99 25.70 -26.31 -7.79
C ARG A 99 25.89 -27.78 -7.43
N GLY A 100 27.07 -28.11 -6.94
CA GLY A 100 27.38 -29.48 -6.60
C GLY A 100 28.84 -29.61 -6.21
N TRP A 101 29.30 -30.87 -6.18
CA TRP A 101 30.66 -31.15 -5.73
C TRP A 101 31.70 -30.47 -6.61
N GLY A 102 31.42 -30.32 -7.89
CA GLY A 102 32.35 -29.67 -8.79
C GLY A 102 32.44 -28.17 -8.63
N ASN A 103 31.43 -27.55 -8.04
CA ASN A 103 31.41 -26.12 -7.81
C ASN A 103 31.95 -25.74 -6.44
N GLY A 104 32.75 -26.60 -5.83
CA GLY A 104 33.27 -26.32 -4.51
C GLY A 104 32.24 -26.37 -3.41
N CYS A 105 31.08 -26.97 -3.67
CA CYS A 105 29.99 -26.98 -2.71
C CYS A 105 29.76 -28.40 -2.22
N GLY A 106 28.98 -28.52 -1.16
CA GLY A 106 28.84 -29.82 -0.50
C GLY A 106 27.75 -30.68 -1.09
N LEU A 107 26.61 -30.09 -1.42
CA LEU A 107 25.45 -30.83 -1.87
C LEU A 107 24.94 -30.28 -3.20
N PHE A 108 24.15 -31.09 -3.89
CA PHE A 108 23.72 -30.79 -5.24
C PHE A 108 22.38 -30.07 -5.23
N GLY A 109 22.21 -29.12 -6.14
CA GLY A 109 20.95 -28.43 -6.28
C GLY A 109 21.19 -27.02 -6.79
N LYS A 110 20.08 -26.30 -6.95
CA LYS A 110 20.12 -24.93 -7.43
C LYS A 110 20.59 -24.01 -6.30
N GLY A 111 21.72 -23.35 -6.49
CA GLY A 111 22.29 -22.45 -5.50
C GLY A 111 22.17 -21.01 -5.97
N GLY A 112 21.79 -20.13 -5.05
CA GLY A 112 21.59 -18.74 -5.42
C GLY A 112 22.90 -18.07 -5.79
N ILE A 113 22.81 -17.15 -6.75
CA ILE A 113 23.93 -16.35 -7.19
C ILE A 113 23.48 -14.90 -7.30
N VAL A 114 24.36 -13.98 -6.93
CA VAL A 114 24.08 -12.55 -6.99
C VAL A 114 25.20 -11.87 -7.77
N THR A 115 24.83 -11.05 -8.74
CA THR A 115 25.78 -10.30 -9.55
C THR A 115 25.51 -8.81 -9.40
N CYS A 116 26.58 -8.04 -9.24
CA CYS A 116 26.48 -6.60 -9.06
C CYS A 116 27.49 -5.90 -9.96
N ALA A 117 27.15 -4.69 -10.38
CA ALA A 117 28.04 -3.89 -11.19
C ALA A 117 27.68 -2.43 -11.05
N MET A 118 28.69 -1.57 -11.01
CA MET A 118 28.45 -0.14 -10.84
C MET A 118 27.82 0.45 -12.09
N PHE A 119 26.72 1.17 -11.91
CA PHE A 119 25.98 1.78 -13.01
C PHE A 119 26.34 3.25 -13.08
N THR A 120 27.03 3.64 -14.15
CA THR A 120 27.36 5.03 -14.42
C THR A 120 26.60 5.48 -15.66
N CYS A 121 26.07 6.70 -15.61
CA CYS A 121 25.37 7.29 -16.76
C CYS A 121 26.31 8.28 -17.44
N LYS A 122 26.50 8.10 -18.74
CA LYS A 122 27.39 8.99 -19.48
C LYS A 122 26.62 10.01 -20.30
N LYS A 123 25.40 9.68 -20.71
CA LYS A 123 24.57 10.59 -21.50
C LYS A 123 23.13 10.51 -21.00
N ASN A 124 22.57 11.67 -20.67
CA ASN A 124 21.23 11.75 -20.11
C ASN A 124 20.41 12.79 -20.86
N MET A 125 19.09 12.63 -20.79
CA MET A 125 18.14 13.57 -21.37
C MET A 125 17.37 14.22 -20.24
N GLU A 126 17.38 15.54 -20.21
CA GLU A 126 16.80 16.30 -19.11
C GLU A 126 15.48 16.91 -19.54
N GLY A 127 14.44 16.68 -18.74
CA GLY A 127 13.14 17.24 -19.04
C GLY A 127 12.76 18.38 -18.12
N LYS A 128 12.69 19.59 -18.65
CA LYS A 128 12.39 20.78 -17.88
C LYS A 128 10.94 21.20 -18.05
N ILE A 129 10.38 21.80 -17.02
CA ILE A 129 9.02 22.30 -17.04
C ILE A 129 9.05 23.79 -16.69
N VAL A 130 8.06 24.51 -17.18
CA VAL A 130 8.03 25.97 -17.09
C VAL A 130 6.70 26.42 -16.51
N GLN A 131 6.71 27.57 -15.86
CA GLN A 131 5.50 28.16 -15.33
C GLN A 131 4.78 28.95 -16.43
N PRO A 132 3.46 28.84 -16.55
CA PRO A 132 2.77 29.62 -17.56
C PRO A 132 2.98 31.12 -17.42
N GLU A 133 3.19 31.61 -16.20
CA GLU A 133 3.45 33.03 -16.03
C GLU A 133 4.83 33.45 -16.52
N ASN A 134 5.71 32.50 -16.84
CA ASN A 134 7.04 32.78 -17.32
C ASN A 134 7.14 32.74 -18.83
N LEU A 135 6.03 32.53 -19.53
CA LEU A 135 6.03 32.54 -20.98
C LEU A 135 6.09 33.97 -21.51
N GLU A 136 6.67 34.13 -22.68
CA GLU A 136 6.76 35.41 -23.36
C GLU A 136 6.61 35.18 -24.85
N TYR A 137 5.51 35.65 -25.42
CA TYR A 137 5.27 35.53 -26.85
C TYR A 137 5.70 36.80 -27.54
N THR A 138 6.35 36.67 -28.69
CA THR A 138 6.73 37.80 -29.52
C THR A 138 5.82 37.86 -30.73
N ILE A 139 5.22 39.02 -30.94
CA ILE A 139 4.33 39.25 -32.08
C ILE A 139 4.87 40.43 -32.86
N VAL A 140 4.85 40.33 -34.18
CA VAL A 140 5.32 41.37 -35.07
C VAL A 140 4.11 41.95 -35.78
N ILE A 141 3.93 43.26 -35.68
CA ILE A 141 2.81 43.97 -36.30
C ILE A 141 3.40 44.83 -37.41
N THR A 142 2.98 44.58 -38.64
CA THR A 142 3.50 45.28 -39.81
C THR A 142 2.36 45.81 -40.65
N PRO A 143 2.19 47.13 -40.76
CA PRO A 143 1.15 47.67 -41.64
C PRO A 143 1.52 47.48 -43.11
N HIS A 144 0.47 47.43 -43.95
CA HIS A 144 0.64 47.42 -45.39
C HIS A 144 1.02 48.83 -45.85
N SER A 145 2.22 49.23 -45.49
CA SER A 145 2.74 50.54 -45.84
C SER A 145 3.17 50.62 -47.30
N GLY A 146 3.22 49.50 -48.01
CA GLY A 146 3.57 49.49 -49.41
C GLY A 146 4.94 50.08 -49.66
N GLU A 147 5.88 49.81 -48.78
CA GLU A 147 7.24 50.30 -48.95
C GLU A 147 8.02 49.35 -49.84
N GLU A 148 9.11 49.85 -50.40
CA GLU A 148 9.99 49.01 -51.20
C GLU A 148 10.50 47.85 -50.37
N ASN A 149 10.76 46.72 -51.02
CA ASN A 149 11.29 45.52 -50.40
C ASN A 149 10.71 45.29 -48.99
N ALA A 150 9.39 45.40 -48.89
CA ALA A 150 8.68 45.08 -47.66
C ALA A 150 7.76 43.87 -47.80
N VAL A 151 7.56 43.38 -49.02
CA VAL A 151 6.65 42.26 -49.24
C VAL A 151 7.33 40.97 -48.80
N GLY A 152 6.69 40.24 -47.90
CA GLY A 152 7.24 38.97 -47.46
C GLY A 152 8.64 39.10 -46.89
N ASN A 153 8.91 40.18 -46.17
CA ASN A 153 10.23 40.44 -45.63
C ASN A 153 10.23 40.01 -44.16
N ASP A 154 11.22 39.20 -43.79
CA ASP A 154 11.33 38.68 -42.43
C ASP A 154 12.45 39.33 -41.63
N THR A 155 13.36 40.06 -42.27
CA THR A 155 14.47 40.65 -41.54
C THR A 155 13.98 41.49 -40.37
N GLY A 156 13.23 42.54 -40.67
CA GLY A 156 12.67 43.39 -39.65
C GLY A 156 12.76 44.85 -40.07
N LYS A 157 12.52 45.72 -39.11
CA LYS A 157 12.52 47.18 -39.28
C LYS A 157 11.32 47.66 -40.09
N HIS A 158 10.42 46.78 -40.52
CA HIS A 158 9.19 47.16 -41.20
C HIS A 158 8.00 47.22 -40.26
N GLY A 159 7.94 46.33 -39.27
CA GLY A 159 6.88 46.36 -38.28
C GLY A 159 7.43 46.57 -36.89
N LYS A 160 6.56 46.46 -35.88
CA LYS A 160 6.96 46.62 -34.49
C LYS A 160 6.72 45.32 -33.74
N GLU A 161 7.73 44.87 -33.01
CA GLU A 161 7.65 43.62 -32.25
C GLU A 161 7.16 43.94 -30.85
N ILE A 162 5.99 43.42 -30.50
CA ILE A 162 5.43 43.57 -29.16
C ILE A 162 5.58 42.24 -28.44
N LYS A 163 6.05 42.28 -27.20
CA LYS A 163 6.19 41.09 -26.38
C LYS A 163 4.98 40.96 -25.48
N VAL A 164 4.33 39.80 -25.52
CA VAL A 164 3.11 39.53 -24.76
C VAL A 164 3.45 38.58 -23.63
N THR A 165 3.25 39.02 -22.40
CA THR A 165 3.47 38.23 -21.21
C THR A 165 2.19 38.13 -20.41
N PRO A 166 2.05 37.09 -19.59
CA PRO A 166 0.85 36.97 -18.75
C PRO A 166 0.76 38.05 -17.69
N GLN A 167 1.85 38.78 -17.42
CA GLN A 167 1.81 39.82 -16.40
C GLN A 167 0.85 40.94 -16.77
N SER A 168 0.83 41.34 -18.02
CA SER A 168 -0.06 42.39 -18.51
C SER A 168 -0.99 41.81 -19.55
N SER A 169 -2.29 42.07 -19.40
CA SER A 169 -3.28 41.60 -20.36
C SER A 169 -3.53 42.58 -21.49
N ILE A 170 -2.87 43.74 -21.48
CA ILE A 170 -3.02 44.73 -22.53
C ILE A 170 -1.65 45.05 -23.09
N THR A 171 -1.45 44.73 -24.37
CA THR A 171 -0.18 44.98 -25.06
C THR A 171 -0.39 46.11 -26.05
N GLU A 172 0.52 47.09 -26.03
CA GLU A 172 0.35 48.32 -26.77
C GLU A 172 1.54 48.54 -27.69
N ALA A 173 1.26 48.81 -28.97
CA ALA A 173 2.29 49.09 -29.96
C ALA A 173 1.97 50.41 -30.64
N GLU A 174 2.98 51.24 -30.82
CA GLU A 174 2.82 52.54 -31.45
C GLU A 174 3.41 52.46 -32.86
N LEU A 175 2.55 52.15 -33.83
CA LEU A 175 2.95 52.15 -35.23
C LEU A 175 3.00 53.59 -35.73
N THR A 176 4.18 54.04 -36.15
CA THR A 176 4.33 55.42 -36.59
C THR A 176 3.52 55.66 -37.85
N GLY A 177 2.68 56.70 -37.81
CA GLY A 177 1.82 57.04 -38.92
C GLY A 177 0.48 56.32 -38.93
N TYR A 178 0.25 55.39 -38.01
CA TYR A 178 -0.99 54.65 -37.97
C TYR A 178 -1.68 54.67 -36.60
N GLY A 179 -1.06 55.28 -35.59
CA GLY A 179 -1.61 55.25 -34.26
C GLY A 179 -1.05 54.11 -33.44
N THR A 180 -1.82 53.71 -32.43
CA THR A 180 -1.45 52.60 -31.56
C THR A 180 -2.38 51.43 -31.82
N VAL A 181 -1.83 50.22 -31.77
CA VAL A 181 -2.61 49.00 -31.90
C VAL A 181 -2.59 48.29 -30.56
N THR A 182 -3.78 47.97 -30.05
CA THR A 182 -3.93 47.34 -28.75
C THR A 182 -4.19 45.85 -28.94
N MET A 183 -3.44 45.03 -28.22
CA MET A 183 -3.59 43.58 -28.26
C MET A 183 -3.91 43.09 -26.86
N GLU A 184 -4.76 42.08 -26.79
CA GLU A 184 -5.20 41.52 -25.51
C GLU A 184 -5.10 39.99 -25.59
N CYS A 185 -3.94 39.51 -26.02
CA CYS A 185 -3.70 38.09 -26.15
C CYS A 185 -3.83 37.39 -24.80
N SER A 186 -4.11 36.09 -24.82
CA SER A 186 -4.32 35.32 -23.61
C SER A 186 -3.35 34.15 -23.55
N PRO A 187 -2.14 34.35 -23.02
CA PRO A 187 -1.16 33.24 -23.01
C PRO A 187 -1.61 32.02 -22.23
N ARG A 188 -2.38 32.21 -21.15
CA ARG A 188 -2.76 31.08 -20.31
C ARG A 188 -3.50 29.99 -21.08
N THR A 189 -4.38 30.38 -22.00
CA THR A 189 -5.15 29.41 -22.77
C THR A 189 -4.39 28.87 -23.97
N GLY A 190 -3.28 29.49 -24.35
CA GLY A 190 -2.60 29.08 -25.58
C GLY A 190 -2.14 27.64 -25.54
N LEU A 191 -1.50 27.23 -24.45
CA LEU A 191 -0.88 25.93 -24.38
C LEU A 191 -0.53 25.61 -22.93
N ASP A 192 -1.00 24.46 -22.45
CA ASP A 192 -0.81 24.08 -21.05
C ASP A 192 0.66 23.75 -20.83
N PHE A 193 1.38 24.70 -20.23
CA PHE A 193 2.78 24.47 -19.93
C PHE A 193 2.99 23.86 -18.56
N ASN A 194 1.91 23.61 -17.83
CA ASN A 194 1.97 22.78 -16.64
C ASN A 194 1.42 21.39 -16.88
N GLU A 195 1.22 21.00 -18.15
CA GLU A 195 0.84 19.64 -18.51
C GLU A 195 1.76 19.07 -19.59
N MET A 196 2.92 19.67 -19.80
CA MET A 196 3.85 19.21 -20.83
C MET A 196 5.28 19.57 -20.42
N VAL A 197 6.21 18.76 -20.89
CA VAL A 197 7.61 18.85 -20.48
C VAL A 197 8.45 19.33 -21.65
N LEU A 198 9.51 20.09 -21.34
CA LEU A 198 10.46 20.56 -22.35
C LEU A 198 11.69 19.67 -22.30
N LEU A 199 11.59 18.51 -22.95
CA LEU A 199 12.65 17.52 -22.94
C LEU A 199 13.73 17.89 -23.94
N GLN A 200 14.97 18.03 -23.47
CA GLN A 200 16.11 18.24 -24.35
C GLN A 200 17.04 17.04 -24.24
N MET A 201 17.41 16.47 -25.38
CA MET A 201 18.37 15.38 -25.45
C MET A 201 19.50 15.80 -26.38
N GLU A 202 20.70 15.91 -25.85
CA GLU A 202 21.89 16.27 -26.62
C GLU A 202 21.65 17.65 -27.22
N ASN A 203 21.71 17.83 -28.54
CA ASN A 203 21.57 19.12 -29.17
C ASN A 203 20.16 19.36 -29.70
N LYS A 204 19.22 18.49 -29.36
CA LYS A 204 17.85 18.60 -29.82
C LYS A 204 16.90 18.55 -28.63
N ALA A 205 15.76 19.23 -28.76
CA ALA A 205 14.77 19.29 -27.70
C ALA A 205 13.39 19.12 -28.29
N TRP A 206 12.46 18.64 -27.48
CA TRP A 206 11.08 18.45 -27.89
C TRP A 206 10.13 18.92 -26.79
N LEU A 207 8.96 19.36 -27.20
CA LEU A 207 7.89 19.72 -26.26
C LEU A 207 6.98 18.50 -26.14
N VAL A 208 7.14 17.74 -25.07
CA VAL A 208 6.48 16.46 -24.91
C VAL A 208 5.38 16.59 -23.87
N HIS A 209 4.51 15.58 -23.83
CA HIS A 209 3.49 15.51 -22.80
C HIS A 209 4.11 15.12 -21.47
N ARG A 210 3.59 15.70 -20.40
CA ARG A 210 4.20 15.50 -19.08
C ARG A 210 4.07 14.05 -18.63
N GLN A 211 2.85 13.50 -18.67
CA GLN A 211 2.67 12.14 -18.19
C GLN A 211 3.42 11.14 -19.07
N TRP A 212 3.39 11.36 -20.39
CA TRP A 212 4.17 10.51 -21.29
C TRP A 212 5.65 10.54 -20.91
N PHE A 213 6.18 11.72 -20.60
CA PHE A 213 7.56 11.83 -20.19
C PHE A 213 7.82 11.10 -18.88
N LEU A 214 6.88 11.20 -17.93
CA LEU A 214 7.06 10.51 -16.67
C LEU A 214 6.92 8.99 -16.81
N ASP A 215 6.30 8.52 -17.89
CA ASP A 215 6.10 7.09 -18.11
C ASP A 215 7.23 6.41 -18.83
N LEU A 216 8.28 7.13 -19.22
CA LEU A 216 9.33 6.52 -20.02
C LEU A 216 10.01 5.40 -19.24
N PRO A 217 10.22 4.24 -19.84
CA PRO A 217 10.92 3.14 -19.16
C PRO A 217 12.44 3.23 -19.34
N LEU A 218 13.04 4.19 -18.64
CA LEU A 218 14.48 4.39 -18.64
C LEU A 218 14.93 4.71 -17.23
N PRO A 219 16.20 4.47 -16.91
CA PRO A 219 16.69 4.79 -15.57
C PRO A 219 16.75 6.30 -15.39
N TRP A 220 16.05 6.79 -14.37
CA TRP A 220 15.82 8.21 -14.21
C TRP A 220 16.39 8.72 -12.90
N LEU A 221 16.37 10.03 -12.76
CA LEU A 221 16.85 10.73 -11.59
C LEU A 221 15.84 11.80 -11.21
N PRO A 222 15.71 12.13 -9.91
CA PRO A 222 14.56 12.96 -9.49
C PRO A 222 14.51 14.34 -10.15
N GLY A 223 15.64 14.84 -10.65
CA GLY A 223 15.72 16.19 -11.15
C GLY A 223 16.03 17.21 -10.08
N ALA A 224 15.67 16.93 -8.83
CA ALA A 224 16.19 17.65 -7.69
C ALA A 224 17.54 17.11 -7.24
N ASP A 225 18.00 16.02 -7.83
CA ASP A 225 19.26 15.41 -7.45
C ASP A 225 20.42 16.35 -7.76
N THR A 226 21.38 16.40 -6.84
CA THR A 226 22.63 17.12 -7.04
C THR A 226 23.81 16.19 -7.27
N GLN A 227 23.88 15.08 -6.53
CA GLN A 227 24.96 14.13 -6.72
C GLN A 227 24.89 13.49 -8.10
N GLY A 228 23.69 13.12 -8.54
CA GLY A 228 23.52 12.61 -9.89
C GLY A 228 24.07 11.21 -10.11
N SER A 229 24.09 10.37 -9.09
CA SER A 229 24.60 9.01 -9.22
C SER A 229 23.60 7.95 -8.75
N ASN A 230 22.48 8.36 -8.16
CA ASN A 230 21.48 7.41 -7.66
C ASN A 230 20.35 7.29 -8.67
N TRP A 231 20.58 6.47 -9.69
CA TRP A 231 19.58 6.28 -10.73
C TRP A 231 18.54 5.27 -10.28
N ILE A 232 17.35 5.36 -10.88
CA ILE A 232 16.19 4.59 -10.47
C ILE A 232 15.72 3.74 -11.64
N GLN A 233 15.28 2.53 -11.32
CA GLN A 233 14.97 1.50 -12.32
C GLN A 233 16.10 1.38 -13.34
N LYS A 234 17.31 1.16 -12.83
CA LYS A 234 18.46 0.95 -13.71
C LYS A 234 18.27 -0.29 -14.57
N GLU A 235 17.45 -1.24 -14.13
CA GLU A 235 17.36 -2.52 -14.81
C GLU A 235 16.85 -2.37 -16.23
N THR A 236 16.24 -1.24 -16.57
CA THR A 236 15.79 -1.00 -17.93
C THR A 236 16.93 -0.69 -18.89
N LEU A 237 18.14 -0.50 -18.39
CA LEU A 237 19.29 -0.22 -19.22
C LEU A 237 20.43 -1.20 -19.00
N VAL A 238 20.15 -2.36 -18.40
CA VAL A 238 21.13 -3.41 -18.23
C VAL A 238 20.41 -4.75 -18.26
N THR A 239 21.09 -5.77 -18.76
CA THR A 239 20.53 -7.12 -18.84
C THR A 239 21.43 -8.08 -18.08
N PHE A 240 20.81 -9.09 -17.47
CA PHE A 240 21.53 -10.13 -16.76
C PHE A 240 21.36 -11.44 -17.50
N LYS A 241 22.48 -12.10 -17.80
CA LYS A 241 22.49 -13.30 -18.63
C LYS A 241 22.77 -14.52 -17.76
N ASN A 242 21.89 -15.51 -17.83
CA ASN A 242 22.10 -16.82 -17.22
C ASN A 242 21.78 -17.87 -18.26
N PRO A 243 22.63 -18.02 -19.27
CA PRO A 243 22.29 -18.86 -20.42
C PRO A 243 21.99 -20.30 -20.05
N HIS A 244 22.94 -20.99 -19.42
CA HIS A 244 22.80 -22.40 -19.09
C HIS A 244 22.57 -22.64 -17.60
N ALA A 245 22.49 -21.60 -16.80
CA ALA A 245 22.28 -21.74 -15.35
C ALA A 245 23.51 -22.30 -14.66
N LYS A 246 24.68 -21.83 -15.06
CA LYS A 246 25.92 -22.18 -14.39
C LYS A 246 26.70 -20.95 -13.90
N LYS A 247 26.50 -19.80 -14.54
CA LYS A 247 27.00 -18.54 -14.02
C LYS A 247 26.16 -17.41 -14.59
N GLN A 248 26.14 -16.28 -13.88
CA GLN A 248 25.29 -15.16 -14.23
C GLN A 248 26.15 -13.94 -14.55
N ASP A 249 25.81 -13.24 -15.63
CA ASP A 249 26.55 -12.09 -16.08
C ASP A 249 25.61 -10.92 -16.33
N VAL A 250 26.15 -9.71 -16.18
CA VAL A 250 25.40 -8.47 -16.37
C VAL A 250 26.11 -7.62 -17.41
N VAL A 251 25.36 -7.17 -18.42
CA VAL A 251 25.90 -6.32 -19.47
C VAL A 251 24.96 -5.14 -19.67
N VAL A 252 25.50 -4.08 -20.25
CA VAL A 252 24.76 -2.84 -20.46
C VAL A 252 24.15 -2.85 -21.86
N LEU A 253 22.87 -2.47 -21.95
CA LEU A 253 22.12 -2.64 -23.19
C LEU A 253 22.76 -1.87 -24.34
N GLY A 254 22.97 -0.57 -24.15
CA GLY A 254 23.52 0.26 -25.22
C GLY A 254 22.89 1.64 -25.27
N SER A 255 23.37 2.49 -26.16
CA SER A 255 22.84 3.84 -26.26
C SER A 255 21.37 3.79 -26.64
N GLN A 256 20.56 4.57 -25.92
CA GLN A 256 19.12 4.62 -26.16
C GLN A 256 18.71 5.87 -26.93
N GLU A 257 19.67 6.55 -27.58
CA GLU A 257 19.34 7.78 -28.29
C GLU A 257 18.48 7.51 -29.51
N GLY A 258 18.80 6.48 -30.29
CA GLY A 258 17.99 6.17 -31.45
C GLY A 258 16.60 5.69 -31.08
N ALA A 259 16.50 4.86 -30.04
CA ALA A 259 15.19 4.45 -29.57
C ALA A 259 14.40 5.64 -29.05
N MET A 260 15.08 6.60 -28.43
CA MET A 260 14.39 7.80 -27.99
C MET A 260 13.89 8.62 -29.17
N HIS A 261 14.70 8.76 -30.22
CA HIS A 261 14.24 9.46 -31.41
C HIS A 261 13.04 8.77 -32.02
N THR A 262 13.03 7.44 -32.01
CA THR A 262 11.85 6.73 -32.51
C THR A 262 10.64 6.93 -31.60
N ALA A 263 10.86 7.04 -30.28
CA ALA A 263 9.75 7.25 -29.36
C ALA A 263 9.18 8.66 -29.47
N LEU A 264 10.02 9.62 -29.84
CA LEU A 264 9.60 11.01 -29.93
C LEU A 264 8.80 11.31 -31.18
N THR A 265 8.64 10.35 -32.08
CA THR A 265 7.77 10.53 -33.24
C THR A 265 6.41 11.03 -32.81
N GLY A 266 6.00 12.17 -33.34
CA GLY A 266 4.78 12.83 -32.95
C GLY A 266 4.98 14.03 -32.05
N ALA A 267 6.14 14.19 -31.46
CA ALA A 267 6.46 15.37 -30.67
C ALA A 267 6.98 16.48 -31.56
N THR A 268 6.76 17.72 -31.13
CA THR A 268 7.14 18.89 -31.90
C THR A 268 8.46 19.42 -31.36
N GLU A 269 9.45 19.54 -32.24
CA GLU A 269 10.78 19.91 -31.83
C GLU A 269 10.86 21.39 -31.49
N ILE A 270 11.79 21.72 -30.58
CA ILE A 270 11.98 23.08 -30.10
C ILE A 270 13.47 23.32 -29.89
N GLN A 271 13.83 24.59 -29.69
CA GLN A 271 15.21 24.99 -29.47
C GLN A 271 15.40 25.25 -27.99
N MET A 272 16.04 24.31 -27.28
CA MET A 272 16.33 24.46 -25.86
C MET A 272 17.79 24.74 -25.59
N SER A 273 18.55 25.11 -26.60
CA SER A 273 19.95 25.50 -26.44
C SER A 273 20.07 27.00 -26.58
N SER A 274 20.64 27.64 -25.57
CA SER A 274 20.74 29.10 -25.52
C SER A 274 19.35 29.73 -25.49
N GLY A 275 18.54 29.27 -24.54
CA GLY A 275 17.20 29.80 -24.38
C GLY A 275 16.13 28.78 -24.70
N ASN A 276 15.14 28.66 -23.83
CA ASN A 276 14.06 27.68 -24.00
C ASN A 276 12.95 28.28 -24.85
N LEU A 277 13.30 28.60 -26.10
CA LEU A 277 12.39 29.26 -27.03
C LEU A 277 11.88 28.21 -28.02
N LEU A 278 10.57 28.11 -28.13
CA LEU A 278 9.90 27.08 -28.91
C LEU A 278 8.94 27.73 -29.90
N PHE A 279 9.11 27.41 -31.18
CA PHE A 279 8.34 28.03 -32.26
C PHE A 279 7.20 27.10 -32.69
N THR A 280 6.25 26.92 -31.77
CA THR A 280 5.09 26.10 -32.06
C THR A 280 3.94 26.55 -31.16
N GLY A 281 2.74 26.35 -31.64
CA GLY A 281 1.54 26.66 -30.88
C GLY A 281 0.81 27.86 -31.46
N HIS A 282 -0.07 28.40 -30.63
CA HIS A 282 -0.95 29.48 -31.06
C HIS A 282 -1.18 30.43 -29.90
N LEU A 283 -1.71 31.60 -30.22
CA LEU A 283 -1.98 32.64 -29.23
C LEU A 283 -3.25 33.37 -29.64
N LYS A 284 -4.33 33.13 -28.91
CA LYS A 284 -5.55 33.90 -29.14
C LYS A 284 -5.35 35.33 -28.68
N CYS A 285 -5.77 36.28 -29.51
CA CYS A 285 -5.64 37.69 -29.22
C CYS A 285 -6.93 38.40 -29.58
N ARG A 286 -7.19 39.51 -28.89
CA ARG A 286 -8.31 40.39 -29.20
C ARG A 286 -7.73 41.74 -29.59
N LEU A 287 -7.57 41.97 -30.89
CA LEU A 287 -7.05 43.23 -31.39
C LEU A 287 -8.15 44.29 -31.36
N ARG A 288 -7.78 45.50 -30.94
CA ARG A 288 -8.70 46.62 -30.87
C ARG A 288 -8.21 47.72 -31.80
N MET A 289 -8.99 47.99 -32.84
CA MET A 289 -8.57 48.90 -33.90
C MET A 289 -8.90 50.36 -33.62
N ASP A 290 -9.54 50.68 -32.51
CA ASP A 290 -9.66 52.08 -32.11
C ASP A 290 -8.29 52.64 -31.80
N LYS A 291 -8.13 53.94 -32.00
CA LYS A 291 -6.85 54.62 -31.91
C LYS A 291 -5.91 54.22 -33.04
N LEU A 292 -6.45 53.66 -34.11
CA LEU A 292 -5.68 53.19 -35.25
C LEU A 292 -6.20 53.93 -36.48
N GLN A 293 -5.34 54.75 -37.08
CA GLN A 293 -5.73 55.58 -38.21
C GLN A 293 -4.88 55.27 -39.43
N LEU A 294 -5.42 55.61 -40.59
CA LEU A 294 -4.67 55.52 -41.83
C LEU A 294 -3.57 56.57 -41.87
N LYS A 295 -2.51 56.26 -42.62
CA LYS A 295 -1.39 57.18 -42.78
C LYS A 295 -1.54 57.97 -44.07
N GLY A 296 -1.20 59.25 -44.01
CA GLY A 296 -1.21 60.08 -45.19
C GLY A 296 -2.57 60.23 -45.83
N MET A 297 -3.62 60.38 -45.02
CA MET A 297 -4.93 60.70 -45.56
C MET A 297 -5.09 62.19 -45.87
N SER A 298 -4.12 63.01 -45.48
CA SER A 298 -4.13 64.42 -45.82
C SER A 298 -3.37 64.72 -47.11
N TYR A 299 -2.58 63.77 -47.61
CA TYR A 299 -1.87 63.98 -48.87
C TYR A 299 -2.84 64.06 -50.03
N SER A 300 -2.48 64.86 -51.03
CA SER A 300 -3.27 64.95 -52.24
C SER A 300 -2.88 63.82 -53.20
N MET A 301 -3.75 63.59 -54.19
CA MET A 301 -3.50 62.53 -55.15
C MET A 301 -2.30 62.86 -56.03
N CYS A 302 -1.69 61.82 -56.57
CA CYS A 302 -0.48 61.97 -57.39
C CYS A 302 -0.89 62.35 -58.80
N THR A 303 -0.52 63.56 -59.21
CA THR A 303 -0.76 64.02 -60.58
C THR A 303 0.49 63.79 -61.42
N GLY A 304 0.77 62.52 -61.67
CA GLY A 304 1.95 62.13 -62.43
C GLY A 304 1.77 60.76 -63.02
N LYS A 305 2.83 60.27 -63.66
CA LYS A 305 2.81 58.97 -64.30
C LYS A 305 3.55 57.95 -63.44
N PHE A 306 2.97 56.76 -63.33
CA PHE A 306 3.57 55.64 -62.61
C PHE A 306 4.07 54.63 -63.63
N LYS A 307 5.32 54.22 -63.49
CA LYS A 307 5.90 53.18 -64.32
C LYS A 307 6.04 51.91 -63.49
N VAL A 308 5.59 50.79 -64.06
CA VAL A 308 5.62 49.52 -63.34
C VAL A 308 7.06 49.07 -63.19
N VAL A 309 7.43 48.69 -61.97
CA VAL A 309 8.78 48.20 -61.70
C VAL A 309 8.81 46.70 -61.39
N LYS A 310 7.67 46.11 -61.07
CA LYS A 310 7.59 44.68 -60.77
C LYS A 310 6.23 44.19 -61.25
N GLU A 311 6.23 43.40 -62.31
CA GLU A 311 4.97 43.01 -62.92
C GLU A 311 4.07 42.29 -61.92
N ILE A 312 2.77 42.37 -62.18
CA ILE A 312 1.78 41.80 -61.27
C ILE A 312 2.10 40.35 -61.01
N ALA A 313 1.97 39.93 -59.76
CA ALA A 313 2.10 38.53 -59.37
C ALA A 313 0.96 38.19 -58.43
N GLU A 314 0.35 37.02 -58.63
CA GLU A 314 -0.79 36.60 -57.83
C GLU A 314 -0.31 35.73 -56.67
N THR A 315 -0.74 36.07 -55.47
CA THR A 315 -0.39 35.29 -54.29
C THR A 315 -1.19 33.98 -54.28
N GLN A 316 -0.82 33.09 -53.36
CA GLN A 316 -1.51 31.80 -53.28
C GLN A 316 -2.98 31.96 -52.94
N HIS A 317 -3.37 33.12 -52.41
CA HIS A 317 -4.74 33.35 -51.97
C HIS A 317 -5.50 34.30 -52.89
N GLY A 318 -5.00 34.55 -54.09
CA GLY A 318 -5.72 35.35 -55.06
C GLY A 318 -5.54 36.84 -54.93
N THR A 319 -4.63 37.32 -54.10
CA THR A 319 -4.39 38.74 -53.94
C THR A 319 -3.16 39.13 -54.75
N ILE A 320 -3.36 39.98 -55.76
CA ILE A 320 -2.29 40.37 -56.66
C ILE A 320 -1.48 41.47 -55.99
N VAL A 321 -0.16 41.40 -56.14
CA VAL A 321 0.75 42.42 -55.64
C VAL A 321 1.48 43.02 -56.83
N ILE A 322 1.46 44.34 -56.92
CA ILE A 322 2.11 45.06 -58.00
C ILE A 322 2.96 46.17 -57.41
N ARG A 323 4.16 46.34 -57.93
CA ARG A 323 5.07 47.40 -57.53
C ARG A 323 5.16 48.43 -58.64
N VAL A 324 4.99 49.70 -58.28
CA VAL A 324 4.96 50.79 -59.26
C VAL A 324 5.97 51.85 -58.85
N GLN A 325 6.34 52.67 -59.82
CA GLN A 325 7.31 53.75 -59.66
C GLN A 325 6.65 55.06 -60.05
N TYR A 326 6.77 56.07 -59.20
CA TYR A 326 6.20 57.38 -59.49
C TYR A 326 7.28 58.29 -60.07
N GLU A 327 6.88 59.14 -61.00
CA GLU A 327 7.82 59.97 -61.74
C GLU A 327 7.50 61.46 -61.70
N GLY A 328 6.33 61.85 -61.21
CA GLY A 328 5.92 63.24 -61.20
C GLY A 328 6.34 63.98 -59.94
N ASP A 329 5.80 65.18 -59.79
CA ASP A 329 6.13 66.06 -58.68
C ASP A 329 5.11 65.90 -57.56
N GLY A 330 5.32 66.63 -56.47
CA GLY A 330 4.48 66.46 -55.29
C GLY A 330 4.64 65.09 -54.70
N SER A 331 5.89 64.69 -54.46
CA SER A 331 6.23 63.30 -54.21
C SER A 331 5.37 62.64 -53.14
N PRO A 332 5.20 63.21 -51.95
CA PRO A 332 4.38 62.54 -50.93
C PRO A 332 2.89 62.67 -51.20
N CYS A 333 2.36 61.85 -52.09
CA CYS A 333 0.97 61.91 -52.50
C CYS A 333 0.35 60.53 -52.43
N LYS A 334 -0.93 60.44 -52.76
CA LYS A 334 -1.66 59.19 -52.77
C LYS A 334 -1.68 58.61 -54.18
N ILE A 335 -1.43 57.32 -54.30
CA ILE A 335 -1.45 56.63 -55.59
C ILE A 335 -2.91 56.39 -55.97
N PRO A 336 -3.38 56.93 -57.10
CA PRO A 336 -4.73 56.58 -57.55
C PRO A 336 -4.77 55.16 -58.11
N PHE A 337 -5.35 54.25 -57.34
CA PHE A 337 -5.35 52.83 -57.66
C PHE A 337 -6.77 52.29 -57.56
N GLU A 338 -7.23 51.62 -58.61
CA GLU A 338 -8.56 51.03 -58.60
C GLU A 338 -8.58 49.83 -59.53
N ILE A 339 -9.53 48.93 -59.27
CA ILE A 339 -9.71 47.71 -60.06
C ILE A 339 -11.10 47.79 -60.67
N MET A 340 -11.18 48.14 -61.95
CA MET A 340 -12.44 48.31 -62.65
C MET A 340 -12.61 47.17 -63.65
N ASP A 341 -13.68 47.26 -64.43
CA ASP A 341 -13.91 46.33 -65.53
C ASP A 341 -13.38 46.95 -66.81
N LEU A 342 -13.65 46.31 -67.95
CA LEU A 342 -13.09 46.78 -69.21
C LEU A 342 -13.52 48.21 -69.50
N GLU A 343 -14.80 48.51 -69.28
CA GLU A 343 -15.33 49.84 -69.55
C GLU A 343 -15.14 50.81 -68.40
N LYS A 344 -14.58 50.36 -67.27
CA LYS A 344 -14.38 51.21 -66.10
C LYS A 344 -15.68 51.82 -65.62
N ARG A 345 -16.78 51.07 -65.76
CA ARG A 345 -18.07 51.55 -65.31
C ARG A 345 -18.19 51.47 -63.78
N HIS A 346 -17.76 50.35 -63.21
CA HIS A 346 -17.95 50.10 -61.80
C HIS A 346 -16.79 49.28 -61.25
N VAL A 347 -16.36 49.64 -60.04
CA VAL A 347 -15.18 49.03 -59.43
C VAL A 347 -15.52 47.60 -59.00
N LEU A 348 -14.64 46.66 -59.34
CA LEU A 348 -14.79 45.27 -58.94
C LEU A 348 -13.79 44.84 -57.88
N GLY A 349 -12.58 45.36 -57.90
CA GLY A 349 -11.56 44.94 -56.98
C GLY A 349 -11.74 45.52 -55.60
N ARG A 350 -10.90 45.05 -54.69
CA ARG A 350 -10.95 45.44 -53.28
C ARG A 350 -9.51 45.63 -52.82
N LEU A 351 -9.01 46.85 -52.93
CA LEU A 351 -7.63 47.15 -52.58
C LEU A 351 -7.34 46.73 -51.14
N ILE A 352 -6.31 45.90 -50.96
CA ILE A 352 -5.93 45.44 -49.64
C ILE A 352 -4.90 46.32 -48.97
N THR A 353 -4.03 46.96 -49.74
CA THR A 353 -3.12 47.98 -49.21
C THR A 353 -3.84 49.31 -49.25
N VAL A 354 -4.71 49.51 -48.25
CA VAL A 354 -5.58 50.67 -48.24
C VAL A 354 -4.76 51.94 -48.24
N ASN A 355 -5.22 52.94 -48.98
CA ASN A 355 -4.57 54.24 -49.08
C ASN A 355 -3.09 54.11 -49.42
N PRO A 356 -2.75 53.50 -50.55
CA PRO A 356 -1.35 53.49 -50.98
C PRO A 356 -0.85 54.90 -51.19
N ILE A 357 0.38 55.16 -50.79
CA ILE A 357 0.98 56.48 -50.91
C ILE A 357 2.45 56.31 -51.31
N VAL A 358 3.00 57.37 -51.88
CA VAL A 358 4.39 57.39 -52.32
C VAL A 358 5.11 58.46 -51.48
N THR A 359 5.73 58.02 -50.39
CA THR A 359 6.39 58.96 -49.49
C THR A 359 7.59 59.61 -50.17
N GLU A 360 8.47 58.81 -50.76
CA GLU A 360 9.65 59.30 -51.45
C GLU A 360 9.56 58.96 -52.92
N LYS A 361 10.01 59.87 -53.77
CA LYS A 361 9.82 59.69 -55.22
C LYS A 361 10.60 58.51 -55.76
N ASP A 362 11.80 58.25 -55.23
CA ASP A 362 12.63 57.17 -55.72
C ASP A 362 12.34 55.84 -55.05
N SER A 363 11.34 55.77 -54.18
CA SER A 363 10.99 54.53 -53.51
C SER A 363 9.82 53.88 -54.23
N PRO A 364 10.01 52.73 -54.86
CA PRO A 364 8.87 52.03 -55.45
C PRO A 364 7.85 51.67 -54.37
N VAL A 365 6.59 51.65 -54.77
CA VAL A 365 5.47 51.32 -53.90
C VAL A 365 4.81 50.07 -54.45
N ASN A 366 4.77 49.02 -53.65
CA ASN A 366 4.18 47.75 -54.07
C ASN A 366 2.83 47.55 -53.38
N ILE A 367 1.77 47.85 -54.11
CA ILE A 367 0.41 47.81 -53.60
C ILE A 367 -0.13 46.40 -53.81
N GLU A 368 -0.87 45.89 -52.84
CA GLU A 368 -1.57 44.63 -52.98
C GLU A 368 -3.07 44.88 -53.10
N ALA A 369 -3.72 44.16 -53.99
CA ALA A 369 -5.16 44.25 -54.18
C ALA A 369 -5.74 42.85 -54.30
N GLU A 370 -7.05 42.77 -54.14
CA GLU A 370 -7.76 41.50 -54.32
C GLU A 370 -8.70 41.62 -55.51
N PRO A 371 -8.30 41.17 -56.69
CA PRO A 371 -9.14 41.34 -57.87
C PRO A 371 -10.34 40.42 -57.81
N PRO A 372 -11.24 40.50 -58.78
CA PRO A 372 -12.39 39.59 -58.83
C PRO A 372 -12.06 38.36 -59.66
N PHE A 373 -12.93 37.37 -59.56
CA PHE A 373 -12.77 36.15 -60.33
C PHE A 373 -13.04 36.41 -61.80
N GLY A 374 -12.01 36.29 -62.62
CA GLY A 374 -12.14 36.55 -64.04
C GLY A 374 -11.40 37.80 -64.46
N ASP A 375 -11.86 38.41 -65.55
CA ASP A 375 -11.18 39.57 -66.09
C ASP A 375 -11.37 40.80 -65.20
N SER A 376 -10.28 41.52 -64.96
CA SER A 376 -10.34 42.80 -64.29
C SER A 376 -9.11 43.59 -64.70
N TYR A 377 -9.16 44.90 -64.50
CA TYR A 377 -8.11 45.78 -64.97
C TYR A 377 -7.70 46.72 -63.84
N ILE A 378 -6.39 46.81 -63.60
CA ILE A 378 -5.83 47.62 -62.54
C ILE A 378 -5.48 48.99 -63.11
N ILE A 379 -6.15 50.03 -62.61
CA ILE A 379 -6.01 51.38 -63.12
C ILE A 379 -5.16 52.17 -62.15
N ILE A 380 -4.04 52.70 -62.62
CA ILE A 380 -3.11 53.44 -61.78
C ILE A 380 -2.78 54.76 -62.45
N GLY A 381 -3.13 55.85 -61.79
CA GLY A 381 -2.77 57.17 -62.27
C GLY A 381 -3.90 57.90 -62.96
N VAL A 382 -3.61 59.14 -63.31
CA VAL A 382 -4.56 60.02 -63.99
C VAL A 382 -4.47 59.83 -65.50
N GLU A 383 -5.44 60.39 -66.22
CA GLU A 383 -5.56 60.13 -67.66
C GLU A 383 -4.25 60.27 -68.43
N PRO A 384 -3.44 61.30 -68.23
CA PRO A 384 -2.17 61.37 -68.95
C PRO A 384 -1.15 60.40 -68.40
N GLY A 385 -0.89 59.32 -69.12
CA GLY A 385 0.03 58.30 -68.66
C GLY A 385 -0.57 57.26 -67.74
N GLN A 386 -1.89 57.18 -67.66
CA GLN A 386 -2.52 56.20 -66.78
C GLN A 386 -2.22 54.78 -67.23
N LEU A 387 -2.10 53.87 -66.28
CA LEU A 387 -1.81 52.47 -66.55
C LEU A 387 -3.10 51.66 -66.42
N LYS A 388 -3.38 50.85 -67.43
CA LYS A 388 -4.54 49.96 -67.42
C LYS A 388 -4.01 48.56 -67.64
N LEU A 389 -3.79 47.83 -66.54
CA LEU A 389 -3.21 46.50 -66.58
C LEU A 389 -4.32 45.47 -66.45
N SER A 390 -4.35 44.51 -67.37
CA SER A 390 -5.35 43.47 -67.33
C SER A 390 -4.92 42.35 -66.39
N TRP A 391 -5.90 41.53 -66.01
CA TRP A 391 -5.62 40.41 -65.12
C TRP A 391 -6.74 39.38 -65.26
N PHE A 392 -6.41 38.13 -64.94
CA PHE A 392 -7.39 37.04 -64.96
C PHE A 392 -7.18 36.20 -63.70
N LYS A 393 -8.20 36.16 -62.85
CA LYS A 393 -8.05 35.50 -61.55
C LYS A 393 -8.18 33.98 -61.62
N LYS A 394 -8.84 33.45 -62.65
CA LYS A 394 -8.87 32.01 -62.89
C LYS A 394 -9.41 31.25 -61.68
N GLY A 395 -10.66 31.48 -61.34
CA GLY A 395 -11.30 30.71 -60.29
C GLY A 395 -12.79 30.98 -60.24
N SER A 396 -13.44 30.35 -59.26
CA SER A 396 -14.87 30.49 -59.05
C SER A 396 -15.14 30.96 -57.63
N SER A 397 -16.27 31.66 -57.46
CA SER A 397 -16.74 31.94 -56.11
C SER A 397 -17.09 30.66 -55.36
N ILE A 398 -17.65 29.68 -56.06
CA ILE A 398 -17.91 28.38 -55.45
C ILE A 398 -16.59 27.69 -55.10
N GLY A 399 -15.59 27.78 -55.98
CA GLY A 399 -14.31 27.19 -55.66
C GLY A 399 -13.69 27.81 -54.42
N GLN A 400 -13.73 29.14 -54.33
CA GLN A 400 -13.17 29.80 -53.16
C GLN A 400 -13.97 29.48 -51.90
N MET A 401 -15.29 29.34 -52.04
CA MET A 401 -16.11 28.98 -50.89
C MET A 401 -15.77 27.58 -50.38
N PHE A 402 -15.60 26.63 -51.29
CA PHE A 402 -15.18 25.29 -50.88
C PHE A 402 -13.79 25.33 -50.24
N GLU A 403 -12.87 26.08 -50.83
CA GLU A 403 -11.53 26.19 -50.26
C GLU A 403 -11.58 26.76 -48.85
N THR A 404 -12.39 27.80 -48.64
CA THR A 404 -12.45 28.42 -47.31
C THR A 404 -13.14 27.50 -46.31
N THR A 405 -14.13 26.73 -46.76
CA THR A 405 -14.74 25.74 -45.87
C THR A 405 -13.73 24.68 -45.46
N MET A 406 -12.90 24.23 -46.41
CA MET A 406 -11.86 23.26 -46.07
C MET A 406 -10.85 23.86 -45.10
N ARG A 407 -10.46 25.11 -45.31
CA ARG A 407 -9.51 25.76 -44.40
C ARG A 407 -10.09 25.89 -42.99
N GLY A 408 -11.36 26.29 -42.90
CA GLY A 408 -12.00 26.40 -41.60
C GLY A 408 -12.12 25.05 -40.91
N ALA A 409 -12.44 24.00 -41.66
CA ALA A 409 -12.49 22.67 -41.09
C ALA A 409 -11.12 22.26 -40.55
N LYS A 410 -10.06 22.52 -41.32
CA LYS A 410 -8.73 22.17 -40.86
C LYS A 410 -8.37 22.94 -39.59
N ARG A 411 -8.72 24.22 -39.53
CA ARG A 411 -8.46 24.99 -38.32
C ARG A 411 -9.21 24.41 -37.13
N MET A 412 -10.47 24.02 -37.33
CA MET A 412 -11.20 23.35 -36.26
C MET A 412 -10.49 22.08 -35.83
N ALA A 413 -9.91 21.36 -36.79
CA ALA A 413 -9.17 20.14 -36.44
C ALA A 413 -7.89 20.42 -35.69
N ILE A 414 -7.27 21.57 -35.96
CA ILE A 414 -5.98 21.89 -35.34
C ILE A 414 -6.15 22.71 -34.08
N LEU A 415 -7.03 23.72 -34.10
CA LEU A 415 -7.23 24.61 -32.97
C LEU A 415 -8.32 24.14 -32.02
N GLY A 416 -8.99 23.04 -32.32
CA GLY A 416 -10.05 22.57 -31.43
C GLY A 416 -11.15 23.59 -31.34
N ASP A 417 -11.52 23.96 -30.11
CA ASP A 417 -12.56 24.96 -29.91
C ASP A 417 -12.03 26.39 -30.04
N THR A 418 -10.72 26.59 -30.00
CA THR A 418 -10.17 27.91 -30.26
C THR A 418 -10.41 28.38 -31.68
N ALA A 419 -10.80 27.47 -32.58
CA ALA A 419 -11.13 27.87 -33.94
C ALA A 419 -12.29 28.85 -33.96
N TRP A 420 -13.32 28.62 -33.14
CA TRP A 420 -14.45 29.52 -33.09
C TRP A 420 -14.06 30.93 -32.67
N ASP A 421 -12.90 31.08 -32.03
CA ASP A 421 -12.43 32.37 -31.55
C ASP A 421 -11.68 33.16 -32.61
N PHE A 422 -11.50 32.59 -33.81
CA PHE A 422 -10.76 33.25 -34.88
C PHE A 422 -11.71 34.11 -35.70
N GLY A 423 -11.36 35.39 -35.86
CA GLY A 423 -12.22 36.28 -36.63
C GLY A 423 -13.61 36.40 -36.04
N SER A 424 -13.70 36.53 -34.72
CA SER A 424 -14.98 36.52 -34.03
C SER A 424 -15.29 37.93 -33.52
N LEU A 425 -16.57 38.26 -33.48
CA LEU A 425 -17.03 39.56 -33.00
C LEU A 425 -18.01 39.40 -31.84
N GLY A 426 -17.88 38.32 -31.08
CA GLY A 426 -18.69 38.12 -29.91
C GLY A 426 -20.14 37.78 -30.17
N GLY A 427 -20.44 37.24 -31.34
CA GLY A 427 -21.81 36.89 -31.65
C GLY A 427 -22.34 35.80 -30.74
N VAL A 428 -23.67 35.72 -30.65
CA VAL A 428 -24.28 34.66 -29.86
C VAL A 428 -24.11 33.32 -30.57
N PHE A 429 -24.25 33.30 -31.90
CA PHE A 429 -24.05 32.06 -32.64
C PHE A 429 -22.67 31.48 -32.39
N THR A 430 -21.64 32.32 -32.50
CA THR A 430 -20.28 31.84 -32.30
C THR A 430 -20.10 31.30 -30.88
N SER A 431 -20.66 31.98 -29.88
CA SER A 431 -20.48 31.54 -28.50
C SER A 431 -21.18 30.21 -28.25
N ILE A 432 -22.40 30.04 -28.77
CA ILE A 432 -23.09 28.77 -28.58
C ILE A 432 -22.35 27.66 -29.29
N GLY A 433 -21.90 27.92 -30.52
CA GLY A 433 -21.11 26.94 -31.23
C GLY A 433 -19.82 26.59 -30.50
N LYS A 434 -19.21 27.57 -29.86
CA LYS A 434 -17.97 27.31 -29.13
C LYS A 434 -18.23 26.45 -27.90
N ALA A 435 -19.32 26.70 -27.19
CA ALA A 435 -19.66 25.86 -26.04
C ALA A 435 -19.94 24.43 -26.48
N LEU A 436 -20.71 24.27 -27.56
CA LEU A 436 -20.98 22.94 -28.07
C LEU A 436 -19.70 22.25 -28.50
N HIS A 437 -18.81 22.98 -29.17
CA HIS A 437 -17.54 22.41 -29.59
C HIS A 437 -16.68 22.02 -28.40
N GLN A 438 -16.70 22.81 -27.33
CA GLN A 438 -15.95 22.44 -26.14
C GLN A 438 -16.45 21.13 -25.57
N VAL A 439 -17.77 20.97 -25.46
CA VAL A 439 -18.31 19.72 -24.93
C VAL A 439 -17.93 18.54 -25.82
N PHE A 440 -18.19 18.66 -27.12
CA PHE A 440 -17.93 17.56 -28.03
C PHE A 440 -16.44 17.24 -28.09
N GLY A 441 -15.59 18.26 -28.11
CA GLY A 441 -14.17 18.03 -28.14
C GLY A 441 -13.64 17.41 -26.86
N ALA A 442 -14.23 17.77 -25.71
CA ALA A 442 -13.87 17.09 -24.48
C ALA A 442 -14.18 15.61 -24.56
N ILE A 443 -15.39 15.28 -25.02
CA ILE A 443 -15.75 13.86 -25.13
C ILE A 443 -14.84 13.15 -26.12
N TYR A 444 -14.55 13.78 -27.25
CA TYR A 444 -13.74 13.15 -28.29
C TYR A 444 -12.28 13.00 -27.84
N GLY A 445 -11.74 13.99 -27.14
CA GLY A 445 -10.39 13.86 -26.63
C GLY A 445 -10.29 12.79 -25.56
N ALA A 446 -11.33 12.64 -24.75
CA ALA A 446 -11.38 11.53 -23.82
C ALA A 446 -11.39 10.19 -24.55
N ALA A 447 -12.16 10.10 -25.63
CA ALA A 447 -12.35 8.82 -26.31
C ALA A 447 -11.25 8.47 -27.28
N PHE A 448 -10.41 9.42 -27.69
CA PHE A 448 -9.45 9.17 -28.76
C PHE A 448 -8.05 9.62 -28.38
N SER A 449 -7.69 9.52 -27.11
CA SER A 449 -6.37 9.95 -26.65
C SER A 449 -5.39 8.78 -26.73
N GLY A 450 -4.23 9.03 -27.32
CA GLY A 450 -3.19 8.03 -27.38
C GLY A 450 -3.32 7.00 -28.49
N VAL A 451 -4.20 7.23 -29.45
CA VAL A 451 -4.43 6.28 -30.55
C VAL A 451 -3.87 6.87 -31.83
N SER A 452 -3.20 6.03 -32.61
CA SER A 452 -2.60 6.48 -33.86
C SER A 452 -3.68 6.81 -34.88
N TRP A 453 -3.26 7.49 -35.95
CA TRP A 453 -4.20 7.88 -36.99
C TRP A 453 -4.82 6.67 -37.68
N THR A 454 -4.09 5.56 -37.79
CA THR A 454 -4.67 4.35 -38.34
C THR A 454 -5.82 3.86 -37.47
N MET A 455 -5.65 3.91 -36.15
CA MET A 455 -6.76 3.56 -35.26
C MET A 455 -7.91 4.54 -35.42
N LYS A 456 -7.61 5.81 -35.64
CA LYS A 456 -8.66 6.79 -35.90
C LYS A 456 -9.46 6.42 -37.13
N ILE A 457 -8.78 6.04 -38.21
CA ILE A 457 -9.48 5.64 -39.43
C ILE A 457 -10.31 4.40 -39.18
N LEU A 458 -9.75 3.41 -38.49
CA LEU A 458 -10.49 2.18 -38.23
C LEU A 458 -11.74 2.45 -37.40
N ILE A 459 -11.60 3.27 -36.36
CA ILE A 459 -12.74 3.59 -35.50
C ILE A 459 -13.79 4.36 -36.30
N GLY A 460 -13.35 5.33 -37.10
CA GLY A 460 -14.30 6.08 -37.91
C GLY A 460 -15.07 5.18 -38.87
N VAL A 461 -14.37 4.25 -39.51
CA VAL A 461 -15.03 3.33 -40.44
C VAL A 461 -16.01 2.44 -39.71
N VAL A 462 -15.61 1.90 -38.56
CA VAL A 462 -16.50 1.02 -37.80
C VAL A 462 -17.75 1.78 -37.37
N ILE A 463 -17.58 3.00 -36.86
CA ILE A 463 -18.72 3.76 -36.38
C ILE A 463 -19.63 4.17 -37.53
N THR A 464 -19.03 4.52 -38.67
CA THR A 464 -19.85 4.82 -39.85
C THR A 464 -20.68 3.62 -40.25
N TRP A 465 -20.07 2.43 -40.27
CA TRP A 465 -20.83 1.23 -40.63
C TRP A 465 -21.93 0.97 -39.62
N ILE A 466 -21.64 1.11 -38.33
CA ILE A 466 -22.66 0.88 -37.31
C ILE A 466 -23.82 1.84 -37.50
N GLY A 467 -23.52 3.13 -37.69
CA GLY A 467 -24.57 4.11 -37.87
C GLY A 467 -25.39 3.88 -39.11
N MET A 468 -24.74 3.59 -40.23
CA MET A 468 -25.46 3.40 -41.48
C MET A 468 -26.18 2.05 -41.54
N ASN A 469 -25.92 1.14 -40.61
CA ASN A 469 -26.69 -0.09 -40.51
C ASN A 469 -27.53 -0.17 -39.24
N SER A 470 -27.95 0.98 -38.70
CA SER A 470 -28.80 1.01 -37.53
C SER A 470 -30.26 1.22 -37.94
N ARG A 471 -31.17 0.75 -37.08
CA ARG A 471 -32.60 0.88 -37.39
C ARG A 471 -33.05 2.33 -37.31
N SER A 472 -32.73 3.03 -36.24
CA SER A 472 -33.20 4.39 -36.06
C SER A 472 -32.60 5.31 -37.10
N THR A 473 -33.44 6.13 -37.73
CA THR A 473 -32.94 7.11 -38.69
C THR A 473 -32.21 8.25 -38.00
N SER A 474 -32.44 8.45 -36.70
CA SER A 474 -31.72 9.48 -35.96
C SER A 474 -30.37 8.98 -35.49
N LEU A 475 -30.35 7.85 -34.79
CA LEU A 475 -29.08 7.27 -34.35
C LEU A 475 -28.18 6.99 -35.54
N SER A 476 -28.76 6.53 -36.65
CA SER A 476 -27.96 6.30 -37.85
C SER A 476 -27.28 7.60 -38.30
N VAL A 477 -28.04 8.69 -38.36
CA VAL A 477 -27.48 9.95 -38.83
C VAL A 477 -26.38 10.43 -37.88
N SER A 478 -26.65 10.40 -36.58
CA SER A 478 -25.65 10.87 -35.62
C SER A 478 -24.39 10.03 -35.69
N LEU A 479 -24.52 8.70 -35.75
CA LEU A 479 -23.36 7.84 -35.80
C LEU A 479 -22.57 8.04 -37.10
N VAL A 480 -23.26 8.18 -38.23
CA VAL A 480 -22.54 8.39 -39.48
C VAL A 480 -21.81 9.72 -39.46
N LEU A 481 -22.44 10.76 -38.91
CA LEU A 481 -21.77 12.06 -38.80
C LEU A 481 -20.53 11.95 -37.92
N VAL A 482 -20.66 11.28 -36.78
CA VAL A 482 -19.51 11.11 -35.89
C VAL A 482 -18.40 10.36 -36.60
N GLY A 483 -18.75 9.28 -37.31
CA GLY A 483 -17.75 8.51 -38.00
C GLY A 483 -17.04 9.30 -39.08
N VAL A 484 -17.79 10.11 -39.84
CA VAL A 484 -17.17 10.91 -40.89
C VAL A 484 -16.25 11.96 -40.29
N VAL A 485 -16.66 12.59 -39.18
CA VAL A 485 -15.79 13.55 -38.53
C VAL A 485 -14.52 12.87 -38.04
N THR A 486 -14.66 11.68 -37.46
CA THR A 486 -13.49 10.94 -36.98
C THR A 486 -12.56 10.57 -38.13
N LEU A 487 -13.12 10.15 -39.25
CA LEU A 487 -12.32 9.85 -40.43
C LEU A 487 -11.57 11.09 -40.90
N TYR A 488 -12.25 12.22 -40.93
CA TYR A 488 -11.60 13.46 -41.35
C TYR A 488 -10.44 13.80 -40.42
N LEU A 489 -10.66 13.68 -39.11
CA LEU A 489 -9.59 13.97 -38.16
C LEU A 489 -8.42 13.03 -38.34
N GLY A 490 -8.69 11.74 -38.54
CA GLY A 490 -7.62 10.79 -38.75
C GLY A 490 -6.82 11.09 -40.01
N VAL A 491 -7.51 11.49 -41.07
CA VAL A 491 -6.83 11.85 -42.31
C VAL A 491 -6.00 13.12 -42.13
N MET A 492 -6.50 14.06 -41.32
CA MET A 492 -5.88 15.37 -41.16
C MET A 492 -5.07 15.47 -39.88
N VAL A 493 -4.55 14.37 -39.38
CA VAL A 493 -3.82 14.36 -38.11
C VAL A 493 -2.37 14.01 -38.40
N GLN A 494 -1.53 14.01 -37.36
CA GLN A 494 -0.13 13.64 -37.49
C GLN A 494 0.66 14.68 -38.27
N ALA A 495 0.22 15.94 -38.17
CA ALA A 495 0.87 17.02 -38.88
C ALA A 495 1.78 17.79 -37.93
N SER B 1 11.48 -1.55 -25.09
CA SER B 1 12.26 -0.36 -25.40
C SER B 1 11.43 0.89 -25.22
N VAL B 2 12.12 2.04 -25.19
CA VAL B 2 11.44 3.32 -25.09
C VAL B 2 10.77 3.66 -26.41
N ALA B 3 11.18 3.00 -27.50
CA ALA B 3 10.61 3.31 -28.81
C ALA B 3 9.23 2.69 -28.98
N LEU B 4 8.89 1.71 -28.15
CA LEU B 4 7.60 1.05 -28.28
C LEU B 4 6.46 1.90 -27.75
N VAL B 5 6.78 2.98 -27.05
CA VAL B 5 5.78 3.92 -26.54
C VAL B 5 5.99 5.26 -27.22
N PRO B 6 5.48 5.46 -28.42
CA PRO B 6 5.73 6.71 -29.15
C PRO B 6 4.90 7.86 -28.60
N HIS B 7 5.30 9.06 -29.00
CA HIS B 7 4.59 10.28 -28.62
C HIS B 7 3.63 10.68 -29.75
N VAL B 8 2.58 9.87 -29.90
CA VAL B 8 1.70 9.94 -31.05
C VAL B 8 0.36 10.60 -30.71
N GLY B 9 -0.43 9.97 -29.85
CA GLY B 9 -1.79 10.43 -29.62
C GLY B 9 -1.96 11.26 -28.37
N MET B 10 -1.01 12.17 -28.11
CA MET B 10 -1.06 12.94 -26.87
C MET B 10 -2.00 14.14 -26.98
N GLY B 11 -2.20 14.66 -28.17
CA GLY B 11 -3.09 15.80 -28.35
C GLY B 11 -2.42 17.15 -28.28
N LEU B 12 -1.09 17.21 -28.29
CA LEU B 12 -0.36 18.47 -28.35
C LEU B 12 -0.08 18.91 -29.78
N GLU B 13 -0.62 18.21 -30.77
CA GLU B 13 -0.27 18.49 -32.16
C GLU B 13 -0.70 19.91 -32.54
N THR B 14 0.09 20.53 -33.40
CA THR B 14 -0.18 21.86 -33.90
C THR B 14 -0.10 21.85 -35.42
N ARG B 15 -0.14 23.02 -36.03
CA ARG B 15 0.05 23.10 -37.47
C ARG B 15 1.49 22.81 -37.85
N THR B 16 2.43 23.10 -36.96
CA THR B 16 3.84 22.84 -37.22
C THR B 16 4.08 21.34 -37.40
N GLU B 17 4.97 21.01 -38.32
CA GLU B 17 5.28 19.60 -38.57
C GLU B 17 5.97 18.98 -37.36
N THR B 18 5.53 17.78 -37.01
CA THR B 18 6.08 17.07 -35.86
C THR B 18 7.48 16.53 -36.17
N TRP B 19 8.02 15.76 -35.23
CA TRP B 19 9.42 15.36 -35.32
C TRP B 19 9.68 14.48 -36.54
N MET B 20 8.92 13.39 -36.67
CA MET B 20 9.13 12.43 -37.75
C MET B 20 7.79 12.05 -38.36
N SER B 21 6.98 13.08 -38.66
CA SER B 21 5.64 12.83 -39.15
C SER B 21 5.65 12.02 -40.44
N SER B 22 6.39 12.49 -41.45
CA SER B 22 6.38 11.83 -42.75
C SER B 22 6.90 10.40 -42.65
N GLU B 23 8.03 10.22 -41.97
CA GLU B 23 8.62 8.89 -41.87
C GLU B 23 7.71 7.95 -41.08
N GLY B 24 7.17 8.41 -39.97
CA GLY B 24 6.36 7.58 -39.10
C GLY B 24 4.92 7.43 -39.48
N ALA B 25 4.47 8.12 -40.54
CA ALA B 25 3.07 8.00 -40.95
C ALA B 25 2.73 6.57 -41.35
N TRP B 26 3.54 5.97 -42.22
CA TRP B 26 3.23 4.68 -42.81
C TRP B 26 4.14 3.56 -42.33
N LYS B 27 4.94 3.81 -41.29
CA LYS B 27 5.88 2.80 -40.83
C LYS B 27 5.16 1.55 -40.35
N HIS B 28 4.10 1.73 -39.57
CA HIS B 28 3.40 0.57 -39.02
C HIS B 28 2.66 -0.19 -40.11
N ALA B 29 2.06 0.53 -41.07
CA ALA B 29 1.39 -0.15 -42.17
C ALA B 29 2.38 -0.98 -42.97
N GLN B 30 3.54 -0.42 -43.29
CA GLN B 30 4.51 -1.14 -44.09
C GLN B 30 5.12 -2.30 -43.30
N ARG B 31 5.31 -2.12 -42.00
CA ARG B 31 5.82 -3.20 -41.16
C ARG B 31 4.83 -4.35 -41.09
N ILE B 32 3.54 -4.04 -40.97
CA ILE B 32 2.53 -5.09 -41.00
C ILE B 32 2.55 -5.81 -42.34
N GLU B 33 2.65 -5.05 -43.44
CA GLU B 33 2.71 -5.69 -44.75
C GLU B 33 3.90 -6.63 -44.85
N THR B 34 5.07 -6.17 -44.40
CA THR B 34 6.26 -7.01 -44.46
C THR B 34 6.10 -8.26 -43.61
N TRP B 35 5.52 -8.12 -42.41
CA TRP B 35 5.32 -9.28 -41.55
C TRP B 35 4.36 -10.27 -42.21
N VAL B 36 3.29 -9.77 -42.84
CA VAL B 36 2.36 -10.65 -43.53
C VAL B 36 3.08 -11.40 -44.64
N LEU B 37 3.91 -10.70 -45.40
CA LEU B 37 4.66 -11.35 -46.47
C LEU B 37 5.60 -12.42 -45.93
N ARG B 38 6.26 -12.13 -44.81
CA ARG B 38 7.27 -13.04 -44.29
C ARG B 38 6.66 -14.25 -43.62
N HIS B 39 5.49 -14.09 -43.00
CA HIS B 39 4.83 -15.17 -42.27
C HIS B 39 3.42 -15.32 -42.80
N PRO B 40 3.26 -15.74 -44.05
CA PRO B 40 1.92 -15.93 -44.60
C PRO B 40 1.15 -17.05 -43.93
N GLY B 41 1.83 -17.97 -43.24
CA GLY B 41 1.11 -19.05 -42.59
C GLY B 41 0.14 -18.57 -41.53
N PHE B 42 0.58 -17.64 -40.68
CA PHE B 42 -0.31 -17.14 -39.64
C PHE B 42 -1.50 -16.41 -40.22
N THR B 43 -1.33 -15.79 -41.39
CA THR B 43 -2.43 -15.03 -41.99
C THR B 43 -3.59 -15.95 -42.38
N ILE B 44 -3.28 -17.13 -42.91
CA ILE B 44 -4.35 -18.06 -43.29
C ILE B 44 -5.07 -18.57 -42.05
N MET B 45 -4.33 -18.88 -40.99
CA MET B 45 -4.98 -19.32 -39.76
C MET B 45 -5.82 -18.21 -39.17
N ALA B 46 -5.35 -16.96 -39.25
CA ALA B 46 -6.14 -15.83 -38.79
C ALA B 46 -7.43 -15.70 -39.60
N ALA B 47 -7.34 -15.89 -40.92
CA ALA B 47 -8.53 -15.82 -41.75
C ALA B 47 -9.52 -16.92 -41.37
N ILE B 48 -9.03 -18.14 -41.16
CA ILE B 48 -9.91 -19.23 -40.77
C ILE B 48 -10.56 -18.96 -39.42
N LEU B 49 -9.78 -18.49 -38.45
CA LEU B 49 -10.32 -18.19 -37.13
C LEU B 49 -11.37 -17.08 -37.22
N ALA B 50 -11.10 -16.05 -38.01
CA ALA B 50 -12.08 -14.99 -38.18
C ALA B 50 -13.36 -15.52 -38.81
N TYR B 51 -13.22 -16.36 -39.82
CA TYR B 51 -14.40 -16.93 -40.48
C TYR B 51 -15.22 -17.76 -39.52
N THR B 52 -14.56 -18.55 -38.67
CA THR B 52 -15.27 -19.41 -37.74
C THR B 52 -15.91 -18.60 -36.62
N ILE B 53 -15.19 -17.65 -36.05
CA ILE B 53 -15.66 -16.95 -34.85
C ILE B 53 -16.82 -16.03 -35.18
N GLY B 54 -16.70 -15.26 -36.25
CA GLY B 54 -17.65 -14.20 -36.56
C GLY B 54 -18.84 -14.73 -37.36
N THR B 55 -20.04 -14.35 -36.92
CA THR B 55 -21.24 -14.69 -37.66
C THR B 55 -21.47 -13.72 -38.81
N THR B 56 -21.60 -12.44 -38.51
CA THR B 56 -21.72 -11.44 -39.56
C THR B 56 -20.42 -11.30 -40.33
N TYR B 57 -20.54 -11.00 -41.62
CA TYR B 57 -19.34 -10.81 -42.43
C TYR B 57 -18.53 -9.63 -41.93
N PHE B 58 -19.20 -8.59 -41.44
CA PHE B 58 -18.49 -7.45 -40.87
C PHE B 58 -17.67 -7.88 -39.66
N GLN B 59 -18.25 -8.72 -38.80
CA GLN B 59 -17.51 -9.23 -37.66
C GLN B 59 -16.32 -10.08 -38.10
N ARG B 60 -16.53 -10.89 -39.13
CA ARG B 60 -15.43 -11.73 -39.62
C ARG B 60 -14.25 -10.87 -40.08
N VAL B 61 -14.52 -9.85 -40.89
CA VAL B 61 -13.45 -8.98 -41.37
C VAL B 61 -12.81 -8.22 -40.22
N LEU B 62 -13.62 -7.74 -39.27
CA LEU B 62 -13.07 -7.00 -38.15
C LEU B 62 -12.13 -7.88 -37.34
N ILE B 63 -12.54 -9.11 -37.03
CA ILE B 63 -11.68 -10.01 -36.27
C ILE B 63 -10.43 -10.36 -37.05
N PHE B 64 -10.56 -10.61 -38.36
CA PHE B 64 -9.40 -10.93 -39.17
C PHE B 64 -8.39 -9.79 -39.14
N ILE B 65 -8.87 -8.56 -39.34
CA ILE B 65 -7.97 -7.41 -39.36
C ILE B 65 -7.33 -7.22 -38.00
N LEU B 66 -8.11 -7.38 -36.92
CA LEU B 66 -7.55 -7.20 -35.60
C LEU B 66 -6.46 -8.23 -35.31
N LEU B 67 -6.69 -9.49 -35.68
CA LEU B 67 -5.67 -10.51 -35.49
C LEU B 67 -4.42 -10.20 -36.31
N THR B 68 -4.60 -9.83 -37.58
CA THR B 68 -3.46 -9.58 -38.44
C THR B 68 -2.65 -8.39 -37.94
N ALA B 69 -3.33 -7.37 -37.42
CA ALA B 69 -2.62 -6.21 -36.89
C ALA B 69 -1.91 -6.53 -35.59
N VAL B 70 -2.59 -7.26 -34.69
CA VAL B 70 -2.03 -7.53 -33.37
C VAL B 70 -0.84 -8.47 -33.46
N ALA B 71 -0.88 -9.44 -34.38
CA ALA B 71 0.20 -10.42 -34.46
C ALA B 71 1.57 -9.77 -34.50
N PRO B 72 1.89 -8.93 -35.48
CA PRO B 72 3.16 -8.17 -35.40
C PRO B 72 3.24 -7.29 -34.16
N SER B 73 2.12 -6.73 -33.72
CA SER B 73 2.14 -5.74 -32.65
C SER B 73 2.70 -6.33 -31.36
N MET B 74 2.25 -7.54 -30.98
CA MET B 74 2.78 -8.17 -29.78
C MET B 74 4.21 -8.68 -30.00
N THR B 75 4.62 -8.80 -31.26
CA THR B 75 5.95 -9.28 -31.59
C THR B 75 7.02 -8.26 -31.17
N MET C 1 16.15 -50.99 34.03
CA MET C 1 14.87 -50.81 34.70
C MET C 1 14.52 -49.32 34.79
N ARG C 2 15.09 -48.52 33.88
CA ARG C 2 14.87 -47.08 33.90
C ARG C 2 13.48 -46.69 33.41
N CYS C 3 12.73 -47.63 32.84
CA CYS C 3 11.35 -47.34 32.44
C CYS C 3 10.40 -47.26 33.63
N ILE C 4 10.61 -48.10 34.64
CA ILE C 4 9.67 -48.12 35.76
C ILE C 4 9.54 -46.71 36.33
N GLY C 5 8.33 -46.18 36.31
CA GLY C 5 8.07 -44.86 36.83
C GLY C 5 7.82 -43.79 35.79
N ILE C 6 7.63 -44.15 34.53
CA ILE C 6 7.40 -43.20 33.44
C ILE C 6 5.98 -43.38 32.93
N SER C 7 5.25 -42.27 32.85
CA SER C 7 3.86 -42.37 32.39
C SER C 7 3.77 -42.83 30.95
N ASN C 8 4.65 -42.30 30.09
CA ASN C 8 4.67 -42.69 28.67
C ASN C 8 5.58 -43.90 28.50
N ARG C 9 5.08 -45.05 28.94
CA ARG C 9 5.81 -46.30 28.85
C ARG C 9 5.06 -47.24 27.91
N ASP C 10 5.80 -47.88 27.01
CA ASP C 10 5.23 -48.81 26.05
C ASP C 10 5.91 -50.15 26.19
N PHE C 11 5.11 -51.21 26.17
CA PHE C 11 5.59 -52.58 26.27
C PHE C 11 5.50 -53.23 24.90
N VAL C 12 6.61 -53.79 24.43
CA VAL C 12 6.68 -54.43 23.13
C VAL C 12 6.91 -55.91 23.34
N GLU C 13 6.03 -56.74 22.78
CA GLU C 13 6.02 -58.18 23.00
C GLU C 13 6.44 -58.90 21.73
N GLY C 14 7.36 -59.84 21.86
CA GLY C 14 7.67 -60.76 20.79
C GLY C 14 8.70 -60.20 19.82
N VAL C 15 9.24 -61.10 19.00
CA VAL C 15 10.21 -60.75 17.98
C VAL C 15 9.85 -61.49 16.70
N SER C 16 10.26 -60.92 15.58
CA SER C 16 9.97 -61.52 14.29
C SER C 16 10.94 -62.66 14.00
N GLY C 17 10.56 -63.50 13.03
CA GLY C 17 11.47 -64.52 12.55
C GLY C 17 12.79 -63.89 12.17
N GLY C 18 13.87 -64.40 12.74
CA GLY C 18 15.14 -63.70 12.70
C GLY C 18 15.46 -62.96 13.97
N SER C 19 14.53 -62.92 14.92
CA SER C 19 14.76 -62.33 16.23
C SER C 19 15.11 -60.86 16.12
N TRP C 20 14.18 -60.09 15.56
CA TRP C 20 14.31 -58.65 15.52
C TRP C 20 12.93 -58.02 15.61
N VAL C 21 12.88 -56.84 16.22
CA VAL C 21 11.67 -56.04 16.33
C VAL C 21 12.04 -54.59 16.10
N ASP C 22 11.24 -53.89 15.31
CA ASP C 22 11.47 -52.47 15.06
C ASP C 22 10.55 -51.64 15.95
N ILE C 23 11.11 -50.63 16.60
CA ILE C 23 10.39 -49.80 17.55
C ILE C 23 10.65 -48.34 17.21
N VAL C 24 9.79 -47.47 17.73
CA VAL C 24 9.91 -46.03 17.57
C VAL C 24 10.23 -45.43 18.93
N LEU C 25 11.36 -44.73 19.02
CA LEU C 25 11.87 -44.19 20.28
C LEU C 25 11.60 -42.70 20.32
N GLU C 26 10.48 -42.32 20.93
CA GLU C 26 10.19 -40.90 21.11
C GLU C 26 10.93 -40.36 22.32
N HIS C 27 11.11 -39.04 22.34
CA HIS C 27 11.69 -38.36 23.49
C HIS C 27 10.66 -38.29 24.61
N GLY C 28 11.13 -38.40 25.85
CA GLY C 28 10.24 -38.39 26.98
C GLY C 28 9.49 -39.68 27.22
N SER C 29 9.72 -40.69 26.38
CA SER C 29 9.11 -41.99 26.52
C SER C 29 10.19 -43.05 26.38
N CYS C 30 9.94 -44.22 26.96
CA CYS C 30 10.83 -45.35 26.82
C CYS C 30 10.02 -46.58 26.43
N VAL C 31 10.66 -47.49 25.70
CA VAL C 31 10.01 -48.69 25.20
C VAL C 31 10.65 -49.89 25.90
N THR C 32 9.83 -50.67 26.59
CA THR C 32 10.29 -51.90 27.23
C THR C 32 9.94 -53.09 26.34
N THR C 33 10.96 -53.80 25.88
CA THR C 33 10.78 -54.92 24.97
C THR C 33 11.12 -56.20 25.68
N MET C 34 10.31 -57.24 25.44
CA MET C 34 10.52 -58.55 26.05
C MET C 34 10.16 -59.63 25.05
N ALA C 35 10.88 -60.75 25.12
CA ALA C 35 10.66 -61.85 24.19
C ALA C 35 11.05 -63.15 24.88
N LYS C 36 10.51 -64.26 24.36
CA LYS C 36 10.74 -65.56 24.96
C LYS C 36 12.21 -65.85 25.10
N ASN C 37 12.64 -66.17 26.32
CA ASN C 37 14.02 -66.57 26.60
C ASN C 37 15.01 -65.45 26.27
N LYS C 38 14.53 -64.21 26.25
CA LYS C 38 15.37 -63.06 26.01
C LYS C 38 15.25 -62.09 27.18
N PRO C 39 16.33 -61.47 27.61
CA PRO C 39 16.24 -60.49 28.70
C PRO C 39 15.31 -59.35 28.31
N THR C 40 14.61 -58.80 29.31
CA THR C 40 13.78 -57.63 29.08
C THR C 40 14.65 -56.38 29.16
N LEU C 41 14.62 -55.57 28.09
CA LEU C 41 15.43 -54.38 27.99
C LEU C 41 14.54 -53.15 27.90
N ASP C 42 15.05 -52.02 28.39
CA ASP C 42 14.38 -50.74 28.28
C ASP C 42 15.24 -49.83 27.41
N PHE C 43 14.66 -49.33 26.33
CA PHE C 43 15.31 -48.39 25.44
C PHE C 43 14.64 -47.03 25.59
N GLU C 44 15.45 -45.99 25.80
CA GLU C 44 14.96 -44.62 25.88
C GLU C 44 15.82 -43.74 24.99
N LEU C 45 15.19 -42.86 24.25
CA LEU C 45 15.88 -41.80 23.51
C LEU C 45 16.04 -40.62 24.45
N ILE C 46 17.28 -40.30 24.82
CA ILE C 46 17.53 -39.30 25.84
C ILE C 46 18.11 -38.00 25.28
N LYS C 47 18.69 -38.02 24.09
CA LYS C 47 19.35 -36.84 23.55
C LYS C 47 19.31 -36.87 22.03
N THR C 48 19.21 -35.71 21.43
CA THR C 48 19.39 -35.53 20.00
C THR C 48 20.27 -34.30 19.79
N GLU C 49 21.26 -34.41 18.92
CA GLU C 49 22.18 -33.32 18.68
C GLU C 49 22.35 -33.09 17.20
N ALA C 50 22.36 -31.81 16.81
CA ALA C 50 22.67 -31.39 15.47
C ALA C 50 24.00 -30.66 15.48
N LYS C 51 24.92 -31.06 14.61
CA LYS C 51 26.27 -30.53 14.60
C LYS C 51 26.53 -29.80 13.29
N HIS C 52 27.44 -28.84 13.34
CA HIS C 52 27.84 -28.05 12.20
C HIS C 52 26.63 -27.36 11.55
N PRO C 53 25.85 -26.59 12.31
CA PRO C 53 24.72 -25.88 11.72
C PRO C 53 25.17 -24.73 10.84
N ALA C 54 24.30 -24.37 9.89
CA ALA C 54 24.53 -23.24 9.00
C ALA C 54 23.47 -22.19 9.24
N THR C 55 23.84 -20.92 9.03
CA THR C 55 22.93 -19.81 9.27
C THR C 55 22.14 -19.53 8.00
N LEU C 56 20.83 -19.80 8.05
CA LEU C 56 19.99 -19.54 6.88
C LEU C 56 19.68 -18.07 6.75
N ARG C 57 19.43 -17.38 7.87
CA ARG C 57 18.95 -16.02 7.80
C ARG C 57 18.92 -15.43 9.20
N LYS C 58 19.15 -14.12 9.29
CA LYS C 58 19.09 -13.38 10.53
C LYS C 58 17.95 -12.38 10.44
N TYR C 59 17.13 -12.32 11.48
CA TYR C 59 16.09 -11.31 11.58
C TYR C 59 16.48 -10.26 12.61
N CYS C 60 15.92 -9.07 12.46
CA CYS C 60 16.13 -7.98 13.40
C CYS C 60 14.86 -7.81 14.23
N ILE C 61 15.00 -7.94 15.54
CA ILE C 61 13.88 -7.77 16.45
C ILE C 61 13.95 -6.46 17.23
N GLU C 62 15.14 -5.88 17.37
CA GLU C 62 15.34 -4.59 18.03
C GLU C 62 16.18 -3.73 17.11
N ALA C 63 15.79 -2.47 16.93
CA ALA C 63 16.47 -1.57 16.02
C ALA C 63 16.67 -0.22 16.67
N LYS C 64 17.27 0.70 15.92
CA LYS C 64 17.42 2.08 16.36
C LYS C 64 17.65 2.95 15.14
N LEU C 65 17.00 4.10 15.09
CA LEU C 65 17.10 5.03 13.97
C LEU C 65 17.94 6.23 14.38
N THR C 66 18.75 6.73 13.46
CA THR C 66 19.57 7.90 13.69
C THR C 66 19.80 8.62 12.36
N ASN C 67 20.46 9.77 12.43
CA ASN C 67 20.81 10.53 11.24
C ASN C 67 19.58 10.82 10.38
N THR C 68 18.46 11.11 11.04
CA THR C 68 17.25 11.44 10.31
C THR C 68 17.46 12.72 9.50
N THR C 69 17.01 12.69 8.25
CA THR C 69 17.07 13.85 7.39
C THR C 69 15.82 13.91 6.54
N THR C 70 15.42 15.12 6.17
CA THR C 70 14.23 15.32 5.36
C THR C 70 14.51 16.36 4.29
N ALA C 71 13.86 16.19 3.14
CA ALA C 71 13.98 17.11 2.03
C ALA C 71 12.62 17.20 1.34
N SER C 72 12.36 18.36 0.72
CA SER C 72 11.07 18.60 0.10
C SER C 72 11.25 19.34 -1.21
N ARG C 73 10.22 19.28 -2.04
CA ARG C 73 10.20 19.96 -3.33
C ARG C 73 8.86 20.65 -3.53
N CYS C 74 8.87 21.73 -4.29
CA CYS C 74 7.65 22.44 -4.57
C CYS C 74 6.69 21.61 -5.42
N PRO C 75 5.40 21.91 -5.37
CA PRO C 75 4.43 21.12 -6.13
C PRO C 75 4.75 21.16 -7.62
N THR C 76 4.57 20.02 -8.28
CA THR C 76 4.77 19.86 -9.72
C THR C 76 6.23 19.86 -10.12
N GLN C 77 7.16 19.98 -9.18
CA GLN C 77 8.57 20.12 -9.50
C GLN C 77 9.35 18.82 -9.25
N GLY C 78 8.66 17.69 -9.30
CA GLY C 78 9.32 16.41 -9.20
C GLY C 78 9.36 15.82 -7.80
N GLU C 79 10.43 15.11 -7.48
CA GLU C 79 10.59 14.47 -6.19
C GLU C 79 11.82 15.04 -5.48
N PRO C 80 11.80 15.11 -4.15
CA PRO C 80 12.99 15.58 -3.43
C PRO C 80 14.11 14.54 -3.51
N SER C 81 15.34 15.01 -3.30
CA SER C 81 16.50 14.15 -3.35
C SER C 81 17.29 14.26 -2.05
N LEU C 82 17.63 13.11 -1.46
CA LEU C 82 18.57 13.03 -0.37
C LEU C 82 19.75 12.16 -0.79
N ASN C 83 20.95 12.63 -0.45
CA ASN C 83 22.13 11.79 -0.69
C ASN C 83 22.08 10.50 0.09
N GLU C 84 21.25 10.43 1.13
CA GLU C 84 21.15 9.22 1.94
C GLU C 84 20.33 8.14 1.26
N GLU C 85 19.46 8.50 0.31
CA GLU C 85 18.67 7.51 -0.39
C GLU C 85 19.55 6.48 -1.08
N GLN C 86 20.76 6.89 -1.50
CA GLN C 86 21.66 5.97 -2.17
C GLN C 86 22.10 4.84 -1.25
N ASP C 87 22.38 5.14 0.00
CA ASP C 87 22.79 4.12 0.95
C ASP C 87 21.61 3.24 1.34
N LYS C 88 21.88 1.95 1.50
CA LYS C 88 20.83 0.99 1.82
C LYS C 88 20.66 0.80 3.32
N ARG C 89 21.50 1.42 4.14
CA ARG C 89 21.31 1.41 5.58
C ARG C 89 20.33 2.47 6.05
N PHE C 90 19.81 3.28 5.14
CA PHE C 90 18.84 4.31 5.48
C PHE C 90 17.46 3.86 5.04
N VAL C 91 16.48 3.99 5.94
CA VAL C 91 15.09 3.70 5.61
C VAL C 91 14.45 4.99 5.15
N CYS C 92 14.03 5.03 3.89
CA CYS C 92 13.54 6.24 3.26
C CYS C 92 12.09 6.07 2.83
N LYS C 93 11.34 7.17 2.88
CA LYS C 93 9.93 7.17 2.58
C LYS C 93 9.57 8.46 1.84
N HIS C 94 8.76 8.33 0.81
CA HIS C 94 8.27 9.48 0.03
C HIS C 94 6.81 9.72 0.37
N SER C 95 6.48 10.98 0.63
CA SER C 95 5.11 11.38 0.92
C SER C 95 4.85 12.74 0.30
N MET C 96 3.67 13.29 0.56
CA MET C 96 3.26 14.59 0.04
C MET C 96 2.94 15.51 1.22
N VAL C 97 3.42 16.74 1.16
CA VAL C 97 3.16 17.74 2.19
C VAL C 97 2.64 19.00 1.52
N ASP C 98 1.65 19.64 2.15
CA ASP C 98 1.17 20.90 1.64
C ASP C 98 2.29 21.93 1.61
N ARG C 99 2.43 22.60 0.47
CA ARG C 99 3.37 23.69 0.31
C ARG C 99 2.62 24.92 -0.20
N GLY C 100 3.21 26.09 0.04
CA GLY C 100 2.61 27.32 -0.40
C GLY C 100 3.51 28.49 -0.06
N TRP C 101 2.94 29.69 -0.18
CA TRP C 101 3.70 30.88 0.18
C TRP C 101 4.15 30.82 1.63
N GLY C 102 3.35 30.19 2.50
CA GLY C 102 3.73 30.09 3.90
C GLY C 102 4.96 29.23 4.12
N ASN C 103 5.09 28.16 3.34
CA ASN C 103 6.20 27.23 3.45
C ASN C 103 7.47 27.72 2.74
N GLY C 104 7.43 28.90 2.14
CA GLY C 104 8.57 29.38 1.39
C GLY C 104 8.63 28.84 -0.02
N CYS C 105 7.48 28.50 -0.60
CA CYS C 105 7.39 28.02 -1.97
C CYS C 105 6.41 28.89 -2.74
N GLY C 106 6.65 28.99 -4.05
CA GLY C 106 5.86 29.92 -4.86
C GLY C 106 4.51 29.38 -5.27
N LEU C 107 4.37 28.06 -5.30
CA LEU C 107 3.14 27.43 -5.74
C LEU C 107 2.26 27.07 -4.54
N PHE C 108 1.12 26.44 -4.83
CA PHE C 108 0.13 26.07 -3.83
C PHE C 108 -0.39 24.67 -4.15
N GLY C 109 0.17 23.66 -3.49
CA GLY C 109 -0.29 22.30 -3.68
C GLY C 109 0.56 21.32 -2.90
N LYS C 110 0.26 20.05 -3.06
CA LYS C 110 1.00 18.99 -2.40
C LYS C 110 2.41 18.91 -3.00
N GLY C 111 3.41 19.19 -2.17
CA GLY C 111 4.79 19.03 -2.59
C GLY C 111 5.39 17.78 -1.98
N GLY C 112 6.24 17.11 -2.76
CA GLY C 112 6.81 15.86 -2.30
C GLY C 112 7.75 16.07 -1.13
N ILE C 113 7.89 15.02 -0.31
CA ILE C 113 8.79 15.02 0.84
C ILE C 113 9.39 13.64 0.98
N VAL C 114 10.64 13.59 1.46
CA VAL C 114 11.35 12.34 1.69
C VAL C 114 12.04 12.42 3.04
N THR C 115 11.87 11.37 3.85
CA THR C 115 12.51 11.27 5.15
C THR C 115 13.38 10.02 5.16
N CYS C 116 14.64 10.18 5.56
CA CYS C 116 15.60 9.08 5.59
C CYS C 116 16.24 9.02 6.97
N ALA C 117 16.33 7.82 7.53
CA ALA C 117 16.99 7.58 8.80
C ALA C 117 17.86 6.34 8.68
N MET C 118 18.89 6.26 9.52
CA MET C 118 19.80 5.12 9.47
C MET C 118 19.24 4.00 10.33
N PHE C 119 19.08 2.82 9.75
CA PHE C 119 18.54 1.65 10.44
C PHE C 119 19.70 0.85 11.01
N THR C 120 19.81 0.81 12.32
CA THR C 120 20.78 -0.01 13.02
C THR C 120 20.07 -1.08 13.83
N CYS C 121 20.55 -2.31 13.75
CA CYS C 121 19.97 -3.41 14.48
C CYS C 121 20.66 -3.55 15.83
N LYS C 122 19.88 -3.84 16.86
CA LYS C 122 20.42 -4.01 18.21
C LYS C 122 20.37 -5.44 18.70
N LYS C 123 19.32 -6.20 18.36
CA LYS C 123 19.19 -7.60 18.77
C LYS C 123 18.80 -8.43 17.56
N ASN C 124 19.58 -9.47 17.29
CA ASN C 124 19.37 -10.37 16.17
C ASN C 124 18.58 -11.59 16.60
N MET C 125 17.95 -12.25 15.64
CA MET C 125 17.27 -13.53 15.84
C MET C 125 17.77 -14.46 14.74
N GLU C 126 18.85 -15.17 15.03
CA GLU C 126 19.47 -16.04 14.03
C GLU C 126 18.61 -17.25 13.76
N GLY C 127 18.70 -17.76 12.53
CA GLY C 127 18.03 -18.98 12.15
C GLY C 127 18.98 -19.92 11.45
N LYS C 128 19.19 -21.10 12.01
CA LYS C 128 20.19 -22.03 11.52
C LYS C 128 19.54 -23.29 10.96
N ILE C 129 20.28 -23.96 10.07
CA ILE C 129 19.82 -25.16 9.40
C ILE C 129 20.94 -26.18 9.45
N VAL C 130 20.61 -27.44 9.67
CA VAL C 130 21.57 -28.52 9.78
C VAL C 130 21.18 -29.62 8.83
N GLN C 131 22.17 -30.20 8.16
CA GLN C 131 21.92 -31.33 7.29
C GLN C 131 21.57 -32.58 8.10
N PRO C 132 20.72 -33.45 7.57
CA PRO C 132 20.32 -34.65 8.32
C PRO C 132 21.48 -35.58 8.62
N GLU C 133 22.61 -35.44 7.94
CA GLU C 133 23.75 -36.31 8.18
C GLU C 133 24.50 -35.96 9.45
N ASN C 134 24.29 -34.78 10.01
CA ASN C 134 25.03 -34.33 11.18
C ASN C 134 24.29 -34.62 12.48
N LEU C 135 23.18 -35.32 12.43
CA LEU C 135 22.47 -35.68 13.65
C LEU C 135 23.26 -36.72 14.43
N GLU C 136 23.15 -36.66 15.76
CA GLU C 136 23.77 -37.63 16.65
C GLU C 136 22.74 -38.04 17.71
N TYR C 137 21.97 -39.07 17.42
CA TYR C 137 21.01 -39.57 18.40
C TYR C 137 21.72 -40.34 19.49
N THR C 138 21.29 -40.14 20.73
CA THR C 138 21.82 -40.86 21.88
C THR C 138 20.72 -41.70 22.49
N ILE C 139 20.99 -42.99 22.67
CA ILE C 139 20.02 -43.94 23.20
C ILE C 139 20.67 -44.68 24.35
N VAL C 140 19.84 -45.04 25.33
CA VAL C 140 20.29 -45.74 26.53
C VAL C 140 19.48 -47.02 26.68
N ILE C 141 20.18 -48.15 26.76
CA ILE C 141 19.56 -49.45 26.95
C ILE C 141 19.84 -49.89 28.37
N THR C 142 18.77 -50.21 29.11
CA THR C 142 18.90 -50.63 30.50
C THR C 142 18.23 -51.98 30.69
N PRO C 143 18.98 -53.07 30.86
CA PRO C 143 18.34 -54.37 31.07
C PRO C 143 17.62 -54.41 32.41
N HIS C 144 16.55 -55.19 32.48
CA HIS C 144 15.86 -55.42 33.75
C HIS C 144 16.70 -56.41 34.55
N SER C 145 17.80 -55.90 35.09
CA SER C 145 18.76 -56.71 35.81
C SER C 145 18.42 -56.89 37.28
N GLY C 146 17.44 -56.16 37.79
CA GLY C 146 17.04 -56.30 39.18
C GLY C 146 17.96 -55.64 40.19
N GLU C 147 18.88 -54.80 39.75
CA GLU C 147 19.71 -54.07 40.69
C GLU C 147 18.85 -53.23 41.62
N GLU C 148 19.32 -53.03 42.84
CA GLU C 148 18.51 -52.36 43.86
C GLU C 148 18.17 -50.94 43.44
N ASN C 149 19.13 -50.21 42.89
CA ASN C 149 18.96 -48.80 42.57
C ASN C 149 18.55 -48.55 41.13
N ALA C 150 18.30 -49.61 40.35
CA ALA C 150 17.99 -49.47 38.94
C ALA C 150 16.51 -49.28 38.66
N VAL C 151 15.66 -49.34 39.69
CA VAL C 151 14.22 -49.43 39.46
C VAL C 151 13.71 -48.20 38.72
N GLY C 152 14.27 -47.04 39.00
CA GLY C 152 13.89 -45.85 38.28
C GLY C 152 15.07 -44.93 38.02
N ASN C 153 16.27 -45.43 38.31
CA ASN C 153 17.47 -44.61 38.25
C ASN C 153 17.66 -44.09 36.82
N ASP C 154 17.73 -42.76 36.68
CA ASP C 154 18.00 -42.12 35.41
C ASP C 154 19.43 -41.62 35.31
N THR C 155 20.28 -41.97 36.26
CA THR C 155 21.70 -41.67 36.17
C THR C 155 22.42 -42.83 35.49
N GLY C 156 23.75 -42.83 35.52
CA GLY C 156 24.53 -43.87 34.89
C GLY C 156 24.74 -45.07 35.80
N LYS C 157 25.66 -45.93 35.37
CA LYS C 157 26.10 -47.14 36.06
C LYS C 157 25.10 -48.27 35.90
N HIS C 158 23.95 -48.06 35.26
CA HIS C 158 22.94 -49.08 35.13
C HIS C 158 22.74 -49.55 33.69
N GLY C 159 22.75 -48.63 32.73
CA GLY C 159 22.50 -48.98 31.34
C GLY C 159 23.66 -48.57 30.46
N LYS C 160 23.61 -49.07 29.22
CA LYS C 160 24.59 -48.73 28.20
C LYS C 160 23.93 -47.75 27.22
N GLU C 161 24.54 -46.59 27.05
CA GLU C 161 24.00 -45.55 26.19
C GLU C 161 24.86 -45.44 24.94
N ILE C 162 24.24 -45.54 23.78
CA ILE C 162 24.94 -45.55 22.51
C ILE C 162 24.54 -44.33 21.70
N LYS C 163 25.25 -44.10 20.61
CA LYS C 163 25.00 -42.96 19.72
C LYS C 163 24.62 -43.48 18.35
N VAL C 164 23.50 -43.02 17.84
CA VAL C 164 23.01 -43.39 16.51
C VAL C 164 23.34 -42.24 15.57
N THR C 165 24.08 -42.54 14.53
CA THR C 165 24.47 -41.55 13.55
C THR C 165 24.20 -42.07 12.14
N PRO C 166 23.91 -41.19 11.18
CA PRO C 166 23.68 -41.66 9.81
C PRO C 166 24.90 -42.31 9.19
N GLN C 167 26.10 -42.07 9.73
CA GLN C 167 27.30 -42.67 9.15
C GLN C 167 27.24 -44.18 9.22
N SER C 168 26.80 -44.73 10.35
CA SER C 168 26.76 -46.16 10.58
C SER C 168 25.34 -46.57 10.95
N SER C 169 24.78 -47.50 10.17
CA SER C 169 23.44 -48.00 10.47
C SER C 169 23.43 -48.98 11.64
N ILE C 170 24.49 -49.76 11.78
CA ILE C 170 24.58 -50.79 12.80
C ILE C 170 25.20 -50.16 14.04
N THR C 171 24.45 -50.14 15.13
CA THR C 171 24.94 -49.70 16.44
C THR C 171 24.80 -50.86 17.41
N GLU C 172 25.92 -51.29 18.00
CA GLU C 172 25.93 -52.39 18.94
C GLU C 172 26.42 -51.92 20.30
N ALA C 173 25.81 -52.45 21.36
CA ALA C 173 26.26 -52.23 22.72
C ALA C 173 26.35 -53.58 23.42
N GLU C 174 27.49 -53.87 24.03
CA GLU C 174 27.68 -55.13 24.74
C GLU C 174 27.31 -54.93 26.20
N LEU C 175 26.11 -55.36 26.56
CA LEU C 175 25.65 -55.28 27.93
C LEU C 175 26.34 -56.34 28.78
N THR C 176 26.88 -55.92 29.92
CA THR C 176 27.69 -56.79 30.75
C THR C 176 26.82 -57.94 31.26
N GLY C 177 27.05 -59.13 30.73
CA GLY C 177 26.31 -60.31 31.14
C GLY C 177 25.05 -60.58 30.34
N TYR C 178 24.66 -59.70 29.43
CA TYR C 178 23.43 -59.86 28.67
C TYR C 178 23.68 -60.04 27.18
N GLY C 179 24.92 -60.20 26.76
CA GLY C 179 25.21 -60.30 25.35
C GLY C 179 25.36 -58.94 24.69
N THR C 180 25.14 -58.93 23.38
CA THR C 180 25.29 -57.72 22.57
C THR C 180 23.95 -57.37 21.95
N VAL C 181 23.53 -56.13 22.15
CA VAL C 181 22.31 -55.61 21.53
C VAL C 181 22.70 -54.88 20.26
N THR C 182 22.01 -55.20 19.17
CA THR C 182 22.25 -54.58 17.87
C THR C 182 21.01 -53.81 17.46
N MET C 183 21.22 -52.55 17.07
CA MET C 183 20.14 -51.66 16.68
C MET C 183 20.40 -51.12 15.28
N GLU C 184 19.36 -51.11 14.46
CA GLU C 184 19.42 -50.57 13.10
C GLU C 184 18.46 -49.38 13.05
N CYS C 185 18.95 -48.21 13.44
CA CYS C 185 18.10 -47.03 13.51
C CYS C 185 18.17 -46.25 12.20
N SER C 186 17.04 -45.64 11.85
CA SER C 186 16.98 -44.80 10.66
C SER C 186 16.90 -43.34 11.07
N PRO C 187 18.03 -42.71 11.40
CA PRO C 187 18.00 -41.31 11.84
C PRO C 187 17.62 -40.32 10.75
N ARG C 188 17.68 -40.72 9.48
CA ARG C 188 17.34 -39.80 8.41
C ARG C 188 15.84 -39.55 8.32
N THR C 189 15.02 -40.58 8.54
CA THR C 189 13.58 -40.45 8.43
C THR C 189 12.93 -39.91 9.70
N GLY C 190 13.69 -39.76 10.78
CA GLY C 190 13.08 -39.32 12.03
C GLY C 190 12.43 -37.96 11.91
N LEU C 191 13.23 -36.92 11.72
CA LEU C 191 12.73 -35.56 11.60
C LEU C 191 13.32 -34.92 10.35
N ASP C 192 12.49 -34.19 9.63
CA ASP C 192 12.93 -33.55 8.39
C ASP C 192 13.78 -32.35 8.75
N PHE C 193 15.07 -32.57 8.95
CA PHE C 193 15.97 -31.50 9.34
C PHE C 193 16.41 -30.65 8.16
N ASN C 194 16.04 -31.03 6.95
CA ASN C 194 16.23 -30.17 5.78
C ASN C 194 14.95 -29.40 5.44
N GLU C 195 13.91 -29.54 6.25
CA GLU C 195 12.69 -28.75 6.13
C GLU C 195 12.39 -27.98 7.42
N MET C 196 13.38 -27.84 8.28
CA MET C 196 13.20 -27.19 9.58
C MET C 196 14.40 -26.30 9.86
N VAL C 197 14.19 -25.34 10.75
CA VAL C 197 15.21 -24.37 11.12
C VAL C 197 15.39 -24.38 12.62
N LEU C 198 16.61 -24.09 13.07
CA LEU C 198 16.94 -23.99 14.47
C LEU C 198 16.97 -22.51 14.87
N LEU C 199 15.78 -21.97 15.15
CA LEU C 199 15.68 -20.55 15.49
C LEU C 199 16.23 -20.30 16.88
N GLN C 200 16.91 -19.16 17.04
CA GLN C 200 17.65 -18.85 18.27
C GLN C 200 17.55 -17.36 18.55
N MET C 201 16.63 -16.98 19.42
CA MET C 201 16.39 -15.59 19.76
C MET C 201 16.86 -15.34 21.18
N GLU C 202 17.94 -14.57 21.32
CA GLU C 202 18.59 -14.33 22.61
C GLU C 202 18.99 -15.69 23.17
N ASN C 203 18.61 -16.04 24.39
CA ASN C 203 19.09 -17.24 25.06
C ASN C 203 18.16 -18.44 24.88
N LYS C 204 17.12 -18.32 24.08
CA LYS C 204 16.20 -19.43 23.82
C LYS C 204 16.33 -19.88 22.37
N ALA C 205 15.91 -21.10 22.11
CA ALA C 205 15.93 -21.66 20.76
C ALA C 205 14.63 -22.40 20.49
N TRP C 206 14.25 -22.46 19.22
CA TRP C 206 13.03 -23.14 18.82
C TRP C 206 13.28 -23.90 17.53
N LEU C 207 12.58 -25.01 17.36
CA LEU C 207 12.63 -25.80 16.13
C LEU C 207 11.39 -25.46 15.32
N VAL C 208 11.54 -24.59 14.33
CA VAL C 208 10.41 -24.02 13.62
C VAL C 208 10.41 -24.50 12.17
N HIS C 209 9.22 -24.51 11.59
CA HIS C 209 9.06 -24.89 10.19
C HIS C 209 9.82 -23.91 9.32
N ARG C 210 10.56 -24.44 8.35
CA ARG C 210 11.48 -23.60 7.58
C ARG C 210 10.73 -22.52 6.80
N GLN C 211 9.66 -22.90 6.12
CA GLN C 211 8.91 -21.91 5.35
C GLN C 211 8.28 -20.87 6.26
N TRP C 212 7.74 -21.31 7.40
CA TRP C 212 7.20 -20.37 8.38
C TRP C 212 8.27 -19.38 8.83
N PHE C 213 9.50 -19.86 9.03
CA PHE C 213 10.60 -18.98 9.40
C PHE C 213 10.90 -17.99 8.28
N LEU C 214 10.95 -18.46 7.05
CA LEU C 214 11.27 -17.59 5.93
C LEU C 214 10.19 -16.55 5.66
N ASP C 215 8.96 -16.81 6.11
CA ASP C 215 7.85 -15.90 5.87
C ASP C 215 7.65 -14.89 7.00
N LEU C 216 8.57 -14.83 7.96
CA LEU C 216 8.44 -13.86 9.04
C LEU C 216 8.53 -12.44 8.50
N PRO C 217 7.66 -11.54 8.96
CA PRO C 217 7.71 -10.13 8.51
C PRO C 217 8.60 -9.26 9.40
N LEU C 218 9.90 -9.41 9.26
CA LEU C 218 10.86 -8.62 10.01
C LEU C 218 12.04 -8.30 9.12
N PRO C 219 12.79 -7.24 9.44
CA PRO C 219 14.06 -7.02 8.73
C PRO C 219 14.96 -8.23 8.89
N TRP C 220 15.69 -8.56 7.82
CA TRP C 220 16.50 -9.75 7.84
C TRP C 220 17.72 -9.57 6.95
N LEU C 221 18.67 -10.47 7.11
CA LEU C 221 19.88 -10.59 6.34
C LEU C 221 19.98 -11.99 5.75
N PRO C 222 20.67 -12.16 4.62
CA PRO C 222 20.72 -13.47 3.98
C PRO C 222 21.41 -14.54 4.82
N GLY C 223 22.20 -14.16 5.83
CA GLY C 223 22.96 -15.09 6.61
C GLY C 223 24.33 -15.37 6.07
N ALA C 224 24.55 -15.05 4.79
CA ALA C 224 25.89 -15.09 4.20
C ALA C 224 26.63 -13.78 4.35
N ASP C 225 25.97 -12.73 4.87
CA ASP C 225 26.59 -11.42 4.93
C ASP C 225 27.63 -11.37 6.03
N THR C 226 28.69 -10.61 5.80
CA THR C 226 29.74 -10.40 6.79
C THR C 226 29.73 -8.99 7.35
N GLN C 227 28.93 -8.08 6.81
CA GLN C 227 28.87 -6.70 7.26
C GLN C 227 27.73 -6.46 8.24
N GLY C 228 26.56 -7.03 7.97
CA GLY C 228 25.45 -6.97 8.91
C GLY C 228 24.66 -5.68 8.91
N SER C 229 24.71 -4.88 7.83
CA SER C 229 24.04 -3.60 7.80
C SER C 229 23.02 -3.44 6.69
N ASN C 230 22.98 -4.36 5.72
CA ASN C 230 22.05 -4.25 4.59
C ASN C 230 20.77 -5.03 4.85
N TRP C 231 20.05 -4.64 5.90
CA TRP C 231 18.78 -5.28 6.19
C TRP C 231 17.80 -5.05 5.04
N ILE C 232 17.01 -6.06 4.73
CA ILE C 232 16.14 -6.00 3.56
C ILE C 232 14.79 -5.36 3.87
N GLN C 233 14.01 -5.94 4.78
CA GLN C 233 12.67 -5.43 5.06
C GLN C 233 12.71 -4.43 6.21
N LYS C 234 13.56 -3.41 6.05
CA LYS C 234 13.74 -2.43 7.12
C LYS C 234 12.43 -1.74 7.47
N GLU C 235 11.50 -1.62 6.53
CA GLU C 235 10.27 -0.88 6.73
C GLU C 235 9.19 -1.70 7.43
N THR C 236 9.50 -2.93 7.83
CA THR C 236 8.62 -3.72 8.68
C THR C 236 8.84 -3.44 10.17
N LEU C 237 9.85 -2.63 10.51
CA LEU C 237 10.18 -2.31 11.89
C LEU C 237 10.43 -0.83 12.05
N VAL C 238 9.72 0.00 11.28
CA VAL C 238 9.88 1.44 11.29
C VAL C 238 8.57 2.05 10.82
N THR C 239 8.18 3.16 11.42
CA THR C 239 6.94 3.84 11.08
C THR C 239 7.24 5.25 10.60
N PHE C 240 6.60 5.63 9.49
CA PHE C 240 6.68 6.98 8.95
C PHE C 240 5.36 7.67 9.24
N LYS C 241 5.42 8.79 9.94
CA LYS C 241 4.23 9.49 10.42
C LYS C 241 4.04 10.80 9.67
N ASN C 242 2.86 10.99 9.11
CA ASN C 242 2.46 12.26 8.51
C ASN C 242 1.13 12.64 9.14
N PRO C 243 1.16 13.16 10.37
CA PRO C 243 -0.10 13.33 11.11
C PRO C 243 -1.09 14.25 10.42
N HIS C 244 -0.67 15.48 10.11
CA HIS C 244 -1.57 16.50 9.59
C HIS C 244 -1.21 16.94 8.17
N ALA C 245 -0.37 16.18 7.48
CA ALA C 245 -0.04 16.43 6.08
C ALA C 245 0.80 17.70 5.92
N LYS C 246 1.65 18.00 6.89
CA LYS C 246 2.52 19.17 6.81
C LYS C 246 3.98 18.86 7.06
N LYS C 247 4.30 17.74 7.71
CA LYS C 247 5.67 17.29 7.83
C LYS C 247 5.67 15.78 8.09
N GLN C 248 6.82 15.15 7.87
CA GLN C 248 6.95 13.70 7.98
C GLN C 248 7.97 13.35 9.05
N ASP C 249 7.76 12.19 9.68
CA ASP C 249 8.56 11.75 10.81
C ASP C 249 8.75 10.25 10.74
N VAL C 250 9.75 9.75 11.47
CA VAL C 250 10.10 8.34 11.48
C VAL C 250 10.36 7.90 12.90
N VAL C 251 9.84 6.73 13.28
CA VAL C 251 10.13 6.13 14.58
C VAL C 251 10.53 4.68 14.36
N VAL C 252 11.29 4.15 15.32
CA VAL C 252 11.92 2.83 15.17
C VAL C 252 11.01 1.67 15.52
N LEU C 253 9.85 1.92 16.13
CA LEU C 253 8.84 0.87 16.33
C LEU C 253 9.35 -0.26 17.22
N GLY C 254 9.72 0.08 18.45
CA GLY C 254 9.82 -0.88 19.54
C GLY C 254 10.57 -2.17 19.30
N SER C 255 10.36 -3.15 20.18
CA SER C 255 11.08 -4.41 20.18
C SER C 255 10.12 -5.56 19.90
N GLN C 256 10.57 -6.50 19.07
CA GLN C 256 9.72 -7.59 18.61
C GLN C 256 10.01 -8.91 19.33
N GLU C 257 10.71 -8.87 20.47
CA GLU C 257 10.95 -10.09 21.21
C GLU C 257 9.65 -10.71 21.72
N GLY C 258 8.80 -9.89 22.34
CA GLY C 258 7.54 -10.42 22.85
C GLY C 258 6.62 -10.90 21.76
N ALA C 259 6.53 -10.14 20.66
CA ALA C 259 5.72 -10.58 19.54
C ALA C 259 6.26 -11.86 18.94
N MET C 260 7.58 -12.01 18.86
CA MET C 260 8.17 -13.26 18.38
C MET C 260 7.83 -14.41 19.33
N HIS C 261 7.89 -14.17 20.64
CA HIS C 261 7.51 -15.20 21.58
C HIS C 261 6.07 -15.63 21.38
N THR C 262 5.17 -14.66 21.16
CA THR C 262 3.78 -15.00 20.90
C THR C 262 3.64 -15.77 19.58
N ALA C 263 4.42 -15.40 18.57
CA ALA C 263 4.34 -16.05 17.27
C ALA C 263 4.95 -17.45 17.27
N LEU C 264 5.84 -17.74 18.21
CA LEU C 264 6.46 -19.05 18.31
C LEU C 264 5.59 -20.06 19.03
N THR C 265 4.41 -19.67 19.49
CA THR C 265 3.48 -20.63 20.07
C THR C 265 3.21 -21.74 19.07
N GLY C 266 3.24 -22.97 19.54
CA GLY C 266 3.11 -24.13 18.70
C GLY C 266 4.42 -24.78 18.32
N ALA C 267 5.55 -24.12 18.55
CA ALA C 267 6.86 -24.69 18.31
C ALA C 267 7.43 -25.27 19.59
N THR C 268 8.37 -26.19 19.45
CA THR C 268 8.99 -26.87 20.58
C THR C 268 10.35 -26.25 20.86
N GLU C 269 10.56 -25.82 22.10
CA GLU C 269 11.83 -25.21 22.48
C GLU C 269 12.94 -26.24 22.42
N ILE C 270 14.14 -25.78 22.04
CA ILE C 270 15.32 -26.62 21.98
C ILE C 270 16.47 -25.88 22.65
N GLN C 271 17.51 -26.62 22.98
CA GLN C 271 18.66 -26.09 23.71
C GLN C 271 19.80 -25.81 22.73
N MET C 272 19.66 -24.72 21.98
CA MET C 272 20.71 -24.30 21.05
C MET C 272 21.86 -23.58 21.75
N SER C 273 21.82 -23.46 23.07
CA SER C 273 22.84 -22.69 23.77
C SER C 273 24.23 -23.27 23.54
N SER C 274 24.36 -24.59 23.60
CA SER C 274 25.66 -25.22 23.40
C SER C 274 25.43 -26.56 22.70
N GLY C 275 25.59 -26.57 21.39
CA GLY C 275 25.57 -27.80 20.62
C GLY C 275 24.31 -28.07 19.84
N ASN C 276 23.22 -27.35 20.10
CA ASN C 276 21.95 -27.60 19.44
C ASN C 276 21.35 -28.93 19.88
N LEU C 277 21.27 -29.11 21.20
CA LEU C 277 20.68 -30.33 21.76
C LEU C 277 19.17 -30.27 21.62
N LEU C 278 18.60 -31.19 20.84
CA LEU C 278 17.17 -31.30 20.69
C LEU C 278 16.63 -32.38 21.61
N PHE C 279 15.59 -32.07 22.36
CA PHE C 279 14.94 -33.00 23.25
C PHE C 279 13.49 -33.23 22.83
N THR C 280 13.30 -33.36 21.52
CA THR C 280 12.00 -33.70 20.95
C THR C 280 12.23 -34.52 19.68
N GLY C 281 11.20 -35.25 19.28
CA GLY C 281 11.26 -36.08 18.10
C GLY C 281 11.32 -37.55 18.47
N HIS C 282 11.40 -38.38 17.42
CA HIS C 282 11.42 -39.82 17.58
C HIS C 282 12.59 -40.39 16.80
N LEU C 283 12.72 -41.71 16.84
CA LEU C 283 13.78 -42.42 16.11
C LEU C 283 13.34 -43.86 15.97
N LYS C 284 13.05 -44.28 14.74
CA LYS C 284 12.62 -45.66 14.47
C LYS C 284 13.84 -46.55 14.37
N CYS C 285 13.88 -47.62 15.16
CA CYS C 285 14.99 -48.55 15.17
C CYS C 285 14.47 -49.98 15.03
N ARG C 286 15.34 -50.85 14.52
CA ARG C 286 15.05 -52.27 14.39
C ARG C 286 15.97 -53.02 15.35
N LEU C 287 15.40 -53.46 16.47
CA LEU C 287 16.17 -54.15 17.48
C LEU C 287 16.45 -55.59 17.06
N ARG C 288 17.70 -56.01 17.17
CA ARG C 288 18.10 -57.39 16.91
C ARG C 288 18.48 -58.05 18.22
N MET C 289 17.69 -59.05 18.63
CA MET C 289 17.92 -59.77 19.88
C MET C 289 18.68 -61.07 19.68
N ASP C 290 19.20 -61.30 18.47
CA ASP C 290 19.83 -62.59 18.18
C ASP C 290 21.00 -62.85 19.11
N LYS C 291 21.79 -61.82 19.44
CA LYS C 291 23.00 -61.97 20.23
C LYS C 291 22.75 -61.75 21.72
N LEU C 292 21.50 -61.63 22.15
CA LEU C 292 21.21 -61.39 23.55
C LEU C 292 21.25 -62.68 24.34
N GLN C 293 21.60 -62.55 25.62
CA GLN C 293 21.67 -63.68 26.52
C GLN C 293 20.96 -63.33 27.82
N LEU C 294 20.33 -64.33 28.43
CA LEU C 294 19.75 -64.14 29.75
C LEU C 294 20.86 -64.05 30.79
N LYS C 295 20.77 -63.06 31.67
CA LYS C 295 21.82 -62.86 32.66
C LYS C 295 21.94 -64.06 33.59
N GLY C 296 20.83 -64.57 34.08
CA GLY C 296 20.84 -65.63 35.07
C GLY C 296 20.77 -67.03 34.53
N MET C 297 20.64 -67.20 33.22
CA MET C 297 20.54 -68.53 32.64
C MET C 297 21.77 -69.36 33.04
N SER C 298 21.54 -70.63 33.32
CA SER C 298 22.58 -71.50 33.85
C SER C 298 22.90 -71.15 35.30
N TYR C 299 21.87 -70.86 36.08
CA TYR C 299 21.94 -70.72 37.53
C TYR C 299 20.99 -71.72 38.16
N SER C 300 21.32 -72.16 39.37
CA SER C 300 20.42 -73.00 40.14
C SER C 300 19.36 -72.15 40.82
N MET C 301 18.20 -72.77 41.05
CA MET C 301 17.14 -72.07 41.75
C MET C 301 17.55 -71.79 43.18
N CYS C 302 17.12 -70.65 43.72
CA CYS C 302 17.37 -70.32 45.11
C CYS C 302 16.42 -71.13 45.99
N THR C 303 16.99 -71.93 46.90
CA THR C 303 16.20 -72.74 47.82
C THR C 303 16.09 -72.14 49.21
N GLY C 304 16.60 -70.93 49.43
CA GLY C 304 16.59 -70.32 50.74
C GLY C 304 15.33 -69.49 50.97
N LYS C 305 15.38 -68.72 52.05
CA LYS C 305 14.25 -67.86 52.43
C LYS C 305 14.46 -66.46 51.89
N PHE C 306 13.45 -65.94 51.21
CA PHE C 306 13.45 -64.57 50.72
C PHE C 306 12.69 -63.69 51.70
N LYS C 307 13.03 -62.40 51.71
CA LYS C 307 12.32 -61.43 52.52
C LYS C 307 12.05 -60.17 51.70
N VAL C 308 10.99 -59.48 52.05
CA VAL C 308 10.55 -58.28 51.33
C VAL C 308 11.22 -57.07 51.97
N VAL C 309 11.96 -56.30 51.17
CA VAL C 309 12.63 -55.10 51.66
C VAL C 309 11.97 -53.82 51.14
N LYS C 310 11.01 -53.93 50.23
CA LYS C 310 10.17 -52.81 49.83
C LYS C 310 8.86 -53.38 49.31
N GLU C 311 7.75 -52.94 49.91
CA GLU C 311 6.47 -53.55 49.60
C GLU C 311 6.10 -53.37 48.13
N ILE C 312 5.19 -54.22 47.66
CA ILE C 312 4.72 -54.12 46.29
C ILE C 312 4.15 -52.74 46.05
N ALA C 313 4.58 -52.11 44.96
CA ALA C 313 4.04 -50.83 44.51
C ALA C 313 3.48 -51.01 43.11
N GLU C 314 2.31 -50.42 42.87
CA GLU C 314 1.65 -50.54 41.58
C GLU C 314 2.06 -49.39 40.68
N THR C 315 2.46 -49.70 39.46
CA THR C 315 2.86 -48.68 38.50
C THR C 315 1.63 -48.11 37.78
N GLN C 316 1.84 -47.01 37.07
CA GLN C 316 0.76 -46.41 36.29
C GLN C 316 0.19 -47.37 35.26
N HIS C 317 0.96 -48.37 34.85
CA HIS C 317 0.57 -49.28 33.78
C HIS C 317 0.06 -50.60 34.30
N GLY C 318 -0.12 -50.74 35.61
CA GLY C 318 -0.66 -51.94 36.20
C GLY C 318 0.37 -52.98 36.60
N THR C 319 1.65 -52.77 36.27
CA THR C 319 2.66 -53.76 36.61
C THR C 319 3.26 -53.45 37.97
N ILE C 320 3.21 -54.42 38.87
CA ILE C 320 3.76 -54.27 40.21
C ILE C 320 5.26 -54.40 40.13
N VAL C 321 5.93 -53.82 41.12
CA VAL C 321 7.36 -54.00 41.31
C VAL C 321 7.60 -54.19 42.79
N ILE C 322 8.35 -55.23 43.15
CA ILE C 322 8.67 -55.53 44.54
C ILE C 322 10.18 -55.72 44.65
N ARG C 323 10.73 -55.35 45.80
CA ARG C 323 12.13 -55.57 46.12
C ARG C 323 12.22 -56.61 47.21
N VAL C 324 13.04 -57.63 46.99
CA VAL C 324 13.22 -58.72 47.94
C VAL C 324 14.70 -58.92 48.17
N GLN C 325 15.01 -59.65 49.23
CA GLN C 325 16.39 -59.99 49.55
C GLN C 325 16.48 -61.49 49.81
N TYR C 326 17.68 -62.03 49.62
CA TYR C 326 17.94 -63.46 49.77
C TYR C 326 18.75 -63.69 51.03
N GLU C 327 18.40 -64.75 51.76
CA GLU C 327 19.11 -65.11 52.98
C GLU C 327 19.85 -66.42 52.87
N GLY C 328 19.53 -67.25 51.89
CA GLY C 328 20.11 -68.57 51.82
C GLY C 328 21.49 -68.59 51.21
N ASP C 329 22.04 -69.80 51.12
CA ASP C 329 23.33 -70.02 50.50
C ASP C 329 23.15 -70.27 49.01
N GLY C 330 24.24 -70.57 48.32
CA GLY C 330 24.19 -70.64 46.87
C GLY C 330 23.79 -69.31 46.29
N SER C 331 24.47 -68.25 46.73
CA SER C 331 24.04 -66.90 46.41
C SER C 331 23.85 -66.66 44.92
N PRO C 332 24.76 -67.04 44.03
CA PRO C 332 24.50 -66.87 42.59
C PRO C 332 23.44 -67.85 42.08
N CYS C 333 22.21 -67.61 42.51
CA CYS C 333 21.07 -68.42 42.14
C CYS C 333 20.00 -67.51 41.56
N LYS C 334 18.93 -68.10 41.05
CA LYS C 334 17.84 -67.34 40.43
C LYS C 334 16.55 -67.53 41.22
N ILE C 335 15.80 -66.46 41.38
CA ILE C 335 14.68 -66.41 42.33
C ILE C 335 13.52 -67.23 41.79
N PRO C 336 12.92 -68.11 42.60
CA PRO C 336 11.62 -68.70 42.21
C PRO C 336 10.49 -67.72 42.43
N PHE C 337 9.96 -67.16 41.35
CA PHE C 337 8.92 -66.14 41.42
C PHE C 337 7.75 -66.55 40.54
N GLU C 338 6.55 -66.48 41.11
CA GLU C 338 5.33 -66.79 40.36
C GLU C 338 4.20 -65.91 40.85
N ILE C 339 3.22 -65.70 39.97
CA ILE C 339 1.98 -65.03 40.30
C ILE C 339 0.86 -66.04 40.10
N MET C 340 0.39 -66.61 41.20
CA MET C 340 -0.62 -67.65 41.18
C MET C 340 -1.99 -67.05 41.46
N ASP C 341 -3.03 -67.78 41.11
CA ASP C 341 -4.37 -67.39 41.48
C ASP C 341 -4.57 -67.61 42.98
N LEU C 342 -5.78 -67.29 43.46
CA LEU C 342 -6.06 -67.44 44.88
C LEU C 342 -6.02 -68.90 45.32
N GLU C 343 -6.34 -69.83 44.43
CA GLU C 343 -6.24 -71.25 44.74
C GLU C 343 -4.83 -71.80 44.54
N LYS C 344 -3.91 -70.99 44.05
CA LYS C 344 -2.53 -71.44 43.80
C LYS C 344 -2.51 -72.64 42.85
N ARG C 345 -3.35 -72.58 41.82
CA ARG C 345 -3.50 -73.67 40.86
C ARG C 345 -3.07 -73.30 39.45
N HIS C 346 -3.22 -72.04 39.06
CA HIS C 346 -2.80 -71.56 37.75
C HIS C 346 -1.86 -70.38 37.91
N VAL C 347 -0.93 -70.23 36.97
CA VAL C 347 0.02 -69.13 36.97
C VAL C 347 -0.57 -68.03 36.12
N LEU C 348 -1.11 -67.00 36.77
CA LEU C 348 -1.86 -65.95 36.07
C LEU C 348 -1.02 -64.77 35.65
N GLY C 349 -0.05 -64.37 36.45
CA GLY C 349 0.72 -63.19 36.13
C GLY C 349 1.81 -63.45 35.11
N ARG C 350 2.24 -62.37 34.49
CA ARG C 350 3.33 -62.39 33.52
C ARG C 350 4.49 -61.59 34.09
N LEU C 351 5.67 -62.22 34.18
CA LEU C 351 6.84 -61.56 34.73
C LEU C 351 7.49 -60.65 33.68
N ILE C 352 7.79 -59.42 34.07
CA ILE C 352 8.47 -58.48 33.19
C ILE C 352 9.97 -58.50 33.40
N THR C 353 10.42 -58.61 34.64
CA THR C 353 11.82 -58.96 34.93
C THR C 353 11.95 -60.44 34.62
N VAL C 354 12.28 -60.74 33.37
CA VAL C 354 11.99 -62.06 32.82
C VAL C 354 12.70 -63.15 33.62
N ASN C 355 13.95 -62.92 34.00
CA ASN C 355 14.72 -63.92 34.73
C ASN C 355 15.30 -63.30 35.99
N PRO C 356 14.56 -63.27 37.09
CA PRO C 356 15.10 -62.70 38.33
C PRO C 356 16.22 -63.57 38.88
N ILE C 357 17.34 -62.96 39.27
CA ILE C 357 18.45 -63.69 39.83
C ILE C 357 18.97 -62.96 41.06
N VAL C 358 19.66 -63.70 41.91
CA VAL C 358 20.34 -63.15 43.07
C VAL C 358 21.82 -63.19 42.75
N THR C 359 22.39 -62.05 42.38
CA THR C 359 23.82 -62.00 42.10
C THR C 359 24.62 -62.02 43.40
N GLU C 360 24.29 -61.11 44.31
CA GLU C 360 24.91 -61.06 45.63
C GLU C 360 23.88 -61.43 46.69
N LYS C 361 24.36 -62.00 47.80
CA LYS C 361 23.47 -62.33 48.90
C LYS C 361 22.92 -61.07 49.56
N ASP C 362 23.79 -60.14 49.92
CA ASP C 362 23.39 -58.94 50.65
C ASP C 362 23.12 -57.78 49.69
N SER C 363 22.22 -58.03 48.75
CA SER C 363 21.87 -57.02 47.77
C SER C 363 20.44 -57.24 47.30
N PRO C 364 19.53 -56.33 47.63
CA PRO C 364 18.13 -56.54 47.25
C PRO C 364 17.99 -56.59 45.74
N VAL C 365 16.99 -57.35 45.28
CA VAL C 365 16.72 -57.52 43.86
C VAL C 365 15.33 -56.97 43.58
N ASN C 366 15.22 -56.11 42.58
CA ASN C 366 13.94 -55.56 42.15
C ASN C 366 13.35 -56.48 41.08
N ILE C 367 12.07 -56.79 41.22
CA ILE C 367 11.36 -57.63 40.27
C ILE C 367 10.10 -56.88 39.87
N GLU C 368 9.84 -56.78 38.58
CA GLU C 368 8.59 -56.20 38.08
C GLU C 368 7.76 -57.29 37.42
N ALA C 369 6.49 -57.37 37.79
CA ALA C 369 5.58 -58.36 37.23
C ALA C 369 4.33 -57.65 36.73
N GLU C 370 3.43 -58.44 36.15
CA GLU C 370 2.15 -57.95 35.62
C GLU C 370 1.04 -58.82 36.17
N PRO C 371 0.64 -58.59 37.42
CA PRO C 371 -0.37 -59.45 38.02
C PRO C 371 -1.67 -59.37 37.26
N PRO C 372 -2.46 -60.44 37.27
CA PRO C 372 -3.77 -60.40 36.62
C PRO C 372 -4.74 -59.52 37.40
N PHE C 373 -5.78 -59.09 36.71
CA PHE C 373 -6.79 -58.26 37.33
C PHE C 373 -7.49 -59.03 38.45
N GLY C 374 -7.77 -58.33 39.54
CA GLY C 374 -8.46 -58.94 40.66
C GLY C 374 -7.51 -59.44 41.72
N ASP C 375 -7.88 -60.51 42.40
CA ASP C 375 -7.07 -61.07 43.49
C ASP C 375 -6.03 -61.99 42.88
N SER C 376 -4.79 -61.82 43.31
CA SER C 376 -3.68 -62.67 42.87
C SER C 376 -2.79 -63.00 44.06
N TYR C 377 -1.75 -63.80 43.80
CA TYR C 377 -0.78 -64.19 44.81
C TYR C 377 0.60 -64.07 44.21
N ILE C 378 1.46 -63.26 44.83
CA ILE C 378 2.86 -63.17 44.46
C ILE C 378 3.63 -64.10 45.37
N ILE C 379 4.05 -65.24 44.85
CA ILE C 379 4.78 -66.26 45.60
C ILE C 379 6.25 -66.18 45.22
N ILE C 380 7.09 -65.97 46.21
CA ILE C 380 8.53 -65.81 46.01
C ILE C 380 9.26 -66.79 46.90
N GLY C 381 10.17 -67.56 46.31
CA GLY C 381 10.90 -68.57 47.05
C GLY C 381 10.29 -69.95 46.90
N VAL C 382 10.89 -70.90 47.60
CA VAL C 382 10.47 -72.30 47.54
C VAL C 382 9.55 -72.62 48.70
N GLU C 383 8.87 -73.75 48.62
CA GLU C 383 7.80 -74.04 49.56
C GLU C 383 8.21 -74.01 51.04
N PRO C 384 9.39 -74.46 51.44
CA PRO C 384 9.68 -74.51 52.89
C PRO C 384 9.50 -73.16 53.58
N GLY C 385 9.89 -72.06 52.95
CA GLY C 385 9.72 -70.75 53.54
C GLY C 385 9.28 -69.68 52.57
N GLN C 386 8.50 -70.07 51.57
CA GLN C 386 8.15 -69.14 50.50
C GLN C 386 7.24 -68.04 51.01
N LEU C 387 7.42 -66.85 50.45
CA LEU C 387 6.59 -65.69 50.74
C LEU C 387 5.43 -65.68 49.74
N LYS C 388 4.23 -65.97 50.21
CA LYS C 388 3.04 -65.89 49.37
C LYS C 388 2.30 -64.61 49.77
N LEU C 389 2.38 -63.62 48.89
CA LEU C 389 1.88 -62.28 49.15
C LEU C 389 0.65 -62.03 48.29
N SER C 390 -0.40 -61.51 48.89
CA SER C 390 -1.62 -61.24 48.16
C SER C 390 -1.59 -59.83 47.59
N TRP C 391 -1.97 -59.70 46.33
CA TRP C 391 -2.07 -58.42 45.66
C TRP C 391 -3.38 -58.34 44.91
N PHE C 392 -3.96 -57.14 44.86
CA PHE C 392 -5.21 -56.89 44.16
C PHE C 392 -4.97 -55.82 43.10
N LYS C 393 -5.32 -56.14 41.85
CA LYS C 393 -5.14 -55.24 40.72
C LYS C 393 -6.52 -54.72 40.31
N LYS C 394 -6.77 -53.45 40.57
CA LYS C 394 -8.06 -52.85 40.23
C LYS C 394 -8.07 -52.51 38.75
N GLY C 395 -9.11 -52.94 38.05
CA GLY C 395 -9.20 -52.69 36.63
C GLY C 395 -10.02 -53.78 35.97
N SER C 396 -10.03 -53.75 34.64
CA SER C 396 -10.76 -54.75 33.87
C SER C 396 -10.05 -54.96 32.53
N SER C 397 -10.22 -56.15 31.97
CA SER C 397 -9.63 -56.43 30.67
C SER C 397 -10.24 -55.55 29.60
N ILE C 398 -11.53 -55.24 29.73
CA ILE C 398 -12.15 -54.29 28.80
C ILE C 398 -11.55 -52.91 28.98
N GLY C 399 -11.31 -52.50 30.23
CA GLY C 399 -10.62 -51.23 30.45
C GLY C 399 -9.23 -51.22 29.86
N GLN C 400 -8.52 -52.34 30.00
CA GLN C 400 -7.19 -52.46 29.39
C GLN C 400 -7.27 -52.31 27.87
N MET C 401 -8.25 -52.97 27.25
CA MET C 401 -8.39 -52.87 25.79
C MET C 401 -8.70 -51.44 25.37
N PHE C 402 -9.60 -50.77 26.08
CA PHE C 402 -9.94 -49.41 25.71
C PHE C 402 -8.76 -48.48 25.89
N GLU C 403 -8.02 -48.63 26.99
CA GLU C 403 -6.85 -47.79 27.21
C GLU C 403 -5.78 -48.04 26.17
N THR C 404 -5.59 -49.31 25.79
CA THR C 404 -4.62 -49.64 24.76
C THR C 404 -5.01 -49.05 23.41
N THR C 405 -6.30 -49.11 23.08
CA THR C 405 -6.77 -48.51 21.85
C THR C 405 -6.55 -47.01 21.86
N MET C 406 -6.83 -46.35 22.98
CA MET C 406 -6.61 -44.91 23.06
C MET C 406 -5.12 -44.58 22.95
N ARG C 407 -4.26 -45.39 23.56
CA ARG C 407 -2.83 -45.16 23.44
C ARG C 407 -2.35 -45.32 22.00
N GLY C 408 -2.84 -46.34 21.30
CA GLY C 408 -2.48 -46.51 19.91
C GLY C 408 -2.98 -45.40 19.02
N ALA C 409 -4.21 -44.94 19.27
CA ALA C 409 -4.72 -43.79 18.52
C ALA C 409 -3.89 -42.55 18.77
N LYS C 410 -3.51 -42.31 20.03
CA LYS C 410 -2.67 -41.16 20.34
C LYS C 410 -1.32 -41.26 19.67
N ARG C 411 -0.75 -42.47 19.63
CA ARG C 411 0.52 -42.67 18.95
C ARG C 411 0.40 -42.38 17.47
N MET C 412 -0.64 -42.92 16.82
CA MET C 412 -0.84 -42.63 15.41
C MET C 412 -1.11 -41.15 15.16
N ALA C 413 -1.67 -40.44 16.14
CA ALA C 413 -1.90 -39.01 15.99
C ALA C 413 -0.61 -38.22 16.11
N ILE C 414 0.39 -38.77 16.80
CA ILE C 414 1.65 -38.09 16.98
C ILE C 414 2.61 -38.37 15.83
N LEU C 415 2.65 -39.61 15.36
CA LEU C 415 3.63 -40.03 14.36
C LEU C 415 3.05 -40.32 12.99
N GLY C 416 1.76 -40.63 12.90
CA GLY C 416 1.20 -40.96 11.61
C GLY C 416 1.75 -42.27 11.09
N ASP C 417 2.32 -42.24 9.88
CA ASP C 417 2.83 -43.45 9.27
C ASP C 417 3.83 -44.17 10.16
N THR C 418 4.72 -43.43 10.80
CA THR C 418 5.78 -44.06 11.57
C THR C 418 5.25 -44.88 12.74
N ALA C 419 3.99 -44.67 13.13
CA ALA C 419 3.42 -45.41 14.24
C ALA C 419 2.95 -46.80 13.83
N TRP C 420 2.97 -47.12 12.54
CA TRP C 420 2.52 -48.42 12.07
C TRP C 420 3.57 -49.50 12.22
N ASP C 421 4.83 -49.14 12.49
CA ASP C 421 5.89 -50.10 12.69
C ASP C 421 6.52 -49.95 14.07
N PHE C 422 5.76 -49.47 15.04
CA PHE C 422 6.28 -49.34 16.39
C PHE C 422 6.63 -50.71 16.98
N GLY C 423 5.74 -51.68 16.85
CA GLY C 423 6.01 -53.02 17.30
C GLY C 423 5.69 -54.04 16.23
N SER C 424 5.94 -53.67 14.98
CA SER C 424 5.55 -54.48 13.83
C SER C 424 6.66 -55.49 13.54
N LEU C 425 6.28 -56.75 13.42
CA LEU C 425 7.21 -57.82 13.05
C LEU C 425 7.09 -58.11 11.55
N GLY C 426 7.43 -57.11 10.75
CA GLY C 426 7.11 -57.17 9.35
C GLY C 426 5.62 -57.32 9.16
N GLY C 427 5.21 -58.27 8.34
CA GLY C 427 3.81 -58.61 8.19
C GLY C 427 3.15 -57.91 7.02
N VAL C 428 2.25 -58.64 6.37
CA VAL C 428 1.52 -58.09 5.23
C VAL C 428 0.54 -57.03 5.68
N PHE C 429 -0.20 -57.30 6.77
CA PHE C 429 -1.16 -56.33 7.27
C PHE C 429 -0.47 -55.03 7.67
N THR C 430 0.68 -55.12 8.33
CA THR C 430 1.38 -53.92 8.76
C THR C 430 1.80 -53.08 7.56
N SER C 431 2.35 -53.71 6.53
CA SER C 431 2.78 -52.97 5.35
C SER C 431 1.58 -52.33 4.64
N ILE C 432 0.49 -53.08 4.50
CA ILE C 432 -0.69 -52.54 3.83
C ILE C 432 -1.25 -51.36 4.61
N GLY C 433 -1.34 -51.49 5.93
CA GLY C 433 -1.82 -50.39 6.75
C GLY C 433 -0.91 -49.19 6.67
N LYS C 434 0.40 -49.41 6.66
CA LYS C 434 1.33 -48.28 6.55
C LYS C 434 1.15 -47.56 5.22
N ALA C 435 0.98 -48.30 4.13
CA ALA C 435 0.80 -47.64 2.83
C ALA C 435 -0.51 -46.85 2.79
N LEU C 436 -1.60 -47.46 3.24
CA LEU C 436 -2.87 -46.75 3.29
C LEU C 436 -2.76 -45.51 4.16
N HIS C 437 -2.08 -45.62 5.30
CA HIS C 437 -1.90 -44.46 6.17
C HIS C 437 -1.06 -43.39 5.49
N GLN C 438 -0.02 -43.79 4.76
CA GLN C 438 0.78 -42.80 4.05
C GLN C 438 -0.09 -41.99 3.09
N VAL C 439 -0.90 -42.68 2.29
CA VAL C 439 -1.72 -41.98 1.30
C VAL C 439 -2.72 -41.06 2.00
N PHE C 440 -3.47 -41.60 2.96
CA PHE C 440 -4.52 -40.83 3.59
C PHE C 440 -3.94 -39.68 4.41
N GLY C 441 -2.81 -39.91 5.08
CA GLY C 441 -2.18 -38.86 5.84
C GLY C 441 -1.63 -37.77 4.96
N ALA C 442 -1.10 -38.12 3.78
CA ALA C 442 -0.69 -37.09 2.85
C ALA C 442 -1.87 -36.22 2.46
N ILE C 443 -2.98 -36.84 2.11
CA ILE C 443 -4.17 -36.07 1.76
C ILE C 443 -4.60 -35.17 2.91
N TYR C 444 -4.67 -35.74 4.11
CA TYR C 444 -5.16 -34.99 5.27
C TYR C 444 -4.23 -33.84 5.62
N GLY C 445 -2.91 -34.09 5.63
CA GLY C 445 -1.97 -33.03 5.93
C GLY C 445 -2.01 -31.92 4.91
N ALA C 446 -2.18 -32.27 3.63
CA ALA C 446 -2.36 -31.24 2.63
C ALA C 446 -3.60 -30.42 2.89
N ALA C 447 -4.69 -31.08 3.29
CA ALA C 447 -5.96 -30.39 3.46
C ALA C 447 -6.06 -29.60 4.76
N PHE C 448 -5.23 -29.91 5.76
CA PHE C 448 -5.35 -29.30 7.08
C PHE C 448 -4.06 -28.61 7.53
N SER C 449 -3.28 -28.09 6.60
CA SER C 449 -2.03 -27.45 6.95
C SER C 449 -2.28 -26.07 7.56
N GLY C 450 -1.46 -25.71 8.53
CA GLY C 450 -1.52 -24.37 9.10
C GLY C 450 -2.85 -23.96 9.66
N VAL C 451 -3.68 -24.92 10.08
CA VAL C 451 -5.00 -24.64 10.62
C VAL C 451 -5.00 -25.01 12.10
N SER C 452 -5.56 -24.13 12.93
CA SER C 452 -5.56 -24.35 14.36
C SER C 452 -6.53 -25.47 14.74
N TRP C 453 -6.46 -25.88 15.99
CA TRP C 453 -7.31 -26.98 16.45
C TRP C 453 -8.78 -26.59 16.46
N THR C 454 -9.10 -25.33 16.75
CA THR C 454 -10.49 -24.91 16.73
C THR C 454 -11.09 -25.04 15.34
N MET C 455 -10.33 -24.63 14.31
CA MET C 455 -10.81 -24.80 12.95
C MET C 455 -10.87 -26.26 12.56
N LYS C 456 -9.95 -27.07 13.08
CA LYS C 456 -10.03 -28.51 12.84
C LYS C 456 -11.32 -29.08 13.42
N ILE C 457 -11.67 -28.69 14.63
CA ILE C 457 -12.91 -29.17 15.24
C ILE C 457 -14.11 -28.69 14.44
N LEU C 458 -14.11 -27.42 14.03
CA LEU C 458 -15.22 -26.90 13.26
C LEU C 458 -15.40 -27.64 11.94
N ILE C 459 -14.30 -27.88 11.22
CA ILE C 459 -14.40 -28.57 9.94
C ILE C 459 -14.79 -30.01 10.14
N GLY C 460 -14.29 -30.65 11.20
CA GLY C 460 -14.73 -32.00 11.50
C GLY C 460 -16.22 -32.06 11.77
N VAL C 461 -16.74 -31.11 12.53
CA VAL C 461 -18.17 -31.06 12.81
C VAL C 461 -18.97 -30.83 11.54
N VAL C 462 -18.50 -29.93 10.67
CA VAL C 462 -19.22 -29.66 9.43
C VAL C 462 -19.23 -30.90 8.52
N ILE C 463 -18.09 -31.57 8.39
CA ILE C 463 -18.05 -32.77 7.57
C ILE C 463 -18.91 -33.87 8.17
N THR C 464 -18.91 -33.99 9.50
CA THR C 464 -19.76 -34.96 10.15
C THR C 464 -21.23 -34.68 9.87
N TRP C 465 -21.64 -33.41 9.95
CA TRP C 465 -23.04 -33.07 9.71
C TRP C 465 -23.41 -33.27 8.25
N ILE C 466 -22.48 -33.01 7.33
CA ILE C 466 -22.75 -33.28 5.92
C ILE C 466 -22.93 -34.77 5.70
N GLY C 467 -22.08 -35.60 6.30
CA GLY C 467 -22.22 -37.03 6.17
C GLY C 467 -23.48 -37.57 6.80
N MET C 468 -23.91 -36.98 7.92
CA MET C 468 -25.13 -37.43 8.58
C MET C 468 -26.38 -37.09 7.79
N ASN C 469 -26.33 -36.10 6.91
CA ASN C 469 -27.49 -35.70 6.12
C ASN C 469 -27.33 -36.05 4.64
N SER C 470 -26.38 -36.92 4.30
CA SER C 470 -26.20 -37.33 2.93
C SER C 470 -27.27 -38.35 2.53
N ARG C 471 -27.46 -38.49 1.21
CA ARG C 471 -28.41 -39.48 0.71
C ARG C 471 -27.76 -40.85 0.60
N SER C 472 -26.63 -40.95 -0.09
CA SER C 472 -25.97 -42.23 -0.31
C SER C 472 -25.17 -42.61 0.92
N THR C 473 -25.43 -43.79 1.46
CA THR C 473 -24.71 -44.26 2.63
C THR C 473 -23.24 -44.53 2.34
N SER C 474 -22.89 -44.82 1.09
CA SER C 474 -21.49 -45.02 0.74
C SER C 474 -20.69 -43.75 1.01
N LEU C 475 -21.23 -42.59 0.62
CA LEU C 475 -20.57 -41.32 0.89
C LEU C 475 -20.73 -40.90 2.35
N SER C 476 -21.90 -41.18 2.94
CA SER C 476 -22.17 -40.74 4.29
C SER C 476 -21.23 -41.39 5.30
N VAL C 477 -21.01 -42.70 5.16
CA VAL C 477 -20.13 -43.39 6.08
C VAL C 477 -18.72 -42.80 6.02
N SER C 478 -18.22 -42.61 4.80
CA SER C 478 -16.87 -42.07 4.63
C SER C 478 -16.78 -40.66 5.22
N LEU C 479 -17.77 -39.82 4.94
CA LEU C 479 -17.71 -38.45 5.41
C LEU C 479 -17.79 -38.38 6.93
N VAL C 480 -18.67 -39.19 7.54
CA VAL C 480 -18.78 -39.18 8.99
C VAL C 480 -17.51 -39.71 9.62
N LEU C 481 -16.90 -40.74 9.02
CA LEU C 481 -15.66 -41.26 9.57
C LEU C 481 -14.54 -40.23 9.50
N VAL C 482 -14.43 -39.53 8.36
CA VAL C 482 -13.45 -38.47 8.22
C VAL C 482 -13.70 -37.37 9.25
N GLY C 483 -14.97 -37.00 9.44
CA GLY C 483 -15.28 -35.97 10.40
C GLY C 483 -14.93 -36.36 11.82
N VAL C 484 -15.20 -37.60 12.20
CA VAL C 484 -14.88 -38.04 13.55
C VAL C 484 -13.37 -38.10 13.74
N VAL C 485 -12.63 -38.60 12.75
CA VAL C 485 -11.18 -38.60 12.85
C VAL C 485 -10.66 -37.18 13.00
N THR C 486 -11.23 -36.24 12.25
CA THR C 486 -10.79 -34.85 12.32
C THR C 486 -11.10 -34.23 13.68
N LEU C 487 -12.28 -34.55 14.24
CA LEU C 487 -12.61 -34.06 15.56
C LEU C 487 -11.62 -34.59 16.59
N TYR C 488 -11.30 -35.88 16.51
CA TYR C 488 -10.33 -36.46 17.44
C TYR C 488 -8.97 -35.79 17.29
N LEU C 489 -8.54 -35.56 16.05
CA LEU C 489 -7.25 -34.92 15.84
C LEU C 489 -7.23 -33.50 16.37
N GLY C 490 -8.32 -32.75 16.18
CA GLY C 490 -8.41 -31.43 16.74
C GLY C 490 -8.42 -31.43 18.26
N VAL C 491 -9.02 -32.45 18.86
CA VAL C 491 -9.03 -32.56 20.32
C VAL C 491 -7.65 -32.89 20.86
N MET C 492 -6.91 -33.77 20.17
CA MET C 492 -5.59 -34.17 20.62
C MET C 492 -4.47 -33.28 20.12
N VAL C 493 -4.72 -32.46 19.10
CA VAL C 493 -3.68 -31.66 18.46
C VAL C 493 -3.32 -30.49 19.36
N GLN C 494 -2.20 -29.82 19.03
CA GLN C 494 -1.73 -28.64 19.74
C GLN C 494 -1.14 -28.97 21.10
N ALA C 495 -0.75 -30.21 21.32
CA ALA C 495 -0.08 -30.59 22.56
C ALA C 495 1.41 -30.34 22.44
N SER D 1 2.11 -7.69 12.43
CA SER D 1 3.10 -8.13 13.40
C SER D 1 3.37 -9.61 13.26
N VAL D 2 4.51 -10.05 13.81
CA VAL D 2 4.82 -11.47 13.81
C VAL D 2 3.82 -12.25 14.64
N ALA D 3 3.25 -11.61 15.67
CA ALA D 3 2.31 -12.30 16.53
C ALA D 3 1.12 -12.84 15.77
N LEU D 4 0.74 -12.17 14.66
CA LEU D 4 -0.44 -12.57 13.92
C LEU D 4 -0.22 -13.85 13.13
N VAL D 5 1.00 -14.37 13.09
CA VAL D 5 1.32 -15.55 12.30
C VAL D 5 1.99 -16.58 13.19
N PRO D 6 1.26 -17.19 14.13
CA PRO D 6 1.88 -18.14 15.04
C PRO D 6 2.33 -19.40 14.31
N HIS D 7 2.91 -20.31 15.07
CA HIS D 7 3.46 -21.54 14.53
C HIS D 7 2.47 -22.71 14.62
N VAL D 8 1.20 -22.43 14.87
CA VAL D 8 0.21 -23.49 15.03
C VAL D 8 -0.14 -24.08 13.66
N GLY D 9 -0.28 -25.39 13.61
CA GLY D 9 -0.66 -26.08 12.39
C GLY D 9 0.46 -26.36 11.41
N MET D 10 1.71 -26.18 11.82
CA MET D 10 2.82 -26.45 10.92
C MET D 10 3.10 -27.94 10.76
N GLY D 11 2.54 -28.76 11.64
CA GLY D 11 2.68 -30.20 11.51
C GLY D 11 3.96 -30.79 12.03
N LEU D 12 4.75 -30.04 12.79
CA LEU D 12 5.96 -30.55 13.42
C LEU D 12 5.74 -31.03 14.84
N GLU D 13 4.51 -31.02 15.33
CA GLU D 13 4.26 -31.36 16.72
C GLU D 13 4.70 -32.78 17.02
N THR D 14 5.31 -32.96 18.19
CA THR D 14 5.70 -34.27 18.70
C THR D 14 5.05 -34.47 20.05
N ARG D 15 5.45 -35.54 20.74
CA ARG D 15 4.95 -35.79 22.09
C ARG D 15 5.28 -34.63 23.02
N THR D 16 6.47 -34.04 22.85
CA THR D 16 6.90 -32.95 23.73
C THR D 16 5.92 -31.79 23.66
N GLU D 17 5.68 -31.17 24.81
CA GLU D 17 4.82 -30.00 24.86
C GLU D 17 5.45 -28.84 24.10
N THR D 18 4.65 -28.14 23.33
CA THR D 18 5.15 -27.03 22.54
C THR D 18 5.28 -25.78 23.41
N TRP D 19 5.77 -24.71 22.80
CA TRP D 19 5.97 -23.46 23.51
C TRP D 19 4.62 -22.74 23.68
N MET D 20 4.31 -22.38 24.93
CA MET D 20 3.05 -21.71 25.26
C MET D 20 1.85 -22.51 24.77
N SER D 21 1.94 -23.84 24.89
CA SER D 21 0.80 -24.67 24.56
C SER D 21 -0.34 -24.45 25.54
N SER D 22 -0.10 -24.74 26.82
CA SER D 22 -1.12 -24.48 27.84
C SER D 22 -1.40 -22.99 27.96
N GLU D 23 -0.35 -22.17 27.93
CA GLU D 23 -0.51 -20.73 28.13
C GLU D 23 -1.29 -20.07 26.99
N GLY D 24 -1.45 -20.73 25.86
CA GLY D 24 -2.12 -20.12 24.73
C GLY D 24 -3.03 -21.03 23.94
N ALA D 25 -3.52 -22.11 24.56
CA ALA D 25 -4.41 -23.03 23.85
C ALA D 25 -5.81 -22.46 23.71
N TRP D 26 -6.32 -21.78 24.73
CA TRP D 26 -7.67 -21.22 24.73
C TRP D 26 -7.67 -19.71 24.56
N LYS D 27 -6.52 -19.10 24.24
CA LYS D 27 -6.46 -17.65 24.16
C LYS D 27 -7.37 -17.10 23.08
N HIS D 28 -7.42 -17.75 21.92
CA HIS D 28 -8.24 -17.25 20.83
C HIS D 28 -9.73 -17.32 21.19
N ALA D 29 -10.15 -18.44 21.77
CA ALA D 29 -11.56 -18.56 22.17
C ALA D 29 -11.92 -17.53 23.23
N GLN D 30 -11.04 -17.34 24.22
CA GLN D 30 -11.31 -16.34 25.24
C GLN D 30 -11.34 -14.94 24.63
N ARG D 31 -10.49 -14.69 23.63
CA ARG D 31 -10.48 -13.39 22.97
C ARG D 31 -11.79 -13.15 22.21
N ILE D 32 -12.28 -14.17 21.51
CA ILE D 32 -13.55 -14.00 20.81
C ILE D 32 -14.67 -13.76 21.81
N GLU D 33 -14.66 -14.48 22.93
CA GLU D 33 -15.69 -14.25 23.95
C GLU D 33 -15.62 -12.84 24.50
N THR D 34 -14.41 -12.36 24.81
CA THR D 34 -14.27 -11.00 25.32
C THR D 34 -14.73 -9.97 24.31
N TRP D 35 -14.37 -10.16 23.04
CA TRP D 35 -14.78 -9.22 22.01
C TRP D 35 -16.29 -9.19 21.85
N VAL D 36 -16.93 -10.36 21.83
CA VAL D 36 -18.38 -10.41 21.70
C VAL D 36 -19.04 -9.80 22.92
N LEU D 37 -18.43 -9.95 24.09
CA LEU D 37 -18.98 -9.36 25.30
C LEU D 37 -18.90 -7.85 25.26
N ARG D 38 -17.76 -7.31 24.81
CA ARG D 38 -17.60 -5.86 24.77
C ARG D 38 -18.34 -5.23 23.59
N HIS D 39 -18.70 -6.03 22.59
CA HIS D 39 -19.33 -5.52 21.37
C HIS D 39 -20.60 -6.32 21.08
N PRO D 40 -21.57 -6.28 22.00
CA PRO D 40 -22.81 -7.01 21.75
C PRO D 40 -23.56 -6.54 20.52
N GLY D 41 -23.34 -5.29 20.11
CA GLY D 41 -24.07 -4.73 18.99
C GLY D 41 -23.82 -5.45 17.68
N PHE D 42 -22.56 -5.72 17.37
CA PHE D 42 -22.24 -6.39 16.11
C PHE D 42 -22.67 -7.84 16.11
N THR D 43 -22.68 -8.49 17.28
CA THR D 43 -23.11 -9.88 17.32
C THR D 43 -24.56 -10.02 16.89
N ILE D 44 -25.43 -9.12 17.35
CA ILE D 44 -26.84 -9.17 16.98
C ILE D 44 -26.99 -8.95 15.47
N MET D 45 -26.26 -7.98 14.92
CA MET D 45 -26.33 -7.73 13.49
C MET D 45 -25.86 -8.96 12.71
N ALA D 46 -24.79 -9.59 13.17
CA ALA D 46 -24.32 -10.81 12.52
C ALA D 46 -25.36 -11.90 12.58
N ALA D 47 -26.04 -12.04 13.72
CA ALA D 47 -27.08 -13.05 13.83
C ALA D 47 -28.21 -12.78 12.85
N ILE D 48 -28.63 -11.52 12.74
CA ILE D 48 -29.72 -11.16 11.83
C ILE D 48 -29.29 -11.41 10.38
N LEU D 49 -28.08 -11.00 10.02
CA LEU D 49 -27.59 -11.22 8.67
C LEU D 49 -27.51 -12.70 8.35
N ALA D 50 -27.00 -13.50 9.28
CA ALA D 50 -26.88 -14.94 9.05
C ALA D 50 -28.25 -15.57 8.89
N TYR D 51 -29.21 -15.17 9.73
CA TYR D 51 -30.56 -15.69 9.58
C TYR D 51 -31.15 -15.33 8.22
N THR D 52 -30.96 -14.09 7.78
CA THR D 52 -31.51 -13.69 6.49
C THR D 52 -30.86 -14.44 5.35
N ILE D 53 -29.54 -14.59 5.38
CA ILE D 53 -28.83 -15.23 4.29
C ILE D 53 -29.09 -16.74 4.27
N GLY D 54 -29.04 -17.36 5.44
CA GLY D 54 -29.05 -18.82 5.50
C GLY D 54 -30.44 -19.38 5.27
N THR D 55 -30.59 -20.21 4.24
CA THR D 55 -31.87 -20.87 3.99
C THR D 55 -32.20 -21.86 5.10
N THR D 56 -31.21 -22.62 5.55
CA THR D 56 -31.40 -23.66 6.56
C THR D 56 -30.68 -23.29 7.84
N TYR D 57 -31.12 -23.90 8.94
CA TYR D 57 -30.52 -23.62 10.24
C TYR D 57 -29.02 -23.92 10.25
N PHE D 58 -28.60 -24.91 9.46
CA PHE D 58 -27.17 -25.23 9.41
C PHE D 58 -26.40 -24.10 8.75
N GLN D 59 -26.86 -23.64 7.60
CA GLN D 59 -26.17 -22.55 6.92
C GLN D 59 -26.18 -21.28 7.76
N ARG D 60 -27.33 -20.97 8.37
CA ARG D 60 -27.43 -19.77 9.18
C ARG D 60 -26.47 -19.81 10.36
N VAL D 61 -26.47 -20.92 11.10
CA VAL D 61 -25.59 -21.02 12.27
C VAL D 61 -24.14 -20.99 11.84
N LEU D 62 -23.81 -21.69 10.77
CA LEU D 62 -22.42 -21.70 10.29
C LEU D 62 -21.97 -20.28 9.92
N ILE D 63 -22.82 -19.54 9.20
CA ILE D 63 -22.46 -18.19 8.79
C ILE D 63 -22.31 -17.29 10.00
N PHE D 64 -23.22 -17.42 10.97
CA PHE D 64 -23.12 -16.61 12.18
C PHE D 64 -21.82 -16.89 12.92
N ILE D 65 -21.47 -18.17 13.05
CA ILE D 65 -20.23 -18.53 13.73
C ILE D 65 -19.03 -17.95 13.00
N LEU D 66 -19.02 -18.10 11.66
CA LEU D 66 -17.88 -17.62 10.89
C LEU D 66 -17.74 -16.11 11.00
N LEU D 67 -18.86 -15.38 10.90
CA LEU D 67 -18.79 -13.93 11.04
C LEU D 67 -18.28 -13.52 12.41
N THR D 68 -18.82 -14.12 13.47
CA THR D 68 -18.44 -13.74 14.82
C THR D 68 -16.98 -14.08 15.09
N ALA D 69 -16.50 -15.17 14.49
CA ALA D 69 -15.10 -15.55 14.68
C ALA D 69 -14.17 -14.63 13.91
N VAL D 70 -14.54 -14.27 12.68
CA VAL D 70 -13.66 -13.48 11.83
C VAL D 70 -13.56 -12.05 12.33
N ALA D 71 -14.68 -11.48 12.80
CA ALA D 71 -14.70 -10.05 13.12
C ALA D 71 -13.64 -9.68 14.15
N PRO D 72 -13.55 -10.33 15.32
CA PRO D 72 -12.51 -9.96 16.29
C PRO D 72 -11.10 -10.16 15.77
N SER D 73 -10.83 -11.33 15.17
CA SER D 73 -9.51 -11.61 14.64
C SER D 73 -9.09 -10.67 13.53
N MET D 74 -10.00 -10.36 12.59
CA MET D 74 -9.68 -9.40 11.55
C MET D 74 -9.49 -8.00 12.13
N THR D 75 -9.98 -7.76 13.34
CA THR D 75 -9.89 -6.46 13.98
C THR D 75 -8.45 -5.97 14.07
N MET E 1 -4.98 35.26 7.43
CA MET E 1 -4.64 34.63 6.16
C MET E 1 -3.86 33.35 6.37
N ARG E 2 -3.89 32.85 7.60
CA ARG E 2 -3.21 31.61 7.93
C ARG E 2 -3.83 30.40 7.24
N CYS E 3 -5.12 30.47 6.92
CA CYS E 3 -5.81 29.33 6.31
C CYS E 3 -5.39 29.10 4.87
N ILE E 4 -4.63 30.01 4.27
CA ILE E 4 -4.23 29.86 2.87
C ILE E 4 -3.03 28.91 2.83
N GLY E 5 -3.16 27.85 2.03
CA GLY E 5 -2.13 26.84 1.92
C GLY E 5 -2.46 25.52 2.57
N ILE E 6 -3.49 25.48 3.41
CA ILE E 6 -3.91 24.25 4.07
C ILE E 6 -4.88 23.51 3.15
N SER E 7 -4.60 22.23 2.90
CA SER E 7 -5.45 21.45 2.01
C SER E 7 -6.83 21.18 2.59
N ASN E 8 -6.97 21.23 3.91
CA ASN E 8 -8.25 21.01 4.56
C ASN E 8 -8.97 22.32 4.86
N ARG E 9 -8.52 23.42 4.28
CA ARG E 9 -9.21 24.69 4.44
C ARG E 9 -10.64 24.57 3.95
N ASP E 10 -11.56 25.21 4.67
CA ASP E 10 -12.98 25.16 4.36
C ASP E 10 -13.61 26.53 4.63
N PHE E 11 -14.70 26.81 3.92
CA PHE E 11 -15.25 28.15 3.86
C PHE E 11 -16.64 28.17 4.49
N VAL E 12 -16.90 29.20 5.27
CA VAL E 12 -18.20 29.42 5.90
C VAL E 12 -18.74 30.76 5.41
N GLU E 13 -19.93 30.75 4.85
CA GLU E 13 -20.57 31.95 4.34
C GLU E 13 -21.92 32.15 5.02
N GLY E 14 -22.21 33.39 5.38
CA GLY E 14 -23.48 33.73 5.98
C GLY E 14 -23.43 33.74 7.49
N VAL E 15 -24.45 34.36 8.08
CA VAL E 15 -24.62 34.42 9.53
C VAL E 15 -26.11 34.32 9.83
N SER E 16 -26.44 34.28 11.11
CA SER E 16 -27.81 34.15 11.56
C SER E 16 -28.25 35.44 12.24
N GLY E 17 -29.48 35.42 12.77
CA GLY E 17 -29.92 36.48 13.63
C GLY E 17 -28.96 36.61 14.79
N GLY E 18 -28.52 37.82 15.08
CA GLY E 18 -27.44 38.01 16.01
C GLY E 18 -26.06 37.80 15.42
N SER E 19 -25.97 37.62 14.11
CA SER E 19 -24.71 37.54 13.41
C SER E 19 -23.77 36.53 14.07
N TRP E 20 -24.27 35.31 14.20
CA TRP E 20 -23.49 34.20 14.70
C TRP E 20 -23.61 33.01 13.76
N VAL E 21 -22.63 32.12 13.83
CA VAL E 21 -22.63 30.90 13.03
C VAL E 21 -21.82 29.85 13.78
N ASP E 22 -22.31 28.62 13.80
CA ASP E 22 -21.58 27.52 14.42
C ASP E 22 -20.51 27.01 13.47
N ILE E 23 -19.33 26.73 14.01
CA ILE E 23 -18.22 26.18 13.25
C ILE E 23 -17.56 25.10 14.07
N VAL E 24 -17.11 24.03 13.40
CA VAL E 24 -16.33 22.97 14.02
C VAL E 24 -14.88 23.16 13.63
N LEU E 25 -14.00 23.30 14.62
CA LEU E 25 -12.58 23.50 14.38
C LEU E 25 -11.84 22.18 14.65
N GLU E 26 -11.08 21.73 13.66
CA GLU E 26 -10.25 20.55 13.81
C GLU E 26 -8.78 20.96 13.76
N HIS E 27 -7.93 20.13 14.37
CA HIS E 27 -6.53 20.50 14.50
C HIS E 27 -5.85 20.66 13.15
N GLY E 28 -6.05 19.69 12.25
CA GLY E 28 -5.46 19.80 10.94
C GLY E 28 -6.09 20.89 10.10
N SER E 29 -7.40 21.09 10.26
CA SER E 29 -8.16 21.94 9.35
C SER E 29 -8.11 23.41 9.77
N CYS E 30 -8.32 24.27 8.79
CA CYS E 30 -8.43 25.70 8.99
C CYS E 30 -9.77 26.15 8.39
N VAL E 31 -10.40 27.12 9.03
CA VAL E 31 -11.73 27.58 8.64
C VAL E 31 -11.64 29.05 8.31
N THR E 32 -12.14 29.44 7.14
CA THR E 32 -12.25 30.83 6.73
C THR E 32 -13.72 31.18 6.63
N THR E 33 -14.16 32.18 7.38
CA THR E 33 -15.55 32.56 7.47
C THR E 33 -15.77 33.89 6.77
N MET E 34 -16.86 33.98 6.01
CA MET E 34 -17.20 35.17 5.26
C MET E 34 -18.59 35.63 5.64
N ALA E 35 -18.76 36.94 5.78
CA ALA E 35 -20.04 37.54 6.09
C ALA E 35 -20.24 38.77 5.21
N LYS E 36 -21.49 39.17 5.06
CA LYS E 36 -21.82 40.24 4.12
C LYS E 36 -21.08 41.53 4.45
N ASN E 37 -21.09 41.93 5.73
CA ASN E 37 -20.45 43.16 6.14
C ASN E 37 -19.33 42.94 7.13
N LYS E 38 -18.90 41.70 7.32
CA LYS E 38 -17.88 41.35 8.28
C LYS E 38 -16.55 41.11 7.58
N PRO E 39 -15.44 41.33 8.26
CA PRO E 39 -14.14 40.96 7.68
C PRO E 39 -13.99 39.45 7.63
N THR E 40 -13.13 39.00 6.72
CA THR E 40 -12.88 37.57 6.57
C THR E 40 -11.84 37.13 7.60
N LEU E 41 -12.19 36.12 8.41
CA LEU E 41 -11.32 35.63 9.46
C LEU E 41 -10.91 34.20 9.18
N ASP E 42 -9.71 33.85 9.63
CA ASP E 42 -9.21 32.48 9.57
C ASP E 42 -9.15 31.91 10.98
N PHE E 43 -9.80 30.77 11.18
CA PHE E 43 -9.86 30.11 12.48
C PHE E 43 -9.12 28.79 12.40
N GLU E 44 -8.17 28.58 13.31
CA GLU E 44 -7.49 27.30 13.41
C GLU E 44 -7.37 26.91 14.87
N LEU E 45 -7.59 25.63 15.16
CA LEU E 45 -7.37 25.08 16.49
C LEU E 45 -5.94 24.56 16.53
N ILE E 46 -5.06 25.24 17.27
CA ILE E 46 -3.63 24.97 17.19
C ILE E 46 -3.11 24.12 18.34
N LYS E 47 -3.86 23.95 19.41
CA LYS E 47 -3.33 23.23 20.55
C LYS E 47 -4.47 22.80 21.48
N THR E 48 -4.41 21.55 21.92
CA THR E 48 -5.22 21.02 22.99
C THR E 48 -4.30 20.52 24.08
N GLU E 49 -4.52 20.96 25.31
CA GLU E 49 -3.66 20.56 26.43
C GLU E 49 -4.52 19.99 27.54
N ALA E 50 -4.05 18.88 28.13
CA ALA E 50 -4.67 18.29 29.30
C ALA E 50 -3.75 18.50 30.49
N LYS E 51 -4.33 18.93 31.61
CA LYS E 51 -3.56 19.31 32.78
C LYS E 51 -3.86 18.40 33.96
N HIS E 52 -2.86 18.24 34.83
CA HIS E 52 -2.97 17.43 36.03
C HIS E 52 -3.54 16.03 35.73
N PRO E 53 -2.90 15.27 34.86
CA PRO E 53 -3.37 13.91 34.60
C PRO E 53 -3.15 13.02 35.81
N ALA E 54 -4.00 12.01 35.94
CA ALA E 54 -3.92 11.05 37.04
C ALA E 54 -3.85 9.64 36.48
N THR E 55 -2.88 8.86 36.97
CA THR E 55 -2.67 7.53 36.43
C THR E 55 -3.85 6.61 36.75
N LEU E 56 -4.23 5.79 35.78
CA LEU E 56 -5.30 4.82 35.94
C LEU E 56 -4.77 3.40 36.13
N ARG E 57 -3.78 3.02 35.36
CA ARG E 57 -3.14 1.72 35.50
C ARG E 57 -1.72 1.82 34.98
N LYS E 58 -0.83 1.02 35.55
CA LYS E 58 0.52 0.82 35.05
C LYS E 58 0.61 -0.60 34.51
N TYR E 59 1.02 -0.75 33.26
CA TYR E 59 1.19 -2.05 32.66
C TYR E 59 2.67 -2.39 32.55
N CYS E 60 2.96 -3.68 32.60
CA CYS E 60 4.33 -4.17 32.45
C CYS E 60 4.51 -4.65 31.03
N ILE E 61 5.46 -4.05 30.32
CA ILE E 61 5.79 -4.47 28.97
C ILE E 61 7.06 -5.30 28.92
N GLU E 62 7.87 -5.25 29.99
CA GLU E 62 9.07 -6.06 30.11
C GLU E 62 9.30 -6.39 31.57
N ALA E 63 9.53 -7.66 31.86
CA ALA E 63 9.74 -8.13 33.22
C ALA E 63 10.95 -9.04 33.28
N LYS E 64 11.30 -9.45 34.50
CA LYS E 64 12.39 -10.40 34.70
C LYS E 64 12.03 -11.28 35.90
N LEU E 65 12.26 -12.58 35.76
CA LEU E 65 11.97 -13.53 36.82
C LEU E 65 13.26 -13.92 37.55
N THR E 66 13.17 -14.03 38.86
CA THR E 66 14.29 -14.45 39.68
C THR E 66 13.76 -15.30 40.83
N ASN E 67 14.68 -15.75 41.68
CA ASN E 67 14.33 -16.47 42.91
C ASN E 67 13.40 -17.64 42.63
N THR E 68 13.72 -18.41 41.60
CA THR E 68 12.92 -19.59 41.28
C THR E 68 13.03 -20.61 42.40
N THR E 69 11.88 -21.16 42.80
CA THR E 69 11.82 -22.25 43.75
C THR E 69 10.80 -23.27 43.27
N THR E 70 10.98 -24.51 43.73
CA THR E 70 10.09 -25.60 43.38
C THR E 70 9.78 -26.42 44.61
N ALA E 71 8.62 -27.07 44.59
CA ALA E 71 8.22 -28.01 45.62
C ALA E 71 7.43 -29.12 44.96
N SER E 72 7.64 -30.36 45.38
CA SER E 72 6.97 -31.50 44.79
C SER E 72 6.41 -32.41 45.87
N ARG E 73 5.31 -33.07 45.55
CA ARG E 73 4.66 -34.01 46.46
C ARG E 73 4.60 -35.38 45.80
N CYS E 74 4.28 -36.39 46.62
CA CYS E 74 4.19 -37.76 46.14
C CYS E 74 2.91 -37.96 45.36
N PRO E 75 2.77 -39.11 44.68
CA PRO E 75 1.68 -39.26 43.71
C PRO E 75 0.29 -39.05 44.29
N THR E 76 0.05 -39.47 45.54
CA THR E 76 -1.28 -39.39 46.12
C THR E 76 -1.32 -38.53 47.38
N GLN E 77 -0.30 -37.73 47.63
CA GLN E 77 -0.23 -36.92 48.84
C GLN E 77 -0.87 -35.54 48.68
N GLY E 78 -1.49 -35.26 47.54
CA GLY E 78 -2.12 -33.98 47.33
C GLY E 78 -1.17 -32.93 46.81
N GLU E 79 -1.73 -31.75 46.53
CA GLU E 79 -0.95 -30.69 45.93
C GLU E 79 0.09 -30.16 46.93
N PRO E 80 1.27 -29.78 46.46
CA PRO E 80 2.29 -29.22 47.35
C PRO E 80 2.00 -27.76 47.65
N SER E 81 2.78 -27.22 48.57
CA SER E 81 2.65 -25.82 48.99
C SER E 81 4.02 -25.19 49.07
N LEU E 82 4.11 -23.92 48.67
CA LEU E 82 5.30 -23.11 48.84
C LEU E 82 4.97 -21.86 49.65
N ASN E 83 5.97 -21.39 50.40
CA ASN E 83 5.81 -20.17 51.16
C ASN E 83 5.47 -19.00 50.24
N GLU E 84 6.10 -18.95 49.06
CA GLU E 84 5.90 -17.85 48.15
C GLU E 84 4.49 -17.80 47.57
N GLU E 85 3.75 -18.91 47.61
CA GLU E 85 2.39 -18.91 47.08
C GLU E 85 1.56 -17.79 47.70
N GLN E 86 1.75 -17.53 48.99
CA GLN E 86 1.09 -16.40 49.63
C GLN E 86 1.62 -15.07 49.09
N ASP E 87 2.84 -15.06 48.60
CA ASP E 87 3.50 -13.83 48.21
C ASP E 87 2.95 -13.30 46.89
N LYS E 88 2.59 -12.03 46.86
CA LYS E 88 1.98 -11.43 45.69
C LYS E 88 2.97 -11.00 44.62
N ARG E 89 4.25 -10.88 44.96
CA ARG E 89 5.25 -10.58 43.95
C ARG E 89 5.83 -11.82 43.32
N PHE E 90 5.43 -13.00 43.77
CA PHE E 90 5.87 -14.27 43.20
C PHE E 90 4.76 -14.84 42.34
N VAL E 91 5.12 -15.32 41.16
CA VAL E 91 4.18 -15.94 40.24
C VAL E 91 4.38 -17.46 40.29
N CYS E 92 3.30 -18.20 40.55
CA CYS E 92 3.36 -19.62 40.80
C CYS E 92 2.53 -20.40 39.80
N LYS E 93 2.83 -21.69 39.68
CA LYS E 93 2.13 -22.58 38.77
C LYS E 93 2.14 -23.98 39.35
N HIS E 94 0.97 -24.64 39.35
CA HIS E 94 0.86 -26.01 39.81
C HIS E 94 0.77 -26.95 38.61
N SER E 95 1.49 -28.06 38.69
CA SER E 95 1.47 -29.07 37.65
C SER E 95 1.69 -30.43 38.31
N MET E 96 1.86 -31.46 37.48
CA MET E 96 2.07 -32.82 37.96
C MET E 96 3.23 -33.44 37.22
N VAL E 97 4.04 -34.22 37.93
CA VAL E 97 5.22 -34.86 37.36
C VAL E 97 5.12 -36.35 37.61
N ASP E 98 5.78 -37.14 36.76
CA ASP E 98 5.86 -38.57 36.98
C ASP E 98 6.74 -38.86 38.18
N ARG E 99 6.22 -39.64 39.11
CA ARG E 99 6.89 -39.91 40.38
C ARG E 99 6.93 -41.41 40.64
N GLY E 100 7.98 -41.83 41.33
CA GLY E 100 8.12 -43.24 41.65
C GLY E 100 9.34 -43.49 42.50
N TRP E 101 9.74 -44.77 42.56
CA TRP E 101 10.89 -45.14 43.37
C TRP E 101 12.15 -44.40 42.94
N GLY E 102 12.30 -44.15 41.64
CA GLY E 102 13.52 -43.51 41.16
C GLY E 102 13.68 -42.09 41.66
N ASN E 103 12.56 -41.35 41.74
CA ASN E 103 12.57 -39.98 42.23
C ASN E 103 12.82 -39.87 43.72
N GLY E 104 12.81 -40.99 44.44
CA GLY E 104 12.83 -40.96 45.88
C GLY E 104 11.46 -40.90 46.51
N CYS E 105 10.45 -41.46 45.87
CA CYS E 105 9.08 -41.29 46.36
C CYS E 105 8.60 -42.50 47.14
N GLY E 106 8.65 -43.68 46.53
CA GLY E 106 8.13 -44.88 47.15
C GLY E 106 6.73 -45.26 46.70
N LEU E 107 6.18 -44.56 45.72
CA LEU E 107 4.86 -44.87 45.19
C LEU E 107 4.78 -44.28 43.79
N PHE E 108 4.22 -45.04 42.86
CA PHE E 108 4.25 -44.70 41.43
C PHE E 108 2.98 -43.95 41.07
N GLY E 109 3.14 -42.73 40.59
CA GLY E 109 1.98 -41.96 40.15
C GLY E 109 2.39 -40.57 39.71
N LYS E 110 1.37 -39.77 39.39
CA LYS E 110 1.57 -38.40 38.93
C LYS E 110 1.54 -37.47 40.13
N GLY E 111 2.71 -37.29 40.76
CA GLY E 111 2.79 -36.40 41.89
C GLY E 111 2.76 -34.94 41.48
N GLY E 112 2.25 -34.10 42.37
CA GLY E 112 2.16 -32.69 42.07
C GLY E 112 3.50 -31.98 42.19
N ILE E 113 3.60 -30.83 41.54
CA ILE E 113 4.76 -29.96 41.63
C ILE E 113 4.30 -28.52 41.49
N VAL E 114 4.91 -27.63 42.26
CA VAL E 114 4.62 -26.21 42.20
C VAL E 114 5.93 -25.44 42.14
N THR E 115 6.04 -24.53 41.17
CA THR E 115 7.21 -23.69 41.02
C THR E 115 6.79 -22.23 41.05
N CYS E 116 7.56 -21.42 41.76
CA CYS E 116 7.29 -19.99 41.92
C CYS E 116 8.53 -19.20 41.59
N ALA E 117 8.34 -18.08 40.89
CA ALA E 117 9.44 -17.20 40.52
C ALA E 117 9.05 -15.76 40.78
N MET E 118 10.02 -14.97 41.25
CA MET E 118 9.76 -13.57 41.58
C MET E 118 9.61 -12.73 40.33
N PHE E 119 8.55 -11.94 40.27
CA PHE E 119 8.26 -11.08 39.13
C PHE E 119 8.67 -9.65 39.46
N THR E 120 9.51 -9.06 38.61
CA THR E 120 9.94 -7.68 38.78
C THR E 120 9.87 -6.99 37.43
N CYS E 121 9.15 -5.87 37.37
CA CYS E 121 8.93 -5.17 36.11
C CYS E 121 10.13 -4.27 35.80
N LYS E 122 10.46 -4.18 34.51
CA LYS E 122 11.54 -3.34 34.02
C LYS E 122 11.04 -2.14 33.23
N LYS E 123 10.12 -2.35 32.31
CA LYS E 123 9.52 -1.28 31.52
C LYS E 123 8.02 -1.32 31.71
N ASN E 124 7.41 -0.15 31.87
CA ASN E 124 5.96 -0.06 32.04
C ASN E 124 5.42 1.06 31.17
N MET E 125 4.10 1.09 31.02
CA MET E 125 3.41 2.14 30.29
C MET E 125 2.31 2.68 31.17
N GLU E 126 2.31 3.99 31.41
CA GLU E 126 1.42 4.64 32.35
C GLU E 126 0.17 5.11 31.63
N GLY E 127 -0.98 4.53 31.98
CA GLY E 127 -2.24 4.92 31.37
C GLY E 127 -2.92 6.06 32.09
N LYS E 128 -2.40 7.27 31.94
CA LYS E 128 -2.95 8.43 32.63
C LYS E 128 -4.35 8.78 32.12
N ILE E 129 -5.15 9.34 33.02
CA ILE E 129 -6.46 9.88 32.67
C ILE E 129 -6.50 11.33 33.14
N VAL E 130 -7.42 12.09 32.54
CA VAL E 130 -7.57 13.51 32.85
C VAL E 130 -9.05 13.84 32.96
N GLN E 131 -9.39 14.68 33.94
CA GLN E 131 -10.76 15.15 34.08
C GLN E 131 -11.11 16.10 32.95
N PRO E 132 -12.34 16.07 32.45
CA PRO E 132 -12.69 16.94 31.31
C PRO E 132 -12.46 18.41 31.58
N GLU E 133 -12.68 18.90 32.80
CA GLU E 133 -12.55 20.32 33.05
C GLU E 133 -11.13 20.82 32.96
N ASN E 134 -10.14 19.92 32.89
CA ASN E 134 -8.74 20.32 32.84
C ASN E 134 -8.23 20.46 31.41
N LEU E 135 -9.07 20.25 30.41
CA LEU E 135 -8.68 20.48 29.03
C LEU E 135 -8.65 21.98 28.71
N GLU E 136 -7.68 22.38 27.91
CA GLU E 136 -7.58 23.75 27.43
C GLU E 136 -7.37 23.72 25.93
N TYR E 137 -8.25 24.39 25.20
CA TYR E 137 -8.13 24.49 23.75
C TYR E 137 -7.64 25.88 23.38
N THR E 138 -6.56 25.93 22.62
CA THR E 138 -6.00 27.19 22.13
C THR E 138 -6.40 27.37 20.67
N ILE E 139 -7.01 28.51 20.37
CA ILE E 139 -7.50 28.83 19.04
C ILE E 139 -6.84 30.13 18.60
N VAL E 140 -6.36 30.16 17.36
CA VAL E 140 -5.72 31.34 16.79
C VAL E 140 -6.66 31.93 15.74
N ILE E 141 -6.96 33.20 15.87
CA ILE E 141 -7.86 33.91 14.96
C ILE E 141 -7.04 34.98 14.26
N THR E 142 -6.99 34.92 12.93
CA THR E 142 -6.21 35.84 12.14
C THR E 142 -7.08 36.43 11.03
N PRO E 143 -7.25 37.73 10.97
CA PRO E 143 -8.08 38.34 9.91
C PRO E 143 -7.31 38.46 8.61
N HIS E 144 -8.08 38.52 7.52
CA HIS E 144 -7.51 38.72 6.18
C HIS E 144 -7.16 40.21 6.00
N SER E 145 -6.14 40.62 6.74
CA SER E 145 -5.73 42.03 6.68
C SER E 145 -5.01 42.33 5.38
N GLY E 146 -4.56 41.31 4.66
CA GLY E 146 -3.77 41.51 3.47
C GLY E 146 -2.30 41.77 3.73
N GLU E 147 -1.85 41.64 4.98
CA GLU E 147 -0.44 41.83 5.29
C GLU E 147 0.42 40.91 4.44
N GLU E 148 1.57 41.42 4.00
CA GLU E 148 2.40 40.66 3.07
C GLU E 148 2.85 39.34 3.68
N ASN E 149 3.24 39.35 4.94
CA ASN E 149 3.79 38.17 5.60
C ASN E 149 2.71 37.29 6.23
N ALA E 150 1.45 37.48 5.85
CA ALA E 150 0.34 36.82 6.52
C ALA E 150 -0.21 35.63 5.77
N VAL E 151 0.18 35.40 4.53
CA VAL E 151 -0.38 34.32 3.73
C VAL E 151 0.27 33.00 4.15
N GLY E 152 -0.54 32.09 4.68
CA GLY E 152 -0.03 30.79 5.08
C GLY E 152 1.08 30.88 6.10
N ASN E 153 1.11 31.94 6.89
CA ASN E 153 2.13 32.15 7.90
C ASN E 153 1.63 31.62 9.24
N ASP E 154 2.45 30.83 9.91
CA ASP E 154 2.12 30.30 11.22
C ASP E 154 3.17 30.61 12.27
N THR E 155 4.22 31.36 11.93
CA THR E 155 5.24 31.67 12.92
C THR E 155 4.65 32.45 14.09
N GLY E 156 3.79 33.41 13.81
CA GLY E 156 3.12 34.18 14.82
C GLY E 156 3.20 35.67 14.54
N LYS E 157 2.58 36.44 15.43
CA LYS E 157 2.57 37.89 15.35
C LYS E 157 1.64 38.42 14.28
N HIS E 158 0.62 37.66 13.90
CA HIS E 158 -0.30 38.07 12.85
C HIS E 158 -1.76 38.05 13.29
N GLY E 159 -2.15 37.08 14.11
CA GLY E 159 -3.50 36.99 14.62
C GLY E 159 -3.57 37.08 16.13
N LYS E 160 -4.63 36.51 16.68
CA LYS E 160 -4.86 36.47 18.11
C LYS E 160 -5.17 35.04 18.54
N GLU E 161 -4.58 34.61 19.64
CA GLU E 161 -4.81 33.28 20.19
C GLU E 161 -5.66 33.39 21.44
N ILE E 162 -6.80 32.71 21.45
CA ILE E 162 -7.72 32.70 22.58
C ILE E 162 -7.72 31.30 23.17
N LYS E 163 -7.46 31.20 24.47
CA LYS E 163 -7.50 29.94 25.17
C LYS E 163 -8.89 29.69 25.71
N VAL E 164 -9.43 28.51 25.44
CA VAL E 164 -10.78 28.13 25.83
C VAL E 164 -10.69 26.94 26.77
N THR E 165 -11.41 27.00 27.88
CA THR E 165 -11.50 25.93 28.85
C THR E 165 -12.97 25.66 29.12
N PRO E 166 -13.32 24.46 29.57
CA PRO E 166 -14.74 24.17 29.82
C PRO E 166 -15.38 25.11 30.83
N GLN E 167 -14.63 25.53 31.85
CA GLN E 167 -15.18 26.49 32.81
C GLN E 167 -15.47 27.83 32.15
N SER E 168 -14.54 28.32 31.32
CA SER E 168 -14.72 29.57 30.59
C SER E 168 -14.81 29.23 29.11
N SER E 169 -16.01 28.88 28.67
CA SER E 169 -16.25 28.48 27.29
C SER E 169 -16.64 29.64 26.39
N ILE E 170 -16.82 30.84 26.95
CA ILE E 170 -17.06 32.05 26.18
C ILE E 170 -15.84 32.94 26.33
N THR E 171 -15.28 33.37 25.21
CA THR E 171 -14.07 34.17 25.23
C THR E 171 -14.13 35.19 24.11
N GLU E 172 -13.47 36.33 24.32
CA GLU E 172 -13.47 37.43 23.39
C GLU E 172 -12.05 37.72 22.92
N ALA E 173 -11.88 37.88 21.61
CA ALA E 173 -10.60 38.28 21.03
C ALA E 173 -10.74 39.66 20.43
N GLU E 174 -9.80 40.54 20.75
CA GLU E 174 -9.80 41.90 20.22
C GLU E 174 -8.85 41.95 19.03
N LEU E 175 -9.41 41.89 17.84
CA LEU E 175 -8.64 41.98 16.60
C LEU E 175 -8.42 43.44 16.28
N THR E 176 -7.27 43.98 16.67
CA THR E 176 -7.02 45.40 16.54
C THR E 176 -7.37 45.90 15.15
N GLY E 177 -8.36 46.79 15.09
CA GLY E 177 -8.81 47.36 13.83
C GLY E 177 -10.02 46.70 13.22
N TYR E 178 -10.35 45.47 13.62
CA TYR E 178 -11.47 44.73 13.05
C TYR E 178 -12.58 44.49 14.06
N GLY E 179 -12.57 45.21 15.17
CA GLY E 179 -13.53 44.96 16.22
C GLY E 179 -13.09 43.85 17.15
N THR E 180 -14.08 43.19 17.74
CA THR E 180 -13.85 42.08 18.65
C THR E 180 -14.71 40.89 18.22
N VAL E 181 -14.12 39.70 18.26
CA VAL E 181 -14.82 38.47 17.90
C VAL E 181 -15.01 37.65 19.18
N THR E 182 -16.24 37.18 19.38
CA THR E 182 -16.60 36.41 20.56
C THR E 182 -16.83 34.96 20.16
N MET E 183 -16.26 34.03 20.94
CA MET E 183 -16.37 32.61 20.66
C MET E 183 -17.09 31.93 21.83
N GLU E 184 -18.27 31.38 21.56
CA GLU E 184 -19.03 30.65 22.56
C GLU E 184 -18.88 29.14 22.30
N CYS E 185 -17.72 28.63 22.72
CA CYS E 185 -17.31 27.27 22.36
C CYS E 185 -18.01 26.24 23.23
N SER E 186 -17.91 24.98 22.81
CA SER E 186 -18.53 23.85 23.50
C SER E 186 -17.52 22.73 23.65
N PRO E 187 -16.51 22.90 24.50
CA PRO E 187 -15.49 21.85 24.66
C PRO E 187 -16.05 20.54 25.19
N ARG E 188 -17.04 20.58 26.08
CA ARG E 188 -17.48 19.37 26.77
C ARG E 188 -18.10 18.37 25.81
N THR E 189 -18.65 18.82 24.69
CA THR E 189 -19.29 17.95 23.73
C THR E 189 -18.32 17.41 22.68
N GLY E 190 -17.04 17.72 22.79
CA GLY E 190 -16.07 17.19 21.86
C GLY E 190 -15.65 15.79 22.25
N LEU E 191 -14.35 15.53 22.28
CA LEU E 191 -13.88 14.25 22.80
C LEU E 191 -14.34 14.06 24.23
N ASP E 192 -14.88 12.88 24.53
CA ASP E 192 -15.37 12.56 25.86
C ASP E 192 -14.23 11.95 26.66
N PHE E 193 -13.56 12.78 27.47
CA PHE E 193 -12.33 12.33 28.12
C PHE E 193 -12.60 11.46 29.33
N ASN E 194 -13.85 11.35 29.78
CA ASN E 194 -14.17 10.39 30.83
C ASN E 194 -14.13 8.97 30.30
N GLU E 195 -14.10 8.81 28.97
CA GLU E 195 -14.02 7.51 28.34
C GLU E 195 -12.74 7.33 27.55
N MET E 196 -11.73 8.17 27.80
CA MET E 196 -10.48 8.13 27.04
C MET E 196 -9.31 8.15 28.01
N VAL E 197 -8.21 7.52 27.60
CA VAL E 197 -7.03 7.36 28.42
C VAL E 197 -5.83 7.93 27.67
N LEU E 198 -4.97 8.63 28.38
CA LEU E 198 -3.70 9.10 27.82
C LEU E 198 -2.66 8.03 28.09
N LEU E 199 -2.30 7.27 27.05
CA LEU E 199 -1.38 6.15 27.18
C LEU E 199 0.01 6.59 26.74
N GLN E 200 0.96 6.52 27.66
CA GLN E 200 2.34 6.91 27.39
C GLN E 200 3.25 5.73 27.61
N MET E 201 3.97 5.34 26.57
CA MET E 201 4.92 4.23 26.62
C MET E 201 6.30 4.75 26.26
N GLU E 202 7.20 4.76 27.24
CA GLU E 202 8.54 5.30 27.05
C GLU E 202 8.38 6.76 26.63
N ASN E 203 8.87 7.17 25.46
CA ASN E 203 8.78 8.56 25.04
C ASN E 203 7.69 8.80 24.01
N LYS E 204 6.84 7.81 23.74
CA LYS E 204 5.74 7.96 22.80
C LYS E 204 4.43 7.79 23.56
N ALA E 205 3.42 8.58 23.16
CA ALA E 205 2.13 8.57 23.83
C ALA E 205 1.01 8.49 22.79
N TRP E 206 -0.07 7.83 23.17
CA TRP E 206 -1.25 7.67 22.33
C TRP E 206 -2.50 7.93 23.14
N LEU E 207 -3.55 8.36 22.46
CA LEU E 207 -4.86 8.54 23.07
C LEU E 207 -5.71 7.31 22.75
N VAL E 208 -6.15 6.60 23.78
CA VAL E 208 -6.75 5.29 23.61
C VAL E 208 -8.10 5.26 24.30
N HIS E 209 -8.94 4.32 23.85
CA HIS E 209 -10.19 4.03 24.52
C HIS E 209 -9.91 3.48 25.91
N ARG E 210 -10.67 3.94 26.89
CA ARG E 210 -10.39 3.56 28.28
C ARG E 210 -10.73 2.10 28.54
N GLN E 211 -11.86 1.63 28.01
CA GLN E 211 -12.20 0.21 28.17
C GLN E 211 -11.19 -0.66 27.46
N TRP E 212 -10.73 -0.23 26.28
CA TRP E 212 -9.68 -0.96 25.58
C TRP E 212 -8.43 -1.05 26.45
N PHE E 213 -8.06 0.06 27.09
CA PHE E 213 -6.88 0.04 27.96
C PHE E 213 -7.08 -0.88 29.15
N LEU E 214 -8.29 -0.89 29.71
CA LEU E 214 -8.55 -1.73 30.87
C LEU E 214 -8.62 -3.21 30.52
N ASP E 215 -8.95 -3.53 29.27
CA ASP E 215 -9.04 -4.92 28.85
C ASP E 215 -7.73 -5.49 28.33
N LEU E 216 -6.64 -4.72 28.36
CA LEU E 216 -5.38 -5.20 27.82
C LEU E 216 -4.90 -6.40 28.62
N PRO E 217 -4.34 -7.41 27.96
CA PRO E 217 -3.81 -8.60 28.67
C PRO E 217 -2.33 -8.45 29.06
N LEU E 218 -2.07 -7.64 30.08
CA LEU E 218 -0.74 -7.48 30.62
C LEU E 218 -0.83 -7.28 32.12
N PRO E 219 0.20 -7.65 32.88
CA PRO E 219 0.21 -7.35 34.31
C PRO E 219 0.14 -5.86 34.55
N TRP E 220 -0.61 -5.47 35.58
CA TRP E 220 -0.86 -4.06 35.85
C TRP E 220 -0.87 -3.78 37.34
N LEU E 221 -0.52 -2.56 37.68
CA LEU E 221 -0.60 -2.05 39.04
C LEU E 221 -1.83 -1.15 39.18
N PRO E 222 -2.27 -0.91 40.41
CA PRO E 222 -3.46 -0.06 40.59
C PRO E 222 -3.29 1.34 40.06
N GLY E 223 -2.06 1.82 39.93
CA GLY E 223 -1.77 3.16 39.49
C GLY E 223 -1.24 4.05 40.58
N ALA E 224 -1.62 3.81 41.84
CA ALA E 224 -1.11 4.55 42.98
C ALA E 224 -0.05 3.77 43.75
N ASP E 225 0.47 2.69 43.17
CA ASP E 225 1.44 1.83 43.82
C ASP E 225 2.84 2.40 43.62
N THR E 226 3.43 2.91 44.70
CA THR E 226 4.81 3.36 44.64
C THR E 226 5.79 2.19 44.74
N GLN E 227 5.33 1.05 45.25
CA GLN E 227 6.22 -0.07 45.47
C GLN E 227 6.38 -0.95 44.23
N GLY E 228 5.33 -1.06 43.42
CA GLY E 228 5.39 -1.94 42.27
C GLY E 228 5.69 -3.38 42.64
N SER E 229 5.11 -3.85 43.75
CA SER E 229 5.33 -5.21 44.22
C SER E 229 4.05 -6.04 44.26
N ASN E 230 2.98 -5.56 43.63
CA ASN E 230 1.75 -6.34 43.47
C ASN E 230 1.28 -6.16 42.04
N TRP E 231 1.77 -7.02 41.15
CA TRP E 231 1.30 -7.03 39.76
C TRP E 231 0.14 -7.99 39.64
N ILE E 232 -0.87 -7.61 38.86
CA ILE E 232 -2.16 -8.30 38.93
C ILE E 232 -2.33 -9.41 37.91
N GLN E 233 -1.58 -9.39 36.80
CA GLN E 233 -1.75 -10.39 35.76
C GLN E 233 -0.39 -10.93 35.33
N LYS E 234 0.43 -11.30 36.31
CA LYS E 234 1.76 -11.80 36.00
C LYS E 234 1.71 -13.03 35.13
N GLU E 235 0.58 -13.74 35.12
CA GLU E 235 0.46 -14.96 34.33
C GLU E 235 0.63 -14.68 32.84
N THR E 236 0.33 -13.45 32.41
CA THR E 236 0.37 -13.14 30.99
C THR E 236 1.80 -12.93 30.49
N LEU E 237 2.71 -12.50 31.35
CA LEU E 237 4.08 -12.23 30.96
C LEU E 237 5.05 -13.35 31.35
N VAL E 238 4.55 -14.49 31.80
CA VAL E 238 5.41 -15.64 32.11
C VAL E 238 4.79 -16.88 31.51
N THR E 239 5.62 -17.89 31.30
CA THR E 239 5.20 -19.16 30.73
C THR E 239 5.83 -20.28 31.51
N PHE E 240 5.02 -21.25 31.96
CA PHE E 240 5.50 -22.40 32.69
C PHE E 240 5.53 -23.59 31.74
N LYS E 241 6.70 -24.18 31.56
CA LYS E 241 6.90 -25.25 30.60
C LYS E 241 7.11 -26.56 31.33
N ASN E 242 6.37 -27.59 30.92
CA ASN E 242 6.50 -28.94 31.47
C ASN E 242 6.60 -29.90 30.29
N PRO E 243 7.69 -29.81 29.52
CA PRO E 243 7.73 -30.56 28.26
C PRO E 243 7.49 -32.04 28.44
N HIS E 244 8.28 -32.68 29.30
CA HIS E 244 8.02 -34.04 29.73
C HIS E 244 7.67 -33.97 31.21
N ALA E 245 6.82 -34.89 31.66
CA ALA E 245 6.25 -34.78 33.00
C ALA E 245 7.31 -34.60 34.09
N LYS E 246 8.59 -34.85 33.79
CA LYS E 246 9.58 -34.92 34.85
C LYS E 246 9.84 -33.57 35.52
N LYS E 247 10.03 -32.50 34.74
CA LYS E 247 10.46 -31.22 35.29
C LYS E 247 9.51 -30.10 34.89
N GLN E 248 9.40 -29.11 35.77
CA GLN E 248 8.67 -27.87 35.48
C GLN E 248 9.53 -26.67 35.85
N ASP E 249 9.62 -25.71 34.93
CA ASP E 249 10.27 -24.44 35.18
C ASP E 249 9.54 -23.35 34.43
N VAL E 250 9.92 -22.09 34.70
CA VAL E 250 9.19 -20.93 34.22
C VAL E 250 10.17 -19.95 33.61
N VAL E 251 9.77 -19.33 32.50
CA VAL E 251 10.55 -18.29 31.83
C VAL E 251 9.63 -17.13 31.49
N VAL E 252 10.15 -15.92 31.60
CA VAL E 252 9.38 -14.72 31.31
C VAL E 252 9.43 -14.43 29.82
N LEU E 253 8.34 -13.89 29.30
CA LEU E 253 8.27 -13.56 27.89
C LEU E 253 9.02 -12.26 27.62
N GLY E 254 9.19 -11.94 26.35
CA GLY E 254 10.05 -10.84 25.96
C GLY E 254 9.37 -9.49 26.02
N SER E 255 10.16 -8.45 25.78
CA SER E 255 9.66 -7.09 25.83
C SER E 255 8.46 -6.94 24.92
N GLN E 256 7.38 -6.40 25.47
CA GLN E 256 6.13 -6.26 24.75
C GLN E 256 5.94 -4.89 24.15
N GLU E 257 7.00 -4.09 24.04
CA GLU E 257 6.87 -2.77 23.45
C GLU E 257 6.41 -2.87 22.00
N GLY E 258 7.01 -3.77 21.23
CA GLY E 258 6.72 -4.09 19.85
C GLY E 258 5.32 -4.63 19.66
N ALA E 259 4.88 -5.48 20.59
CA ALA E 259 3.51 -5.95 20.56
C ALA E 259 2.53 -4.81 20.81
N MET E 260 2.85 -3.92 21.75
CA MET E 260 2.00 -2.77 22.00
C MET E 260 1.91 -1.86 20.79
N HIS E 261 3.03 -1.62 20.12
CA HIS E 261 2.98 -0.76 18.94
C HIS E 261 2.00 -1.30 17.92
N THR E 262 1.97 -2.63 17.75
CA THR E 262 0.99 -3.22 16.86
C THR E 262 -0.42 -3.12 17.43
N ALA E 263 -0.56 -3.23 18.75
CA ALA E 263 -1.88 -3.15 19.37
C ALA E 263 -2.44 -1.74 19.33
N LEU E 264 -1.59 -0.74 19.05
CA LEU E 264 -2.00 0.65 19.07
C LEU E 264 -2.36 1.18 17.69
N THR E 265 -2.33 0.34 16.66
CA THR E 265 -2.73 0.79 15.34
C THR E 265 -4.18 1.26 15.37
N GLY E 266 -4.44 2.42 14.79
CA GLY E 266 -5.75 3.02 14.89
C GLY E 266 -5.94 3.93 16.08
N ALA E 267 -4.90 4.17 16.85
CA ALA E 267 -4.93 5.13 17.95
C ALA E 267 -4.10 6.33 17.55
N THR E 268 -4.68 7.52 17.69
CA THR E 268 -3.95 8.73 17.35
C THR E 268 -2.85 8.98 18.37
N GLU E 269 -1.67 9.36 17.88
CA GLU E 269 -0.50 9.59 18.71
C GLU E 269 -0.55 11.01 19.23
N ILE E 270 -0.37 11.17 20.54
CA ILE E 270 -0.33 12.48 21.17
C ILE E 270 1.07 12.72 21.71
N GLN E 271 1.33 13.93 22.20
CA GLN E 271 2.58 14.27 22.87
C GLN E 271 2.30 14.38 24.36
N MET E 272 3.03 13.61 25.16
CA MET E 272 2.85 13.59 26.60
C MET E 272 4.12 13.98 27.33
N SER E 273 5.06 14.59 26.64
CA SER E 273 6.31 15.07 27.22
C SER E 273 6.22 16.57 27.44
N SER E 274 6.37 16.99 28.68
CA SER E 274 6.22 18.40 29.04
C SER E 274 4.83 18.90 28.66
N GLY E 275 3.83 18.32 29.29
CA GLY E 275 2.46 18.66 29.03
C GLY E 275 1.79 17.65 28.11
N ASN E 276 0.55 17.29 28.46
CA ASN E 276 -0.19 16.28 27.71
C ASN E 276 -0.84 16.96 26.52
N LEU E 277 -0.01 17.29 25.54
CA LEU E 277 -0.44 18.05 24.37
C LEU E 277 -1.08 17.11 23.36
N LEU E 278 -2.35 17.35 23.06
CA LEU E 278 -3.07 16.61 22.03
C LEU E 278 -3.20 17.49 20.80
N PHE E 279 -2.84 16.93 19.64
CA PHE E 279 -3.05 17.59 18.36
C PHE E 279 -4.06 16.81 17.53
N THR E 280 -5.14 16.41 18.18
CA THR E 280 -6.13 15.50 17.63
C THR E 280 -7.50 15.93 18.12
N GLY E 281 -8.51 15.70 17.29
CA GLY E 281 -9.88 15.98 17.66
C GLY E 281 -10.34 17.35 17.18
N HIS E 282 -11.58 17.68 17.53
CA HIS E 282 -12.24 18.87 17.05
C HIS E 282 -12.80 19.67 18.21
N LEU E 283 -13.29 20.86 17.88
CA LEU E 283 -13.98 21.73 18.83
C LEU E 283 -15.07 22.48 18.09
N LYS E 284 -16.27 22.53 18.66
CA LYS E 284 -17.39 23.25 18.07
C LYS E 284 -17.59 24.55 18.83
N CYS E 285 -17.55 25.67 18.11
CA CYS E 285 -17.71 26.99 18.69
C CYS E 285 -18.80 27.75 17.95
N ARG E 286 -19.34 28.76 18.63
CA ARG E 286 -20.33 29.66 18.05
C ARG E 286 -19.67 31.00 17.84
N LEU E 287 -19.56 31.42 16.58
CA LEU E 287 -18.90 32.66 16.26
C LEU E 287 -19.88 33.82 16.32
N ARG E 288 -19.54 34.85 17.07
CA ARG E 288 -20.38 36.03 17.23
C ARG E 288 -19.73 37.19 16.50
N MET E 289 -20.35 37.61 15.39
CA MET E 289 -19.80 38.65 14.54
C MET E 289 -20.44 40.01 14.79
N ASP E 290 -21.20 40.15 15.86
CA ASP E 290 -21.93 41.40 16.10
C ASP E 290 -20.96 42.58 16.22
N LYS E 291 -19.91 42.42 17.01
CA LYS E 291 -18.94 43.48 17.26
C LYS E 291 -17.76 43.42 16.31
N LEU E 292 -17.84 42.63 15.26
CA LEU E 292 -16.77 42.48 14.29
C LEU E 292 -17.03 43.43 13.12
N GLN E 293 -16.04 44.25 12.79
CA GLN E 293 -16.21 45.31 11.80
C GLN E 293 -15.04 45.32 10.84
N LEU E 294 -15.30 45.82 9.63
CA LEU E 294 -14.28 45.96 8.62
C LEU E 294 -13.32 47.09 8.98
N LYS E 295 -12.10 47.01 8.46
CA LYS E 295 -11.06 47.97 8.77
C LYS E 295 -10.81 48.87 7.57
N GLY E 296 -10.76 50.18 7.82
CA GLY E 296 -10.49 51.13 6.77
C GLY E 296 -11.63 51.34 5.80
N MET E 297 -12.85 50.93 6.15
CA MET E 297 -13.98 51.12 5.25
C MET E 297 -14.37 52.58 5.08
N SER E 298 -13.85 53.48 5.90
CA SER E 298 -14.09 54.91 5.75
C SER E 298 -12.98 55.58 4.96
N TYR E 299 -12.29 54.83 4.10
CA TYR E 299 -11.20 55.34 3.31
C TYR E 299 -11.69 55.68 1.91
N SER E 300 -10.77 56.06 1.04
CA SER E 300 -11.09 56.46 -0.32
C SER E 300 -10.31 55.61 -1.31
N MET E 301 -10.89 55.44 -2.49
CA MET E 301 -10.24 54.67 -3.55
C MET E 301 -8.83 55.21 -3.80
N CYS E 302 -7.89 54.31 -4.00
CA CYS E 302 -6.47 54.69 -4.03
C CYS E 302 -6.16 55.66 -5.17
N THR E 303 -6.66 55.37 -6.37
CA THR E 303 -6.38 56.21 -7.54
C THR E 303 -4.88 56.36 -7.76
N GLY E 304 -4.18 55.22 -7.77
CA GLY E 304 -2.75 55.22 -7.99
C GLY E 304 -2.32 53.95 -8.68
N LYS E 305 -1.06 53.94 -9.12
CA LYS E 305 -0.52 52.80 -9.86
C LYS E 305 -0.03 51.72 -8.90
N PHE E 306 -0.40 50.49 -9.22
CA PHE E 306 -0.01 49.32 -8.44
C PHE E 306 1.03 48.51 -9.22
N LYS E 307 1.86 47.77 -8.49
CA LYS E 307 2.81 46.85 -9.08
C LYS E 307 2.64 45.48 -8.43
N VAL E 308 2.80 44.43 -9.23
CA VAL E 308 2.66 43.06 -8.74
C VAL E 308 4.02 42.58 -8.26
N VAL E 309 4.14 42.33 -6.96
CA VAL E 309 5.39 41.83 -6.41
C VAL E 309 5.36 40.33 -6.16
N LYS E 310 4.19 39.71 -6.17
CA LYS E 310 4.05 38.26 -6.09
C LYS E 310 3.01 37.84 -7.11
N GLU E 311 3.36 36.89 -7.96
CA GLU E 311 2.51 36.55 -9.08
C GLU E 311 1.27 35.80 -8.62
N ILE E 312 0.23 35.82 -9.47
CA ILE E 312 -0.99 35.09 -9.17
C ILE E 312 -0.63 33.63 -8.93
N ALA E 313 -1.20 33.05 -7.86
CA ALA E 313 -0.91 31.68 -7.48
C ALA E 313 -2.19 31.03 -6.97
N GLU E 314 -2.81 30.20 -7.81
CA GLU E 314 -4.02 29.50 -7.41
C GLU E 314 -3.73 28.51 -6.30
N THR E 315 -4.65 28.43 -5.34
CA THR E 315 -4.52 27.51 -4.23
C THR E 315 -5.28 26.23 -4.52
N GLN E 316 -5.27 25.31 -3.56
CA GLN E 316 -5.90 24.00 -3.75
C GLN E 316 -7.42 24.09 -3.76
N HIS E 317 -7.99 25.25 -3.43
CA HIS E 317 -9.43 25.39 -3.30
C HIS E 317 -10.04 26.34 -4.32
N GLY E 318 -9.35 26.58 -5.43
CA GLY E 318 -9.90 27.37 -6.51
C GLY E 318 -9.76 28.87 -6.37
N THR E 319 -9.14 29.35 -5.30
CA THR E 319 -8.94 30.77 -5.10
C THR E 319 -7.53 31.17 -5.52
N ILE E 320 -7.37 32.46 -5.83
CA ILE E 320 -6.09 33.01 -6.26
C ILE E 320 -5.64 34.04 -5.24
N VAL E 321 -4.35 34.05 -4.95
CA VAL E 321 -3.76 35.03 -4.04
C VAL E 321 -2.64 35.74 -4.77
N ILE E 322 -2.69 37.07 -4.78
CA ILE E 322 -1.67 37.91 -5.41
C ILE E 322 -1.20 38.93 -4.38
N ARG E 323 0.02 39.42 -4.60
CA ARG E 323 0.60 40.46 -3.75
C ARG E 323 0.93 41.67 -4.61
N VAL E 324 0.32 42.80 -4.30
CA VAL E 324 0.50 44.04 -5.04
C VAL E 324 1.08 45.08 -4.10
N GLN E 325 2.00 45.89 -4.60
CA GLN E 325 2.54 47.02 -3.86
C GLN E 325 2.07 48.32 -4.48
N TYR E 326 1.72 49.28 -3.64
CA TYR E 326 1.12 50.53 -4.08
C TYR E 326 2.20 51.57 -4.34
N GLU E 327 1.99 52.41 -5.35
CA GLU E 327 2.99 53.35 -5.80
C GLU E 327 2.50 54.80 -5.81
N GLY E 328 1.21 55.02 -5.58
CA GLY E 328 0.62 56.33 -5.73
C GLY E 328 0.38 57.05 -4.41
N ASP E 329 -0.29 58.21 -4.53
CA ASP E 329 -0.56 59.06 -3.39
C ASP E 329 -1.82 58.58 -2.65
N GLY E 330 -2.07 59.19 -1.50
CA GLY E 330 -3.20 58.81 -0.67
C GLY E 330 -3.01 57.43 -0.07
N SER E 331 -1.95 57.27 0.72
CA SER E 331 -1.55 55.95 1.19
C SER E 331 -2.71 55.16 1.79
N PRO E 332 -3.32 55.57 2.90
CA PRO E 332 -4.33 54.72 3.53
C PRO E 332 -5.62 54.71 2.73
N CYS E 333 -5.68 53.88 1.70
CA CYS E 333 -6.78 53.92 0.74
C CYS E 333 -7.25 52.51 0.43
N LYS E 334 -8.51 52.40 0.04
CA LYS E 334 -9.03 51.14 -0.48
C LYS E 334 -8.39 50.82 -1.82
N ILE E 335 -8.15 49.54 -2.04
CA ILE E 335 -7.54 49.06 -3.28
C ILE E 335 -8.65 48.70 -4.25
N PRO E 336 -8.75 49.35 -5.42
CA PRO E 336 -9.68 48.89 -6.44
C PRO E 336 -9.26 47.51 -6.93
N PHE E 337 -10.20 46.57 -6.90
CA PHE E 337 -9.89 45.19 -7.25
C PHE E 337 -11.18 44.53 -7.71
N GLU E 338 -11.23 44.11 -8.97
CA GLU E 338 -12.38 43.43 -9.54
C GLU E 338 -11.92 42.23 -10.35
N ILE E 339 -12.78 41.23 -10.42
CA ILE E 339 -12.58 40.06 -11.26
C ILE E 339 -13.67 40.09 -12.31
N MET E 340 -13.37 40.69 -13.45
CA MET E 340 -14.33 40.94 -14.51
C MET E 340 -14.03 40.04 -15.70
N ASP E 341 -14.75 40.26 -16.79
CA ASP E 341 -14.47 39.53 -18.02
C ASP E 341 -13.52 40.33 -18.90
N LEU E 342 -13.27 39.83 -20.11
CA LEU E 342 -12.30 40.47 -20.99
C LEU E 342 -12.71 41.90 -21.32
N GLU E 343 -14.01 42.12 -21.57
CA GLU E 343 -14.53 43.44 -21.90
C GLU E 343 -14.87 44.26 -20.67
N LYS E 344 -14.70 43.71 -19.46
CA LYS E 344 -14.96 44.44 -18.23
C LYS E 344 -16.42 44.87 -18.13
N ARG E 345 -17.31 44.06 -18.70
CA ARG E 345 -18.73 44.33 -18.67
C ARG E 345 -19.48 43.51 -17.63
N HIS E 346 -18.82 42.56 -16.99
CA HIS E 346 -19.44 41.72 -15.99
C HIS E 346 -18.47 41.50 -14.85
N VAL E 347 -19.01 41.23 -13.67
CA VAL E 347 -18.23 40.86 -12.50
C VAL E 347 -18.40 39.37 -12.28
N LEU E 348 -17.32 38.61 -12.47
CA LEU E 348 -17.42 37.16 -12.53
C LEU E 348 -17.13 36.49 -11.19
N GLY E 349 -16.18 37.02 -10.42
CA GLY E 349 -15.81 36.42 -9.17
C GLY E 349 -15.71 37.45 -8.06
N ARG E 350 -15.83 36.96 -6.84
CA ARG E 350 -15.71 37.77 -5.64
C ARG E 350 -14.29 37.67 -5.11
N LEU E 351 -14.00 38.49 -4.11
CA LEU E 351 -12.71 38.46 -3.43
C LEU E 351 -12.92 38.01 -1.99
N ILE E 352 -12.01 37.18 -1.50
CA ILE E 352 -12.11 36.67 -0.14
C ILE E 352 -11.51 37.65 0.86
N THR E 353 -10.46 38.38 0.48
CA THR E 353 -9.88 39.41 1.33
C THR E 353 -10.75 40.66 1.19
N VAL E 354 -11.94 40.61 1.76
CA VAL E 354 -12.90 41.69 1.59
C VAL E 354 -12.29 42.99 2.08
N ASN E 355 -12.55 44.06 1.36
CA ASN E 355 -12.00 45.38 1.66
C ASN E 355 -10.47 45.34 1.77
N PRO E 356 -9.77 45.02 0.69
CA PRO E 356 -8.31 45.19 0.69
C PRO E 356 -7.97 46.67 0.70
N ILE E 357 -7.10 47.07 1.63
CA ILE E 357 -6.72 48.47 1.79
C ILE E 357 -5.21 48.55 1.94
N VAL E 358 -4.69 49.73 1.70
CA VAL E 358 -3.26 50.01 1.78
C VAL E 358 -3.02 50.74 3.09
N THR E 359 -2.48 50.04 4.09
CA THR E 359 -2.16 50.67 5.36
C THR E 359 -0.91 51.53 5.25
N GLU E 360 0.12 51.02 4.58
CA GLU E 360 1.37 51.73 4.37
C GLU E 360 1.75 51.66 2.91
N LYS E 361 2.21 52.78 2.36
CA LYS E 361 2.51 52.84 0.94
C LYS E 361 3.70 51.98 0.56
N ASP E 362 4.57 51.63 1.51
CA ASP E 362 5.75 50.83 1.24
C ASP E 362 5.59 49.37 1.62
N SER E 363 4.39 48.96 2.03
CA SER E 363 4.13 47.59 2.47
C SER E 363 3.27 46.87 1.45
N PRO E 364 3.75 45.81 0.82
CA PRO E 364 2.90 45.06 -0.10
C PRO E 364 1.69 44.50 0.63
N VAL E 365 0.57 44.46 -0.07
CA VAL E 365 -0.67 43.89 0.45
C VAL E 365 -1.09 42.80 -0.51
N ASN E 366 -1.40 41.63 0.03
CA ASN E 366 -1.73 40.47 -0.78
C ASN E 366 -3.20 40.11 -0.62
N ILE E 367 -3.91 40.03 -1.74
CA ILE E 367 -5.34 39.82 -1.76
C ILE E 367 -5.62 38.39 -2.21
N GLU E 368 -6.66 37.79 -1.65
CA GLU E 368 -7.16 36.49 -2.10
C GLU E 368 -8.54 36.68 -2.69
N ALA E 369 -8.74 36.15 -3.89
CA ALA E 369 -10.03 36.22 -4.56
C ALA E 369 -10.37 34.86 -5.13
N GLU E 370 -11.66 34.66 -5.43
CA GLU E 370 -12.15 33.41 -5.99
C GLU E 370 -12.69 33.64 -7.39
N PRO E 371 -11.87 33.48 -8.42
CA PRO E 371 -12.32 33.77 -9.78
C PRO E 371 -13.24 32.70 -10.30
N PRO E 372 -13.87 32.92 -11.44
CA PRO E 372 -14.77 31.91 -12.01
C PRO E 372 -13.98 30.79 -12.68
N PHE E 373 -14.73 29.84 -13.25
CA PHE E 373 -14.12 28.65 -13.83
C PHE E 373 -13.60 28.87 -15.25
N GLY E 374 -14.07 29.91 -15.94
CA GLY E 374 -13.61 30.14 -17.29
C GLY E 374 -12.35 30.98 -17.33
N ASP E 375 -12.30 31.91 -18.27
CA ASP E 375 -11.29 32.94 -18.30
C ASP E 375 -11.80 34.15 -17.53
N SER E 376 -10.98 34.66 -16.62
CA SER E 376 -11.32 35.84 -15.84
C SER E 376 -10.10 36.73 -15.79
N TYR E 377 -10.33 38.04 -15.64
CA TYR E 377 -9.25 39.02 -15.61
C TYR E 377 -9.27 39.73 -14.28
N ILE E 378 -8.15 39.70 -13.57
CA ILE E 378 -8.03 40.33 -12.26
C ILE E 378 -7.56 41.76 -12.46
N ILE E 379 -8.49 42.71 -12.39
CA ILE E 379 -8.21 44.12 -12.61
C ILE E 379 -7.90 44.77 -11.28
N ILE E 380 -6.80 45.52 -11.24
CA ILE E 380 -6.36 46.21 -10.02
C ILE E 380 -5.99 47.64 -10.38
N GLY E 381 -6.55 48.59 -9.66
CA GLY E 381 -6.23 49.99 -9.88
C GLY E 381 -7.27 50.71 -10.71
N VAL E 382 -6.98 51.98 -10.98
CA VAL E 382 -7.89 52.85 -11.70
C VAL E 382 -7.33 53.08 -13.10
N GLU E 383 -8.12 53.78 -13.93
CA GLU E 383 -7.84 53.84 -15.36
C GLU E 383 -6.42 54.22 -15.71
N PRO E 384 -5.82 55.25 -15.13
CA PRO E 384 -4.44 55.61 -15.49
C PRO E 384 -3.44 54.70 -14.80
N GLY E 385 -2.79 53.82 -15.55
CA GLY E 385 -1.88 52.86 -14.97
C GLY E 385 -2.52 51.60 -14.47
N GLN E 386 -3.78 51.35 -14.83
CA GLN E 386 -4.45 50.13 -14.40
C GLN E 386 -3.69 48.92 -14.91
N LEU E 387 -3.74 47.83 -14.14
CA LEU E 387 -3.13 46.58 -14.53
C LEU E 387 -4.17 45.48 -14.52
N LYS E 388 -4.35 44.84 -15.67
CA LYS E 388 -5.29 43.74 -15.84
C LYS E 388 -4.49 42.44 -15.95
N LEU E 389 -4.79 41.50 -15.06
CA LEU E 389 -4.08 40.23 -14.98
C LEU E 389 -5.02 39.14 -15.51
N SER E 390 -4.59 38.44 -16.54
CA SER E 390 -5.38 37.34 -17.07
C SER E 390 -5.22 36.11 -16.18
N TRP E 391 -6.26 35.29 -16.14
CA TRP E 391 -6.23 34.06 -15.36
C TRP E 391 -7.20 33.06 -15.98
N PHE E 392 -6.97 31.78 -15.69
CA PHE E 392 -7.83 30.71 -16.17
C PHE E 392 -7.90 29.63 -15.11
N LYS E 393 -9.12 29.26 -14.72
CA LYS E 393 -9.37 28.30 -13.65
C LYS E 393 -9.79 26.97 -14.26
N LYS E 394 -9.09 25.90 -13.88
CA LYS E 394 -9.19 24.64 -14.61
C LYS E 394 -10.49 23.89 -14.36
N GLY E 395 -11.13 24.08 -13.22
CA GLY E 395 -12.23 23.23 -12.82
C GLY E 395 -13.47 23.43 -13.66
N SER E 396 -14.57 22.89 -13.12
CA SER E 396 -15.90 23.06 -13.71
C SER E 396 -16.93 23.07 -12.59
N SER E 397 -18.08 23.68 -12.87
CA SER E 397 -19.07 23.88 -11.82
C SER E 397 -19.59 22.55 -11.28
N ILE E 398 -19.82 21.58 -12.15
CA ILE E 398 -20.24 20.26 -11.68
C ILE E 398 -19.14 19.61 -10.87
N GLY E 399 -17.89 19.77 -11.31
CA GLY E 399 -16.77 19.26 -10.54
C GLY E 399 -16.73 19.85 -9.14
N GLN E 400 -16.88 21.16 -9.03
CA GLN E 400 -16.93 21.79 -7.71
C GLN E 400 -18.10 21.27 -6.90
N MET E 401 -19.26 21.10 -7.54
CA MET E 401 -20.43 20.59 -6.82
C MET E 401 -20.13 19.25 -6.18
N PHE E 402 -19.62 18.29 -6.95
CA PHE E 402 -19.43 16.97 -6.36
C PHE E 402 -18.20 16.92 -5.47
N GLU E 403 -17.22 17.80 -5.69
CA GLU E 403 -16.12 17.90 -4.74
C GLU E 403 -16.61 18.37 -3.38
N THR E 404 -17.48 19.38 -3.36
CA THR E 404 -18.04 19.83 -2.09
C THR E 404 -18.97 18.80 -1.49
N THR E 405 -19.68 18.06 -2.33
CA THR E 405 -20.50 16.98 -1.80
C THR E 405 -19.64 15.92 -1.11
N MET E 406 -18.54 15.52 -1.75
CA MET E 406 -17.64 14.55 -1.13
C MET E 406 -17.03 15.11 0.15
N ARG E 407 -16.64 16.38 0.14
CA ARG E 407 -16.08 16.98 1.35
C ARG E 407 -17.08 17.00 2.49
N GLY E 408 -18.34 17.34 2.20
CA GLY E 408 -19.36 17.30 3.24
C GLY E 408 -19.62 15.90 3.75
N ALA E 409 -19.66 14.93 2.84
CA ALA E 409 -19.86 13.54 3.27
C ALA E 409 -18.71 13.08 4.17
N LYS E 410 -17.47 13.43 3.80
CA LYS E 410 -16.33 13.06 4.63
C LYS E 410 -16.41 13.73 5.99
N ARG E 411 -16.83 15.00 6.01
CA ARG E 411 -16.99 15.69 7.29
C ARG E 411 -18.02 14.99 8.17
N MET E 412 -19.14 14.58 7.57
CA MET E 412 -20.12 13.81 8.32
C MET E 412 -19.56 12.50 8.83
N ALA E 413 -18.72 11.82 8.03
CA ALA E 413 -18.15 10.56 8.45
C ALA E 413 -17.27 10.71 9.68
N ILE E 414 -16.53 11.81 9.78
CA ILE E 414 -15.54 11.97 10.84
C ILE E 414 -16.18 12.52 12.10
N LEU E 415 -16.94 13.61 11.98
CA LEU E 415 -17.55 14.25 13.14
C LEU E 415 -18.93 13.70 13.48
N GLY E 416 -19.55 12.98 12.56
CA GLY E 416 -20.91 12.49 12.80
C GLY E 416 -21.88 13.63 13.03
N ASP E 417 -22.57 13.58 14.18
CA ASP E 417 -23.57 14.59 14.49
C ASP E 417 -23.02 16.00 14.41
N THR E 418 -21.80 16.21 14.91
CA THR E 418 -21.23 17.55 14.92
C THR E 418 -21.09 18.12 13.51
N ALA E 419 -21.11 17.26 12.49
CA ALA E 419 -21.03 17.76 11.12
C ALA E 419 -22.24 18.61 10.75
N TRP E 420 -23.36 18.46 11.47
CA TRP E 420 -24.53 19.27 11.21
C TRP E 420 -24.45 20.65 11.85
N ASP E 421 -23.42 20.90 12.65
CA ASP E 421 -23.19 22.21 13.24
C ASP E 421 -22.08 22.99 12.55
N PHE E 422 -21.50 22.45 11.48
CA PHE E 422 -20.31 23.08 10.91
C PHE E 422 -20.61 24.47 10.35
N GLY E 423 -21.69 24.61 9.61
CA GLY E 423 -22.09 25.91 9.10
C GLY E 423 -23.52 26.22 9.48
N SER E 424 -24.01 25.54 10.50
CA SER E 424 -25.41 25.68 10.89
C SER E 424 -25.70 27.12 11.33
N LEU E 425 -26.89 27.59 10.98
CA LEU E 425 -27.38 28.90 11.39
C LEU E 425 -28.62 28.80 12.28
N GLY E 426 -28.74 27.72 13.03
CA GLY E 426 -29.87 27.55 13.91
C GLY E 426 -31.18 27.28 13.21
N GLY E 427 -31.14 26.72 12.01
CA GLY E 427 -32.35 26.45 11.25
C GLY E 427 -33.11 25.26 11.80
N VAL E 428 -34.25 25.00 11.18
CA VAL E 428 -35.08 23.86 11.57
C VAL E 428 -34.70 22.62 10.78
N PHE E 429 -34.34 22.77 9.51
CA PHE E 429 -33.85 21.63 8.74
C PHE E 429 -32.56 21.09 9.34
N THR E 430 -31.66 21.99 9.75
CA THR E 430 -30.42 21.57 10.39
C THR E 430 -30.69 20.79 11.67
N SER E 431 -31.63 21.26 12.49
CA SER E 431 -31.95 20.57 13.74
C SER E 431 -32.59 19.21 13.48
N ILE E 432 -33.52 19.13 12.52
CA ILE E 432 -34.12 17.84 12.20
C ILE E 432 -33.04 16.87 11.72
N GLY E 433 -32.15 17.34 10.85
CA GLY E 433 -31.08 16.50 10.38
C GLY E 433 -30.17 16.03 11.51
N LYS E 434 -29.85 16.93 12.43
CA LYS E 434 -28.95 16.55 13.52
C LYS E 434 -29.60 15.53 14.44
N ALA E 435 -30.90 15.67 14.73
CA ALA E 435 -31.57 14.68 15.56
C ALA E 435 -31.62 13.33 14.86
N LEU E 436 -32.01 13.32 13.59
CA LEU E 436 -32.05 12.07 12.84
C LEU E 436 -30.68 11.41 12.80
N HIS E 437 -29.63 12.18 12.54
CA HIS E 437 -28.30 11.60 12.44
C HIS E 437 -27.76 11.21 13.82
N GLN E 438 -28.19 11.87 14.89
CA GLN E 438 -27.86 11.39 16.23
C GLN E 438 -28.44 10.00 16.46
N VAL E 439 -29.73 9.82 16.15
CA VAL E 439 -30.33 8.51 16.38
C VAL E 439 -29.66 7.45 15.50
N PHE E 440 -29.47 7.76 14.22
CA PHE E 440 -28.90 6.78 13.30
C PHE E 440 -27.45 6.48 13.65
N GLY E 441 -26.68 7.49 14.06
CA GLY E 441 -25.30 7.25 14.43
C GLY E 441 -25.18 6.46 15.72
N ALA E 442 -26.08 6.69 16.68
CA ALA E 442 -26.08 5.87 17.87
C ALA E 442 -26.32 4.41 17.51
N ILE E 443 -27.33 4.16 16.66
CA ILE E 443 -27.59 2.79 16.24
C ILE E 443 -26.39 2.21 15.50
N TYR E 444 -25.80 2.99 14.61
CA TYR E 444 -24.69 2.50 13.78
C TYR E 444 -23.47 2.19 14.64
N GLY E 445 -23.16 3.06 15.60
CA GLY E 445 -22.05 2.78 16.49
C GLY E 445 -22.30 1.59 17.37
N ALA E 446 -23.54 1.40 17.82
CA ALA E 446 -23.86 0.20 18.58
C ALA E 446 -23.67 -1.05 17.73
N ALA E 447 -24.02 -0.99 16.45
CA ALA E 447 -23.99 -2.15 15.58
C ALA E 447 -22.67 -2.33 14.83
N PHE E 448 -21.72 -1.41 14.98
CA PHE E 448 -20.47 -1.50 14.22
C PHE E 448 -19.25 -1.17 15.04
N SER E 449 -19.35 -1.18 16.37
CA SER E 449 -18.20 -0.88 17.20
C SER E 449 -17.17 -2.01 17.13
N GLY E 450 -15.90 -1.64 17.09
CA GLY E 450 -14.84 -2.63 17.15
C GLY E 450 -14.64 -3.45 15.90
N VAL E 451 -15.26 -3.07 14.79
CA VAL E 451 -15.20 -3.84 13.55
C VAL E 451 -14.15 -3.24 12.65
N SER E 452 -13.40 -4.09 11.97
CA SER E 452 -12.37 -3.62 11.04
C SER E 452 -13.01 -2.99 9.82
N TRP E 453 -12.19 -2.29 9.04
CA TRP E 453 -12.69 -1.67 7.82
C TRP E 453 -13.03 -2.70 6.76
N THR E 454 -12.25 -3.79 6.67
CA THR E 454 -12.60 -4.87 5.76
C THR E 454 -13.93 -5.50 6.14
N MET E 455 -14.16 -5.69 7.43
CA MET E 455 -15.45 -6.23 7.86
C MET E 455 -16.57 -5.24 7.57
N LYS E 456 -16.31 -3.94 7.69
CA LYS E 456 -17.31 -2.95 7.28
C LYS E 456 -17.65 -3.08 5.82
N ILE E 457 -16.63 -3.24 4.97
CA ILE E 457 -16.88 -3.43 3.54
C ILE E 457 -17.71 -4.68 3.30
N LEU E 458 -17.35 -5.79 3.95
CA LEU E 458 -18.07 -7.04 3.73
C LEU E 458 -19.52 -6.93 4.19
N ILE E 459 -19.76 -6.32 5.34
CA ILE E 459 -21.12 -6.19 5.85
C ILE E 459 -21.93 -5.26 4.96
N GLY E 460 -21.32 -4.17 4.50
CA GLY E 460 -22.01 -3.29 3.57
C GLY E 460 -22.38 -4.00 2.28
N VAL E 461 -21.47 -4.82 1.76
CA VAL E 461 -21.77 -5.57 0.55
C VAL E 461 -22.92 -6.55 0.78
N VAL E 462 -22.91 -7.24 1.91
CA VAL E 462 -23.98 -8.19 2.21
C VAL E 462 -25.32 -7.47 2.33
N ILE E 463 -25.35 -6.34 3.04
CA ILE E 463 -26.59 -5.60 3.21
C ILE E 463 -27.07 -5.06 1.87
N THR E 464 -26.15 -4.53 1.06
CA THR E 464 -26.55 -3.98 -0.23
C THR E 464 -27.08 -5.08 -1.14
N TRP E 465 -26.49 -6.28 -1.08
CA TRP E 465 -27.01 -7.37 -1.90
C TRP E 465 -28.37 -7.83 -1.42
N ILE E 466 -28.57 -7.91 -0.10
CA ILE E 466 -29.89 -8.25 0.42
C ILE E 466 -30.93 -7.27 -0.08
N GLY E 467 -30.61 -5.97 -0.03
CA GLY E 467 -31.52 -4.99 -0.59
C GLY E 467 -31.75 -5.17 -2.08
N MET E 468 -30.67 -5.41 -2.83
CA MET E 468 -30.76 -5.58 -4.26
C MET E 468 -31.61 -6.79 -4.64
N ASN E 469 -31.74 -7.75 -3.73
CA ASN E 469 -32.53 -8.95 -3.95
C ASN E 469 -33.55 -9.06 -2.81
N SER E 470 -34.70 -8.40 -2.98
CA SER E 470 -35.74 -8.38 -1.97
C SER E 470 -37.08 -8.09 -2.61
N ARG E 471 -38.15 -8.66 -2.03
CA ARG E 471 -39.48 -8.51 -2.61
C ARG E 471 -40.04 -7.13 -2.36
N SER E 472 -39.84 -6.59 -1.15
CA SER E 472 -40.40 -5.31 -0.76
C SER E 472 -39.45 -4.20 -1.18
N THR E 473 -39.93 -3.31 -2.05
CA THR E 473 -39.08 -2.22 -2.53
C THR E 473 -38.72 -1.27 -1.40
N SER E 474 -39.67 -0.99 -0.50
CA SER E 474 -39.39 -0.09 0.62
C SER E 474 -38.20 -0.60 1.43
N LEU E 475 -38.28 -1.85 1.88
CA LEU E 475 -37.15 -2.46 2.57
C LEU E 475 -35.95 -2.59 1.64
N SER E 476 -36.19 -2.85 0.36
CA SER E 476 -35.11 -2.90 -0.61
C SER E 476 -34.35 -1.57 -0.64
N VAL E 477 -35.09 -0.47 -0.77
CA VAL E 477 -34.45 0.83 -0.82
C VAL E 477 -33.70 1.12 0.47
N SER E 478 -34.33 0.86 1.61
CA SER E 478 -33.68 1.15 2.88
C SER E 478 -32.39 0.36 3.03
N LEU E 479 -32.43 -0.94 2.72
CA LEU E 479 -31.26 -1.79 2.86
C LEU E 479 -30.15 -1.39 1.89
N VAL E 480 -30.49 -1.07 0.64
CA VAL E 480 -29.47 -0.69 -0.32
C VAL E 480 -28.83 0.63 0.09
N LEU E 481 -29.64 1.56 0.62
CA LEU E 481 -29.09 2.82 1.10
C LEU E 481 -28.13 2.59 2.26
N VAL E 482 -28.53 1.76 3.22
CA VAL E 482 -27.66 1.46 4.35
C VAL E 482 -26.39 0.78 3.88
N GLY E 483 -26.49 -0.10 2.89
CA GLY E 483 -25.31 -0.79 2.40
C GLY E 483 -24.34 0.14 1.70
N VAL E 484 -24.85 1.05 0.88
CA VAL E 484 -23.97 2.01 0.21
C VAL E 484 -23.30 2.91 1.24
N VAL E 485 -24.05 3.38 2.23
CA VAL E 485 -23.45 4.21 3.27
C VAL E 485 -22.36 3.45 4.02
N THR E 486 -22.64 2.19 4.35
CA THR E 486 -21.66 1.39 5.09
C THR E 486 -20.42 1.14 4.26
N LEU E 487 -20.58 0.89 2.97
CA LEU E 487 -19.41 0.72 2.10
C LEU E 487 -18.58 2.00 2.05
N TYR E 488 -19.24 3.15 1.92
CA TYR E 488 -18.50 4.41 1.92
C TYR E 488 -17.75 4.60 3.22
N LEU E 489 -18.40 4.33 4.35
CA LEU E 489 -17.73 4.45 5.63
C LEU E 489 -16.54 3.51 5.76
N GLY E 490 -16.69 2.27 5.30
CA GLY E 490 -15.57 1.35 5.33
C GLY E 490 -14.43 1.82 4.45
N VAL E 491 -14.74 2.43 3.31
CA VAL E 491 -13.70 2.93 2.43
C VAL E 491 -12.97 4.12 3.04
N MET E 492 -13.69 4.97 3.79
CA MET E 492 -13.12 6.21 4.32
C MET E 492 -12.61 6.07 5.74
N VAL E 493 -12.71 4.89 6.34
CA VAL E 493 -12.29 4.69 7.72
C VAL E 493 -10.78 4.48 7.79
N GLN E 494 -10.21 4.55 9.00
CA GLN E 494 -8.79 4.38 9.23
C GLN E 494 -8.01 5.63 8.86
N ALA E 495 -8.68 6.77 8.92
CA ALA E 495 -8.02 8.05 8.71
C ALA E 495 -7.08 8.32 9.87
N SER F 1 -2.12 -12.10 23.38
CA SER F 1 -1.14 -11.03 23.38
C SER F 1 -1.78 -9.70 23.06
N VAL F 2 -1.08 -8.62 23.38
CA VAL F 2 -1.61 -7.28 23.10
C VAL F 2 -1.76 -7.07 21.61
N ALA F 3 -0.89 -7.68 20.80
CA ALA F 3 -0.93 -7.49 19.36
C ALA F 3 -2.22 -7.99 18.72
N LEU F 4 -3.00 -8.81 19.42
CA LEU F 4 -4.24 -9.33 18.88
C LEU F 4 -5.45 -8.46 19.19
N VAL F 5 -5.25 -7.31 19.81
CA VAL F 5 -6.34 -6.38 20.11
C VAL F 5 -5.97 -5.02 19.51
N PRO F 6 -6.12 -4.86 18.21
CA PRO F 6 -5.49 -3.72 17.52
C PRO F 6 -5.98 -2.35 17.93
N HIS F 7 -7.16 -2.24 18.55
CA HIS F 7 -7.72 -0.93 18.85
C HIS F 7 -7.99 -0.15 17.57
N VAL F 8 -8.89 -0.68 16.75
CA VAL F 8 -9.17 -0.11 15.44
C VAL F 8 -10.57 0.49 15.35
N GLY F 9 -11.59 -0.30 15.70
CA GLY F 9 -12.96 0.14 15.52
C GLY F 9 -13.54 0.81 16.75
N MET F 10 -12.68 1.34 17.62
CA MET F 10 -13.11 1.97 18.85
C MET F 10 -13.81 3.30 18.64
N GLY F 11 -13.80 3.83 17.42
CA GLY F 11 -14.29 5.18 17.21
C GLY F 11 -13.22 6.19 17.57
N LEU F 12 -13.68 7.35 18.08
CA LEU F 12 -12.78 8.41 18.52
C LEU F 12 -11.63 8.61 17.52
N GLU F 13 -11.95 8.45 16.24
CA GLU F 13 -10.99 8.63 15.17
C GLU F 13 -11.30 9.95 14.47
N THR F 14 -10.28 10.79 14.34
CA THR F 14 -10.44 12.11 13.76
C THR F 14 -9.69 12.22 12.44
N ARG F 15 -9.62 13.45 11.93
CA ARG F 15 -9.02 13.67 10.62
C ARG F 15 -7.53 13.38 10.62
N THR F 16 -6.88 13.54 11.77
CA THR F 16 -5.45 13.25 11.87
C THR F 16 -5.19 11.76 11.66
N GLU F 17 -4.15 11.44 10.90
CA GLU F 17 -3.83 10.04 10.65
C GLU F 17 -3.50 9.33 11.96
N THR F 18 -3.95 8.08 12.06
CA THR F 18 -3.74 7.31 13.27
C THR F 18 -2.41 6.56 13.21
N TRP F 19 -2.02 6.02 14.36
CA TRP F 19 -0.80 5.23 14.45
C TRP F 19 -0.86 4.05 13.49
N MET F 20 0.17 3.91 12.67
CA MET F 20 0.28 2.79 11.73
C MET F 20 -0.96 2.63 10.86
N SER F 21 -1.47 3.75 10.36
CA SER F 21 -2.61 3.68 9.46
C SER F 21 -2.26 2.95 8.17
N SER F 22 -1.19 3.38 7.51
CA SER F 22 -0.84 2.84 6.20
C SER F 22 -0.59 1.34 6.25
N GLU F 23 0.13 0.90 7.28
CA GLU F 23 0.48 -0.52 7.37
C GLU F 23 -0.72 -1.35 7.80
N GLY F 24 -1.30 -1.01 8.95
CA GLY F 24 -2.40 -1.80 9.47
C GLY F 24 -3.60 -1.82 8.53
N ALA F 25 -3.63 -0.89 7.57
CA ALA F 25 -4.72 -0.89 6.59
C ALA F 25 -4.78 -2.21 5.84
N TRP F 26 -3.63 -2.71 5.39
CA TRP F 26 -3.59 -3.89 4.54
C TRP F 26 -2.77 -5.05 5.13
N LYS F 27 -2.29 -4.91 6.37
CA LYS F 27 -1.49 -5.99 6.94
C LYS F 27 -2.29 -7.29 7.02
N HIS F 28 -3.55 -7.22 7.43
CA HIS F 28 -4.36 -8.43 7.53
C HIS F 28 -4.60 -9.06 6.16
N ALA F 29 -4.89 -8.24 5.15
CA ALA F 29 -5.11 -8.80 3.82
C ALA F 29 -3.85 -9.45 3.29
N GLN F 30 -2.70 -8.82 3.51
CA GLN F 30 -1.43 -9.43 3.10
C GLN F 30 -1.22 -10.75 3.81
N ARG F 31 -1.50 -10.80 5.11
CA ARG F 31 -1.31 -12.03 5.87
C ARG F 31 -2.22 -13.14 5.36
N ILE F 32 -3.48 -12.81 5.08
CA ILE F 32 -4.40 -13.83 4.57
C ILE F 32 -3.95 -14.32 3.20
N GLU F 33 -3.49 -13.41 2.35
CA GLU F 33 -3.04 -13.83 1.03
C GLU F 33 -1.81 -14.73 1.12
N THR F 34 -0.86 -14.38 2.00
CA THR F 34 0.30 -15.24 2.18
C THR F 34 -0.10 -16.61 2.70
N TRP F 35 -1.03 -16.65 3.65
CA TRP F 35 -1.48 -17.93 4.17
C TRP F 35 -2.15 -18.76 3.07
N VAL F 36 -2.99 -18.13 2.24
CA VAL F 36 -3.66 -18.85 1.18
C VAL F 36 -2.66 -19.37 0.15
N LEU F 37 -1.59 -18.63 -0.13
CA LEU F 37 -0.55 -19.17 -1.00
C LEU F 37 0.18 -20.34 -0.36
N ARG F 38 0.50 -20.25 0.93
CA ARG F 38 1.30 -21.29 1.57
C ARG F 38 0.50 -22.52 1.96
N HIS F 39 -0.83 -22.44 1.96
CA HIS F 39 -1.69 -23.59 2.31
C HIS F 39 -2.76 -23.72 1.24
N PRO F 40 -2.36 -24.04 0.01
CA PRO F 40 -3.36 -24.21 -1.06
C PRO F 40 -4.30 -25.36 -0.79
N GLY F 41 -3.90 -26.34 0.01
CA GLY F 41 -4.78 -27.47 0.27
C GLY F 41 -6.04 -27.09 1.00
N PHE F 42 -5.92 -26.28 2.06
CA PHE F 42 -7.09 -25.92 2.82
C PHE F 42 -8.04 -25.04 2.02
N THR F 43 -7.52 -24.25 1.09
CA THR F 43 -8.40 -23.41 0.27
C THR F 43 -9.31 -24.26 -0.60
N ILE F 44 -8.79 -25.34 -1.17
CA ILE F 44 -9.61 -26.25 -1.95
C ILE F 44 -10.67 -26.89 -1.08
N MET F 45 -10.29 -27.31 0.13
CA MET F 45 -11.27 -27.89 1.05
C MET F 45 -12.36 -26.90 1.40
N ALA F 46 -11.98 -25.64 1.66
CA ALA F 46 -12.98 -24.61 1.96
C ALA F 46 -13.90 -24.39 0.77
N ALA F 47 -13.34 -24.38 -0.44
CA ALA F 47 -14.17 -24.21 -1.62
C ALA F 47 -15.18 -25.35 -1.75
N ILE F 48 -14.73 -26.58 -1.54
CA ILE F 48 -15.62 -27.73 -1.65
C ILE F 48 -16.71 -27.67 -0.58
N LEU F 49 -16.33 -27.35 0.66
CA LEU F 49 -17.30 -27.29 1.74
C LEU F 49 -18.32 -26.18 1.49
N ALA F 50 -17.87 -25.02 1.03
CA ALA F 50 -18.80 -23.95 0.71
C ALA F 50 -19.74 -24.36 -0.42
N TYR F 51 -19.18 -24.98 -1.46
CA TYR F 51 -20.01 -25.48 -2.56
C TYR F 51 -21.10 -26.40 -2.05
N THR F 52 -20.76 -27.29 -1.12
CA THR F 52 -21.74 -28.22 -0.57
C THR F 52 -22.77 -27.54 0.33
N ILE F 53 -22.33 -26.69 1.26
CA ILE F 53 -23.23 -26.18 2.28
C ILE F 53 -24.22 -25.19 1.69
N GLY F 54 -23.75 -24.28 0.85
CA GLY F 54 -24.56 -23.18 0.34
C GLY F 54 -25.26 -23.54 -0.95
N THR F 55 -26.56 -23.25 -1.01
CA THR F 55 -27.33 -23.49 -2.24
C THR F 55 -27.18 -22.33 -3.20
N THR F 56 -27.51 -21.12 -2.77
CA THR F 56 -27.36 -19.95 -3.62
C THR F 56 -25.89 -19.61 -3.79
N TYR F 57 -25.52 -19.24 -5.02
CA TYR F 57 -24.12 -18.97 -5.31
C TYR F 57 -23.56 -17.85 -4.45
N PHE F 58 -24.41 -16.90 -4.05
CA PHE F 58 -23.97 -15.89 -3.11
C PHE F 58 -23.65 -16.50 -1.75
N GLN F 59 -24.50 -17.44 -1.29
CA GLN F 59 -24.23 -18.11 -0.03
C GLN F 59 -22.91 -18.87 -0.08
N ARG F 60 -22.64 -19.56 -1.18
CA ARG F 60 -21.40 -20.32 -1.29
C ARG F 60 -20.19 -19.40 -1.24
N VAL F 61 -20.23 -18.29 -1.99
CA VAL F 61 -19.10 -17.38 -2.00
C VAL F 61 -18.92 -16.74 -0.63
N LEU F 62 -20.02 -16.38 0.03
CA LEU F 62 -19.92 -15.80 1.36
C LEU F 62 -19.29 -16.77 2.34
N ILE F 63 -19.72 -18.03 2.31
CA ILE F 63 -19.14 -19.02 3.22
C ILE F 63 -17.68 -19.26 2.90
N PHE F 64 -17.34 -19.34 1.62
CA PHE F 64 -15.94 -19.53 1.24
C PHE F 64 -15.08 -18.38 1.76
N ILE F 65 -15.55 -17.14 1.57
CA ILE F 65 -14.80 -15.98 2.01
C ILE F 65 -14.63 -15.99 3.53
N LEU F 66 -15.72 -16.24 4.26
CA LEU F 66 -15.64 -16.24 5.71
C LEU F 66 -14.72 -17.34 6.22
N LEU F 67 -14.83 -18.54 5.64
CA LEU F 67 -14.03 -19.66 6.10
C LEU F 67 -12.55 -19.43 5.81
N THR F 68 -12.23 -18.94 4.62
CA THR F 68 -10.85 -18.64 4.30
C THR F 68 -10.30 -17.57 5.23
N ALA F 69 -11.09 -16.53 5.52
CA ALA F 69 -10.62 -15.47 6.40
C ALA F 69 -10.40 -16.00 7.82
N VAL F 70 -11.28 -16.87 8.30
CA VAL F 70 -11.21 -17.32 9.68
C VAL F 70 -10.14 -18.38 9.87
N ALA F 71 -9.80 -19.11 8.80
CA ALA F 71 -8.77 -20.15 8.91
C ALA F 71 -7.45 -19.60 9.44
N PRO F 72 -6.76 -18.70 8.74
CA PRO F 72 -5.55 -18.12 9.31
C PRO F 72 -5.81 -17.25 10.53
N SER F 73 -7.00 -16.67 10.62
CA SER F 73 -7.28 -15.73 11.72
C SER F 73 -7.17 -16.42 13.07
N MET F 74 -7.70 -17.64 13.18
CA MET F 74 -7.51 -18.43 14.39
C MET F 74 -6.04 -18.71 14.63
N THR F 75 -5.30 -19.04 13.59
CA THR F 75 -3.87 -19.27 13.68
C THR F 75 -3.12 -17.97 13.52
C1 NAG G . 14.13 43.03 -46.39
C2 NAG G . 14.82 43.01 -47.75
C3 NAG G . 16.30 43.33 -47.60
C4 NAG G . 16.47 44.66 -46.86
C5 NAG G . 15.72 44.61 -45.53
C6 NAG G . 15.75 45.92 -44.79
C7 NAG G . 13.71 41.47 -49.32
C8 NAG G . 13.68 40.07 -49.87
N2 NAG G . 14.64 41.71 -48.40
O3 NAG G . 16.89 43.43 -48.89
O4 NAG G . 17.85 44.89 -46.59
O5 NAG G . 14.34 44.31 -45.77
O6 NAG G . 14.81 46.85 -45.32
O7 NAG G . 12.93 42.33 -49.69
C1 NAG G . 18.30 46.02 -47.37
C2 NAG G . 19.30 46.82 -46.55
C3 NAG G . 19.82 47.99 -47.36
C4 NAG G . 20.41 47.49 -48.67
C5 NAG G . 19.38 46.64 -49.43
C6 NAG G . 19.97 45.98 -50.65
C7 NAG G . 19.01 46.76 -44.11
C8 NAG G . 18.32 47.36 -42.93
N2 NAG G . 18.71 47.29 -45.30
O3 NAG G . 20.82 48.69 -46.62
O4 NAG G . 20.79 48.59 -49.50
O5 NAG G . 18.91 45.58 -48.58
O6 NAG G . 21.32 45.59 -50.44
O7 NAG G . 19.82 45.83 -44.00
C1 NAG H . 21.39 -44.41 41.08
C2 NAG H . 20.97 -44.14 42.52
C3 NAG H . 22.11 -43.48 43.30
C4 NAG H . 23.37 -44.32 43.20
C5 NAG H . 23.70 -44.55 41.73
C6 NAG H . 24.90 -45.45 41.53
C7 NAG H . 18.67 -43.64 43.24
C8 NAG H . 17.53 -42.67 43.17
N2 NAG H . 19.77 -43.30 42.57
O3 NAG H . 21.73 -43.33 44.67
O4 NAG H . 24.46 -43.67 43.84
O5 NAG H . 22.59 -45.19 41.08
O6 NAG H . 25.61 -45.11 40.35
O7 NAG H . 18.60 -44.68 43.90
C1 NAG H . 25.05 -44.62 44.75
C2 NAG H . 26.55 -44.30 44.90
C3 NAG H . 27.19 -45.25 45.90
C4 NAG H . 26.42 -45.25 47.22
C5 NAG H . 24.94 -45.52 46.97
C6 NAG H . 24.10 -45.39 48.22
C7 NAG H . 27.38 -43.34 42.80
C8 NAG H . 28.11 -43.59 41.52
N2 NAG H . 27.22 -44.39 43.62
O3 NAG H . 28.54 -44.86 46.12
O4 NAG H . 26.94 -46.26 48.08
O5 NAG H . 24.42 -44.57 46.03
O6 NAG H . 24.32 -44.15 48.86
O7 NAG H . 26.94 -42.22 43.09
C1 NAG I . 5.51 35.38 9.43
C2 NAG I . 6.59 35.35 8.36
C3 NAG I . 7.93 35.72 8.97
C4 NAG I . 7.84 37.07 9.66
C5 NAG I . 6.70 37.06 10.68
C6 NAG I . 6.47 38.41 11.32
C7 NAG I . 6.98 33.87 6.44
C8 NAG I . 7.00 32.46 5.95
N2 NAG I . 6.67 34.04 7.73
O3 NAG I . 8.92 35.76 7.95
O4 NAG I . 9.06 37.37 10.33
O5 NAG I . 5.48 36.68 10.04
O6 NAG I . 5.64 38.31 12.47
O7 NAG I . 7.23 34.82 5.70
C1 NAG I . 9.60 38.59 9.77
C2 NAG I . 11.01 38.76 10.31
C3 NAG I . 11.65 40.01 9.71
C4 NAG I . 11.57 39.97 8.19
C5 NAG I . 10.14 39.72 7.74
C6 NAG I . 10.02 39.53 6.24
C7 NAG I . 10.29 39.77 12.43
C8 NAG I . 10.40 39.71 13.93
N2 NAG I . 11.00 38.85 11.76
O3 NAG I . 13.01 40.09 10.13
O4 NAG I . 12.01 41.22 7.66
O5 NAG I . 9.64 38.52 8.34
O6 NAG I . 11.29 39.31 5.64
O7 NAG I . 9.61 40.60 11.85
C1 NAG J . 36.70 -0.26 -9.86
C2 NAG J . 37.13 0.34 -8.52
C3 NAG J . 38.30 1.30 -8.73
C4 NAG J . 39.42 0.62 -9.49
C5 NAG J . 38.90 0.01 -10.78
C6 NAG J . 39.94 -0.80 -11.52
C7 NAG J . 35.11 0.35 -7.14
C8 NAG J . 34.04 1.19 -6.52
N2 NAG J . 36.03 1.00 -7.86
O3 NAG J . 38.76 1.76 -7.46
O4 NAG J . 40.44 1.56 -9.80
O5 NAG J . 37.81 -0.88 -10.50
O6 NAG J . 40.80 -1.48 -10.61
O7 NAG J . 35.14 -0.87 -7.00
C1 NAG K . 25.56 10.28 11.03
C2 NAG K . 26.58 10.49 9.92
C3 NAG K . 27.99 10.57 10.50
C4 NAG K . 28.05 11.63 11.59
C5 NAG K . 26.97 11.37 12.64
C6 NAG K . 26.91 12.45 13.69
C7 NAG K . 25.64 9.42 7.91
C8 NAG K . 25.69 8.24 7.01
N2 NAG K . 26.49 9.41 8.94
O3 NAG K . 28.92 10.88 9.46
O4 NAG K . 29.33 11.61 12.21
O5 NAG K . 25.69 11.33 12.00
O6 NAG K . 25.68 13.16 13.62
O7 NAG K . 24.87 10.36 7.72
C1 NAG L . 15.85 -13.76 46.47
C2 NAG L . 15.57 -13.73 47.98
C3 NAG L . 16.58 -12.82 48.67
C4 NAG L . 18.01 -13.22 48.31
C5 NAG L . 18.16 -13.29 46.80
C6 NAG L . 19.52 -13.80 46.36
C7 NAG L . 13.21 -14.11 48.51
C8 NAG L . 13.55 -15.57 48.53
N2 NAG L . 14.22 -13.28 48.24
O3 NAG L . 16.40 -12.91 50.08
O4 NAG L . 18.93 -12.27 48.83
O5 NAG L . 17.19 -14.18 46.24
O6 NAG L . 20.51 -13.55 47.35
O7 NAG L . 12.07 -13.70 48.73
#